data_2YXM
# 
_entry.id   2YXM 
# 
_audit_conform.dict_name       mmcif_pdbx.dic 
_audit_conform.dict_version    5.388 
_audit_conform.dict_location   http://mmcif.pdb.org/dictionaries/ascii/mmcif_pdbx.dic 
# 
loop_
_database_2.database_id 
_database_2.database_code 
_database_2.pdbx_database_accession 
_database_2.pdbx_DOI 
PDB   2YXM         pdb_00002yxm 10.2210/pdb2yxm/pdb 
RCSB  RCSB027262   ?            ?                   
WWPDB D_1000027262 ?            ?                   
# 
loop_
_pdbx_audit_revision_history.ordinal 
_pdbx_audit_revision_history.data_content_type 
_pdbx_audit_revision_history.major_revision 
_pdbx_audit_revision_history.minor_revision 
_pdbx_audit_revision_history.revision_date 
1 'Structure model' 1 0 2007-10-30 
2 'Structure model' 1 1 2011-07-13 
3 'Structure model' 1 2 2024-03-13 
# 
_pdbx_audit_revision_details.ordinal             1 
_pdbx_audit_revision_details.revision_ordinal    1 
_pdbx_audit_revision_details.data_content_type   'Structure model' 
_pdbx_audit_revision_details.provider            repository 
_pdbx_audit_revision_details.type                'Initial release' 
_pdbx_audit_revision_details.description         ? 
_pdbx_audit_revision_details.details             ? 
# 
loop_
_pdbx_audit_revision_group.ordinal 
_pdbx_audit_revision_group.revision_ordinal 
_pdbx_audit_revision_group.data_content_type 
_pdbx_audit_revision_group.group 
1 2 'Structure model' 'Version format compliance' 
2 3 'Structure model' 'Data collection'           
3 3 'Structure model' 'Database references'       
# 
loop_
_pdbx_audit_revision_category.ordinal 
_pdbx_audit_revision_category.revision_ordinal 
_pdbx_audit_revision_category.data_content_type 
_pdbx_audit_revision_category.category 
1 3 'Structure model' chem_comp_atom     
2 3 'Structure model' chem_comp_bond     
3 3 'Structure model' database_2         
4 3 'Structure model' struct_ref_seq_dif 
# 
loop_
_pdbx_audit_revision_item.ordinal 
_pdbx_audit_revision_item.revision_ordinal 
_pdbx_audit_revision_item.data_content_type 
_pdbx_audit_revision_item.item 
1 3 'Structure model' '_database_2.pdbx_DOI'                
2 3 'Structure model' '_database_2.pdbx_database_accession' 
3 3 'Structure model' '_struct_ref_seq_dif.details'         
# 
_pdbx_database_status.status_code                     REL 
_pdbx_database_status.entry_id                        2YXM 
_pdbx_database_status.recvd_initial_deposition_date   2007-04-26 
_pdbx_database_status.deposit_site                    PDBJ 
_pdbx_database_status.process_site                    PDBJ 
_pdbx_database_status.status_code_sf                  REL 
_pdbx_database_status.status_code_mr                  ? 
_pdbx_database_status.SG_entry                        Y 
_pdbx_database_status.pdb_format_compatible           Y 
_pdbx_database_status.status_code_cs                  ? 
_pdbx_database_status.status_code_nmr_data            ? 
_pdbx_database_status.methods_development_category    ? 
# 
_pdbx_database_related.db_name        TargetDB 
_pdbx_database_related.db_id          hso002000567.8 
_pdbx_database_related.details        . 
_pdbx_database_related.content_type   unspecified 
# 
loop_
_audit_author.name 
_audit_author.pdbx_ordinal 
'Kishishita, S.'                                         1  
'Ohsawa, N.'                                             2  
'Murayama, K.'                                           3  
'Chen, L.'                                               4  
'Liu, Z.'                                                5  
'Terada, T.'                                             6  
'Shirouzu, M.'                                           7  
'Wang, B.'                                               8  
'Yokoyama, S.'                                           9  
'RIKEN Structural Genomics/Proteomics Initiative (RSGI)' 10 
# 
_citation.id                        primary 
_citation.title                     'Crystal structure of I-set domain of human Myosin Binding ProteinC' 
_citation.journal_abbrev            'To be Published' 
_citation.journal_volume            ? 
_citation.page_first                ? 
_citation.page_last                 ? 
_citation.year                      ? 
_citation.journal_id_ASTM           ? 
_citation.country                   ? 
_citation.journal_id_ISSN           ? 
_citation.journal_id_CSD            0353 
_citation.book_publisher            ? 
_citation.pdbx_database_id_PubMed   ? 
_citation.pdbx_database_id_DOI      ? 
# 
loop_
_citation_author.citation_id 
_citation_author.name 
_citation_author.ordinal 
_citation_author.identifier_ORCID 
primary 'Kishishita, S.' 1 ? 
primary 'Ohsawa, N.'     2 ? 
primary 'Murayama, K.'   3 ? 
primary 'Terada, T.'     4 ? 
primary 'Chen, L.'       5 ? 
primary 'Liu, Z.'        6 ? 
primary 'Shirouzu, M.'   7 ? 
primary 'Wang, B.'       8 ? 
primary 'Yokoyama, S.'   9 ? 
# 
loop_
_entity.id 
_entity.type 
_entity.src_method 
_entity.pdbx_description 
_entity.formula_weight 
_entity.pdbx_number_of_molecules 
_entity.pdbx_ec 
_entity.pdbx_mutation 
_entity.pdbx_fragment 
_entity.details 
1 polymer man 'Myosin-binding protein C, slow-type' 11089.419 1   ? ? 'I-set domain' ? 
2 water   nat water                                 18.015    126 ? ? ?              ? 
# 
_entity_name_com.entity_id   1 
_entity_name_com.name        'Slow MyBP-C, C-protein, skeletal muscle slow isoform' 
# 
_entity_poly.entity_id                      1 
_entity_poly.type                           'polypeptide(L)' 
_entity_poly.nstd_linkage                   no 
_entity_poly.nstd_monomer                   no 
_entity_poly.pdbx_seq_one_letter_code       
;GSSGSSGAAFAKILDPAYQVDKGGRVRFVVELADPKLEVKWYKNGQEIRPSTKYIFEHKGCQRILFINNCQMTDDSEYYV
TAGDEKCSTELFVRSGPSSG
;
_entity_poly.pdbx_seq_one_letter_code_can   
;GSSGSSGAAFAKILDPAYQVDKGGRVRFVVELADPKLEVKWYKNGQEIRPSTKYIFEHKGCQRILFINNCQMTDDSEYYV
TAGDEKCSTELFVRSGPSSG
;
_entity_poly.pdbx_strand_id                 A 
_entity_poly.pdbx_target_identifier         hso002000567.8 
# 
_pdbx_entity_nonpoly.entity_id   2 
_pdbx_entity_nonpoly.name        water 
_pdbx_entity_nonpoly.comp_id     HOH 
# 
loop_
_entity_poly_seq.entity_id 
_entity_poly_seq.num 
_entity_poly_seq.mon_id 
_entity_poly_seq.hetero 
1 1   GLY n 
1 2   SER n 
1 3   SER n 
1 4   GLY n 
1 5   SER n 
1 6   SER n 
1 7   GLY n 
1 8   ALA n 
1 9   ALA n 
1 10  PHE n 
1 11  ALA n 
1 12  LYS n 
1 13  ILE n 
1 14  LEU n 
1 15  ASP n 
1 16  PRO n 
1 17  ALA n 
1 18  TYR n 
1 19  GLN n 
1 20  VAL n 
1 21  ASP n 
1 22  LYS n 
1 23  GLY n 
1 24  GLY n 
1 25  ARG n 
1 26  VAL n 
1 27  ARG n 
1 28  PHE n 
1 29  VAL n 
1 30  VAL n 
1 31  GLU n 
1 32  LEU n 
1 33  ALA n 
1 34  ASP n 
1 35  PRO n 
1 36  LYS n 
1 37  LEU n 
1 38  GLU n 
1 39  VAL n 
1 40  LYS n 
1 41  TRP n 
1 42  TYR n 
1 43  LYS n 
1 44  ASN n 
1 45  GLY n 
1 46  GLN n 
1 47  GLU n 
1 48  ILE n 
1 49  ARG n 
1 50  PRO n 
1 51  SER n 
1 52  THR n 
1 53  LYS n 
1 54  TYR n 
1 55  ILE n 
1 56  PHE n 
1 57  GLU n 
1 58  HIS n 
1 59  LYS n 
1 60  GLY n 
1 61  CYS n 
1 62  GLN n 
1 63  ARG n 
1 64  ILE n 
1 65  LEU n 
1 66  PHE n 
1 67  ILE n 
1 68  ASN n 
1 69  ASN n 
1 70  CYS n 
1 71  GLN n 
1 72  MET n 
1 73  THR n 
1 74  ASP n 
1 75  ASP n 
1 76  SER n 
1 77  GLU n 
1 78  TYR n 
1 79  TYR n 
1 80  VAL n 
1 81  THR n 
1 82  ALA n 
1 83  GLY n 
1 84  ASP n 
1 85  GLU n 
1 86  LYS n 
1 87  CYS n 
1 88  SER n 
1 89  THR n 
1 90  GLU n 
1 91  LEU n 
1 92  PHE n 
1 93  VAL n 
1 94  ARG n 
1 95  SER n 
1 96  GLY n 
1 97  PRO n 
1 98  SER n 
1 99  SER n 
1 100 GLY n 
# 
_entity_src_gen.entity_id                          1 
_entity_src_gen.pdbx_src_id                        1 
_entity_src_gen.pdbx_alt_source_flag               sample 
_entity_src_gen.pdbx_seq_type                      ? 
_entity_src_gen.pdbx_beg_seq_num                   ? 
_entity_src_gen.pdbx_end_seq_num                   ? 
_entity_src_gen.gene_src_common_name               human 
_entity_src_gen.gene_src_genus                     Homo 
_entity_src_gen.pdbx_gene_src_gene                 ? 
_entity_src_gen.gene_src_species                   ? 
_entity_src_gen.gene_src_strain                    ? 
_entity_src_gen.gene_src_tissue                    ? 
_entity_src_gen.gene_src_tissue_fraction           ? 
_entity_src_gen.gene_src_details                   ? 
_entity_src_gen.pdbx_gene_src_fragment             ? 
_entity_src_gen.pdbx_gene_src_scientific_name      'Homo sapiens' 
_entity_src_gen.pdbx_gene_src_ncbi_taxonomy_id     9606 
_entity_src_gen.pdbx_gene_src_variant              ? 
_entity_src_gen.pdbx_gene_src_cell_line            ? 
_entity_src_gen.pdbx_gene_src_atcc                 ? 
_entity_src_gen.pdbx_gene_src_organ                ? 
_entity_src_gen.pdbx_gene_src_organelle            ? 
_entity_src_gen.pdbx_gene_src_cell                 ? 
_entity_src_gen.pdbx_gene_src_cellular_location    ? 
_entity_src_gen.host_org_common_name               ? 
_entity_src_gen.pdbx_host_org_scientific_name      ? 
_entity_src_gen.pdbx_host_org_ncbi_taxonomy_id     ? 
_entity_src_gen.host_org_genus                     ? 
_entity_src_gen.pdbx_host_org_gene                 ? 
_entity_src_gen.pdbx_host_org_organ                ? 
_entity_src_gen.host_org_species                   ? 
_entity_src_gen.pdbx_host_org_tissue               ? 
_entity_src_gen.pdbx_host_org_tissue_fraction      ? 
_entity_src_gen.pdbx_host_org_strain               ? 
_entity_src_gen.pdbx_host_org_variant              ? 
_entity_src_gen.pdbx_host_org_cell_line            ? 
_entity_src_gen.pdbx_host_org_atcc                 ? 
_entity_src_gen.pdbx_host_org_culture_collection   ? 
_entity_src_gen.pdbx_host_org_cell                 ? 
_entity_src_gen.pdbx_host_org_organelle            ? 
_entity_src_gen.pdbx_host_org_cellular_location    ? 
_entity_src_gen.pdbx_host_org_vector_type          Plasmid 
_entity_src_gen.pdbx_host_org_vector               ? 
_entity_src_gen.host_org_details                   ? 
_entity_src_gen.expression_system_id               ? 
_entity_src_gen.plasmid_name                       PK050620-32 
_entity_src_gen.plasmid_details                    ? 
_entity_src_gen.pdbx_description                   'Cell-free protein synthesis' 
# 
loop_
_chem_comp.id 
_chem_comp.type 
_chem_comp.mon_nstd_flag 
_chem_comp.name 
_chem_comp.pdbx_synonyms 
_chem_comp.formula 
_chem_comp.formula_weight 
ALA 'L-peptide linking' y ALANINE         ? 'C3 H7 N O2'     89.093  
ARG 'L-peptide linking' y ARGININE        ? 'C6 H15 N4 O2 1' 175.209 
ASN 'L-peptide linking' y ASPARAGINE      ? 'C4 H8 N2 O3'    132.118 
ASP 'L-peptide linking' y 'ASPARTIC ACID' ? 'C4 H7 N O4'     133.103 
CYS 'L-peptide linking' y CYSTEINE        ? 'C3 H7 N O2 S'   121.158 
GLN 'L-peptide linking' y GLUTAMINE       ? 'C5 H10 N2 O3'   146.144 
GLU 'L-peptide linking' y 'GLUTAMIC ACID' ? 'C5 H9 N O4'     147.129 
GLY 'peptide linking'   y GLYCINE         ? 'C2 H5 N O2'     75.067  
HIS 'L-peptide linking' y HISTIDINE       ? 'C6 H10 N3 O2 1' 156.162 
HOH non-polymer         . WATER           ? 'H2 O'           18.015  
ILE 'L-peptide linking' y ISOLEUCINE      ? 'C6 H13 N O2'    131.173 
LEU 'L-peptide linking' y LEUCINE         ? 'C6 H13 N O2'    131.173 
LYS 'L-peptide linking' y LYSINE          ? 'C6 H15 N2 O2 1' 147.195 
MET 'L-peptide linking' y METHIONINE      ? 'C5 H11 N O2 S'  149.211 
PHE 'L-peptide linking' y PHENYLALANINE   ? 'C9 H11 N O2'    165.189 
PRO 'L-peptide linking' y PROLINE         ? 'C5 H9 N O2'     115.130 
SER 'L-peptide linking' y SERINE          ? 'C3 H7 N O3'     105.093 
THR 'L-peptide linking' y THREONINE       ? 'C4 H9 N O3'     119.119 
TRP 'L-peptide linking' y TRYPTOPHAN      ? 'C11 H12 N2 O2'  204.225 
TYR 'L-peptide linking' y TYROSINE        ? 'C9 H11 N O3'    181.189 
VAL 'L-peptide linking' y VALINE          ? 'C5 H11 N O2'    117.146 
# 
loop_
_pdbx_poly_seq_scheme.asym_id 
_pdbx_poly_seq_scheme.entity_id 
_pdbx_poly_seq_scheme.seq_id 
_pdbx_poly_seq_scheme.mon_id 
_pdbx_poly_seq_scheme.ndb_seq_num 
_pdbx_poly_seq_scheme.pdb_seq_num 
_pdbx_poly_seq_scheme.auth_seq_num 
_pdbx_poly_seq_scheme.pdb_mon_id 
_pdbx_poly_seq_scheme.auth_mon_id 
_pdbx_poly_seq_scheme.pdb_strand_id 
_pdbx_poly_seq_scheme.pdb_ins_code 
_pdbx_poly_seq_scheme.hetero 
A 1 1   GLY 1   1   ?  ?   ?   A . n 
A 1 2   SER 2   2   ?  ?   ?   A . n 
A 1 3   SER 3   3   3  SER SER A . n 
A 1 4   GLY 4   4   4  GLY GLY A . n 
A 1 5   SER 5   5   5  SER SER A . n 
A 1 6   SER 6   6   6  SER SER A . n 
A 1 7   GLY 7   7   7  GLY GLY A . n 
A 1 8   ALA 8   8   8  ALA ALA A . n 
A 1 9   ALA 9   9   9  ALA ALA A . n 
A 1 10  PHE 10  10  10 PHE PHE A . n 
A 1 11  ALA 11  11  11 ALA ALA A . n 
A 1 12  LYS 12  12  12 LYS LYS A . n 
A 1 13  ILE 13  13  13 ILE ILE A . n 
A 1 14  LEU 14  14  14 LEU LEU A . n 
A 1 15  ASP 15  15  15 ASP ASP A . n 
A 1 16  PRO 16  16  16 PRO PRO A . n 
A 1 17  ALA 17  17  17 ALA ALA A . n 
A 1 18  TYR 18  18  18 TYR TYR A . n 
A 1 19  GLN 19  19  19 GLN GLN A . n 
A 1 20  VAL 20  20  20 VAL VAL A . n 
A 1 21  ASP 21  21  21 ASP ASP A . n 
A 1 22  LYS 22  22  22 LYS LYS A . n 
A 1 23  GLY 23  23  23 GLY GLY A . n 
A 1 24  GLY 24  24  24 GLY GLY A . n 
A 1 25  ARG 25  25  25 ARG ARG A . n 
A 1 26  VAL 26  26  26 VAL VAL A . n 
A 1 27  ARG 27  27  27 ARG ARG A . n 
A 1 28  PHE 28  28  28 PHE PHE A . n 
A 1 29  VAL 29  29  29 VAL VAL A . n 
A 1 30  VAL 30  30  30 VAL VAL A . n 
A 1 31  GLU 31  31  31 GLU GLU A . n 
A 1 32  LEU 32  32  32 LEU LEU A . n 
A 1 33  ALA 33  33  33 ALA ALA A . n 
A 1 34  ASP 34  34  34 ASP ASP A . n 
A 1 35  PRO 35  35  35 PRO PRO A . n 
A 1 36  LYS 36  36  36 LYS LYS A . n 
A 1 37  LEU 37  37  37 LEU LEU A . n 
A 1 38  GLU 38  38  38 GLU GLU A . n 
A 1 39  VAL 39  39  39 VAL VAL A . n 
A 1 40  LYS 40  40  40 LYS LYS A . n 
A 1 41  TRP 41  41  41 TRP TRP A . n 
A 1 42  TYR 42  42  42 TYR TYR A . n 
A 1 43  LYS 43  43  43 LYS LYS A . n 
A 1 44  ASN 44  44  44 ASN ASN A . n 
A 1 45  GLY 45  45  45 GLY GLY A . n 
A 1 46  GLN 46  46  46 GLN GLN A . n 
A 1 47  GLU 47  47  47 GLU GLU A . n 
A 1 48  ILE 48  48  48 ILE ILE A . n 
A 1 49  ARG 49  49  49 ARG ARG A . n 
A 1 50  PRO 50  50  50 PRO PRO A . n 
A 1 51  SER 51  51  51 SER SER A . n 
A 1 52  THR 52  52  52 THR THR A . n 
A 1 53  LYS 53  53  53 LYS LYS A . n 
A 1 54  TYR 54  54  54 TYR TYR A . n 
A 1 55  ILE 55  55  55 ILE ILE A . n 
A 1 56  PHE 56  56  56 PHE PHE A . n 
A 1 57  GLU 57  57  57 GLU GLU A . n 
A 1 58  HIS 58  58  58 HIS HIS A . n 
A 1 59  LYS 59  59  59 LYS LYS A . n 
A 1 60  GLY 60  60  60 GLY GLY A . n 
A 1 61  CYS 61  61  61 CYS CYS A . n 
A 1 62  GLN 62  62  62 GLN GLN A . n 
A 1 63  ARG 63  63  63 ARG ARG A . n 
A 1 64  ILE 64  64  64 ILE ILE A . n 
A 1 65  LEU 65  65  65 LEU LEU A . n 
A 1 66  PHE 66  66  66 PHE PHE A . n 
A 1 67  ILE 67  67  67 ILE ILE A . n 
A 1 68  ASN 68  68  68 ASN ASN A . n 
A 1 69  ASN 69  69  69 ASN ASN A . n 
A 1 70  CYS 70  70  70 CYS CYS A . n 
A 1 71  GLN 71  71  71 GLN GLN A . n 
A 1 72  MET 72  72  72 MET MET A . n 
A 1 73  THR 73  73  73 THR THR A . n 
A 1 74  ASP 74  74  74 ASP ASP A . n 
A 1 75  ASP 75  75  75 ASP ASP A . n 
A 1 76  SER 76  76  76 SER SER A . n 
A 1 77  GLU 77  77  77 GLU GLU A . n 
A 1 78  TYR 78  78  78 TYR TYR A . n 
A 1 79  TYR 79  79  79 TYR TYR A . n 
A 1 80  VAL 80  80  80 VAL VAL A . n 
A 1 81  THR 81  81  81 THR THR A . n 
A 1 82  ALA 82  82  82 ALA ALA A . n 
A 1 83  GLY 83  83  83 GLY GLY A . n 
A 1 84  ASP 84  84  84 ASP ASP A . n 
A 1 85  GLU 85  85  85 GLU GLU A . n 
A 1 86  LYS 86  86  86 LYS LYS A . n 
A 1 87  CYS 87  87  87 CYS CYS A . n 
A 1 88  SER 88  88  88 SER SER A . n 
A 1 89  THR 89  89  89 THR THR A . n 
A 1 90  GLU 90  90  90 GLU GLU A . n 
A 1 91  LEU 91  91  91 LEU LEU A . n 
A 1 92  PHE 92  92  92 PHE PHE A . n 
A 1 93  VAL 93  93  93 VAL VAL A . n 
A 1 94  ARG 94  94  94 ARG ARG A . n 
A 1 95  SER 95  95  ?  ?   ?   A . n 
A 1 96  GLY 96  96  ?  ?   ?   A . n 
A 1 97  PRO 97  97  ?  ?   ?   A . n 
A 1 98  SER 98  98  ?  ?   ?   A . n 
A 1 99  SER 99  99  ?  ?   ?   A . n 
A 1 100 GLY 100 100 ?  ?   ?   A . n 
# 
loop_
_pdbx_nonpoly_scheme.asym_id 
_pdbx_nonpoly_scheme.entity_id 
_pdbx_nonpoly_scheme.mon_id 
_pdbx_nonpoly_scheme.ndb_seq_num 
_pdbx_nonpoly_scheme.pdb_seq_num 
_pdbx_nonpoly_scheme.auth_seq_num 
_pdbx_nonpoly_scheme.pdb_mon_id 
_pdbx_nonpoly_scheme.auth_mon_id 
_pdbx_nonpoly_scheme.pdb_strand_id 
_pdbx_nonpoly_scheme.pdb_ins_code 
B 2 HOH 1   101 1   HOH TIP A . 
B 2 HOH 2   102 2   HOH TIP A . 
B 2 HOH 3   103 3   HOH TIP A . 
B 2 HOH 4   104 4   HOH TIP A . 
B 2 HOH 5   105 5   HOH TIP A . 
B 2 HOH 6   106 7   HOH TIP A . 
B 2 HOH 7   107 9   HOH TIP A . 
B 2 HOH 8   108 10  HOH TIP A . 
B 2 HOH 9   109 11  HOH TIP A . 
B 2 HOH 10  110 12  HOH TIP A . 
B 2 HOH 11  111 13  HOH TIP A . 
B 2 HOH 12  112 14  HOH TIP A . 
B 2 HOH 13  113 15  HOH TIP A . 
B 2 HOH 14  114 16  HOH TIP A . 
B 2 HOH 15  115 17  HOH TIP A . 
B 2 HOH 16  116 18  HOH TIP A . 
B 2 HOH 17  117 19  HOH TIP A . 
B 2 HOH 18  118 20  HOH TIP A . 
B 2 HOH 19  119 21  HOH TIP A . 
B 2 HOH 20  120 22  HOH TIP A . 
B 2 HOH 21  121 23  HOH TIP A . 
B 2 HOH 22  122 24  HOH TIP A . 
B 2 HOH 23  123 26  HOH TIP A . 
B 2 HOH 24  124 28  HOH TIP A . 
B 2 HOH 25  125 30  HOH TIP A . 
B 2 HOH 26  126 31  HOH TIP A . 
B 2 HOH 27  127 32  HOH TIP A . 
B 2 HOH 28  128 33  HOH TIP A . 
B 2 HOH 29  129 34  HOH TIP A . 
B 2 HOH 30  130 35  HOH TIP A . 
B 2 HOH 31  131 36  HOH TIP A . 
B 2 HOH 32  132 37  HOH TIP A . 
B 2 HOH 33  133 38  HOH TIP A . 
B 2 HOH 34  134 39  HOH TIP A . 
B 2 HOH 35  135 40  HOH TIP A . 
B 2 HOH 36  136 41  HOH TIP A . 
B 2 HOH 37  137 42  HOH TIP A . 
B 2 HOH 38  138 43  HOH TIP A . 
B 2 HOH 39  139 45  HOH TIP A . 
B 2 HOH 40  140 46  HOH TIP A . 
B 2 HOH 41  141 47  HOH TIP A . 
B 2 HOH 42  142 48  HOH TIP A . 
B 2 HOH 43  143 49  HOH TIP A . 
B 2 HOH 44  144 50  HOH TIP A . 
B 2 HOH 45  145 51  HOH TIP A . 
B 2 HOH 46  146 52  HOH TIP A . 
B 2 HOH 47  147 53  HOH TIP A . 
B 2 HOH 48  148 54  HOH TIP A . 
B 2 HOH 49  149 55  HOH TIP A . 
B 2 HOH 50  150 56  HOH TIP A . 
B 2 HOH 51  151 57  HOH TIP A . 
B 2 HOH 52  152 58  HOH TIP A . 
B 2 HOH 53  153 59  HOH TIP A . 
B 2 HOH 54  154 60  HOH TIP A . 
B 2 HOH 55  155 61  HOH TIP A . 
B 2 HOH 56  156 62  HOH TIP A . 
B 2 HOH 57  157 63  HOH TIP A . 
B 2 HOH 58  158 64  HOH TIP A . 
B 2 HOH 59  159 65  HOH TIP A . 
B 2 HOH 60  160 66  HOH TIP A . 
B 2 HOH 61  161 67  HOH TIP A . 
B 2 HOH 62  162 68  HOH TIP A . 
B 2 HOH 63  163 70  HOH TIP A . 
B 2 HOH 64  164 71  HOH TIP A . 
B 2 HOH 65  165 72  HOH TIP A . 
B 2 HOH 66  166 73  HOH TIP A . 
B 2 HOH 67  167 74  HOH TIP A . 
B 2 HOH 68  168 76  HOH TIP A . 
B 2 HOH 69  169 77  HOH TIP A . 
B 2 HOH 70  170 78  HOH TIP A . 
B 2 HOH 71  171 80  HOH TIP A . 
B 2 HOH 72  172 82  HOH TIP A . 
B 2 HOH 73  173 83  HOH TIP A . 
B 2 HOH 74  174 84  HOH TIP A . 
B 2 HOH 75  175 85  HOH TIP A . 
B 2 HOH 76  176 86  HOH TIP A . 
B 2 HOH 77  177 87  HOH TIP A . 
B 2 HOH 78  178 88  HOH TIP A . 
B 2 HOH 79  179 89  HOH TIP A . 
B 2 HOH 80  180 90  HOH TIP A . 
B 2 HOH 81  181 91  HOH TIP A . 
B 2 HOH 82  182 92  HOH TIP A . 
B 2 HOH 83  183 93  HOH TIP A . 
B 2 HOH 84  184 94  HOH TIP A . 
B 2 HOH 85  185 95  HOH TIP A . 
B 2 HOH 86  186 96  HOH TIP A . 
B 2 HOH 87  187 98  HOH TIP A . 
B 2 HOH 88  188 99  HOH TIP A . 
B 2 HOH 89  189 102 HOH TIP A . 
B 2 HOH 90  190 103 HOH TIP A . 
B 2 HOH 91  191 104 HOH TIP A . 
B 2 HOH 92  192 105 HOH TIP A . 
B 2 HOH 93  193 106 HOH TIP A . 
B 2 HOH 94  194 107 HOH TIP A . 
B 2 HOH 95  195 108 HOH TIP A . 
B 2 HOH 96  196 109 HOH TIP A . 
B 2 HOH 97  197 110 HOH TIP A . 
B 2 HOH 98  198 111 HOH TIP A . 
B 2 HOH 99  199 112 HOH TIP A . 
B 2 HOH 100 200 113 HOH TIP A . 
B 2 HOH 101 201 114 HOH TIP A . 
B 2 HOH 102 202 115 HOH TIP A . 
B 2 HOH 103 203 116 HOH TIP A . 
B 2 HOH 104 204 117 HOH TIP A . 
B 2 HOH 105 205 118 HOH TIP A . 
B 2 HOH 106 206 120 HOH TIP A . 
B 2 HOH 107 207 121 HOH TIP A . 
B 2 HOH 108 208 122 HOH TIP A . 
B 2 HOH 109 209 123 HOH TIP A . 
B 2 HOH 110 210 124 HOH TIP A . 
B 2 HOH 111 211 125 HOH TIP A . 
B 2 HOH 112 212 126 HOH TIP A . 
B 2 HOH 113 213 127 HOH TIP A . 
B 2 HOH 114 214 128 HOH TIP A . 
B 2 HOH 115 215 130 HOH TIP A . 
B 2 HOH 116 216 133 HOH TIP A . 
B 2 HOH 117 217 134 HOH TIP A . 
B 2 HOH 118 218 135 HOH TIP A . 
B 2 HOH 119 219 136 HOH TIP A . 
B 2 HOH 120 220 137 HOH TIP A . 
B 2 HOH 121 221 138 HOH TIP A . 
B 2 HOH 122 222 139 HOH TIP A . 
B 2 HOH 123 223 140 HOH TIP A . 
B 2 HOH 124 224 141 HOH TIP A . 
B 2 HOH 125 225 142 HOH TIP A . 
B 2 HOH 126 226 143 HOH TIP A . 
# 
loop_
_software.name 
_software.classification 
_software.version 
_software.citation_id 
_software.pdbx_ordinal 
CNS      refinement       1.1 ? 1 
HKL-2000 'data reduction' .   ? 2 
HKL-2000 'data scaling'   .   ? 3 
SOLVE    phasing          .   ? 4 
# 
_cell.entry_id           2YXM 
_cell.length_a           55.199 
_cell.length_b           55.199 
_cell.length_c           70.134 
_cell.angle_alpha        90.00 
_cell.angle_beta         90.00 
_cell.angle_gamma        90.00 
_cell.Z_PDB              8 
_cell.pdbx_unique_axis   ? 
_cell.length_a_esd       ? 
_cell.length_b_esd       ? 
_cell.length_c_esd       ? 
_cell.angle_alpha_esd    ? 
_cell.angle_beta_esd     ? 
_cell.angle_gamma_esd    ? 
# 
_symmetry.entry_id                         2YXM 
_symmetry.space_group_name_H-M             'P 41 21 2' 
_symmetry.pdbx_full_space_group_name_H-M   ? 
_symmetry.cell_setting                     ? 
_symmetry.Int_Tables_number                92 
_symmetry.space_group_name_Hall            ? 
# 
_exptl.entry_id          2YXM 
_exptl.method            'X-RAY DIFFRACTION' 
_exptl.crystals_number   1 
# 
_exptl_crystal.id                    1 
_exptl_crystal.density_meas          ? 
_exptl_crystal.density_Matthews      2.41 
_exptl_crystal.density_percent_sol   48.92 
_exptl_crystal.description           ? 
_exptl_crystal.F_000                 ? 
_exptl_crystal.preparation           ? 
# 
_exptl_crystal_grow.crystal_id      1 
_exptl_crystal_grow.method          'VAPOR DIFFUSION, SITTING DROP' 
_exptl_crystal_grow.temp            293 
_exptl_crystal_grow.temp_details    ? 
_exptl_crystal_grow.pH              5.7 
_exptl_crystal_grow.pdbx_details    
;0.2M pottasium sodium tartrate tetrahydrate, 0.1M tri-sodium citrate dihydrate, 2M ammonium sulfate, pH 5.7, VAPOR DIFFUSION, SITTING DROP, temperature 293K
;
_exptl_crystal_grow.pdbx_pH_range   . 
# 
_diffrn.id                     1 
_diffrn.ambient_temp           100 
_diffrn.ambient_temp_details   ? 
_diffrn.crystal_id             1 
# 
_diffrn_detector.diffrn_id              1 
_diffrn_detector.detector               CCD 
_diffrn_detector.type                   'MARMOSAIC 300 mm CCD' 
_diffrn_detector.pdbx_collection_date   2006-11-15 
_diffrn_detector.details                ? 
# 
_diffrn_radiation.diffrn_id                        1 
_diffrn_radiation.wavelength_id                    1 
_diffrn_radiation.pdbx_monochromatic_or_laue_m_l   M 
_diffrn_radiation.monochromator                    mirror 
_diffrn_radiation.pdbx_diffrn_protocol             'SINGLE WAVELENGTH' 
_diffrn_radiation.pdbx_scattering_type             x-ray 
# 
_diffrn_radiation_wavelength.id           1 
_diffrn_radiation_wavelength.wavelength   0.9790 
_diffrn_radiation_wavelength.wt           1.0 
# 
_diffrn_source.diffrn_id                   1 
_diffrn_source.source                      SYNCHROTRON 
_diffrn_source.type                        'APS BEAMLINE 22-ID' 
_diffrn_source.pdbx_synchrotron_site       APS 
_diffrn_source.pdbx_synchrotron_beamline   22-ID 
_diffrn_source.pdbx_wavelength             ? 
_diffrn_source.pdbx_wavelength_list        0.9790 
# 
_reflns.entry_id                     2YXM 
_reflns.observed_criterion_sigma_I   -3 
_reflns.observed_criterion_sigma_F   ? 
_reflns.d_resolution_low             50 
_reflns.d_resolution_high            1.51 
_reflns.number_obs                   17469 
_reflns.number_all                   ? 
_reflns.percent_possible_obs         98.7 
_reflns.pdbx_Rmerge_I_obs            ? 
_reflns.pdbx_Rsym_value              0.085 
_reflns.pdbx_netI_over_sigmaI        78.6 
_reflns.B_iso_Wilson_estimate        18.3 
_reflns.pdbx_redundancy              26.2 
_reflns.R_free_details               ? 
_reflns.limit_h_max                  ? 
_reflns.limit_h_min                  ? 
_reflns.limit_k_max                  ? 
_reflns.limit_k_min                  ? 
_reflns.limit_l_max                  ? 
_reflns.limit_l_min                  ? 
_reflns.observed_criterion_F_max     ? 
_reflns.observed_criterion_F_min     ? 
_reflns.pdbx_chi_squared             ? 
_reflns.pdbx_scaling_rejects         ? 
_reflns.pdbx_diffrn_id               1 
_reflns.pdbx_ordinal                 1 
# 
_reflns_shell.d_res_high             1.51 
_reflns_shell.d_res_low              1.59 
_reflns_shell.percent_possible_all   90.4 
_reflns_shell.Rmerge_I_obs           ? 
_reflns_shell.pdbx_Rsym_value        0.41 
_reflns_shell.meanI_over_sigI_obs    5.9 
_reflns_shell.pdbx_redundancy        ? 
_reflns_shell.percent_possible_obs   ? 
_reflns_shell.number_unique_all      ? 
_reflns_shell.number_measured_all    ? 
_reflns_shell.number_measured_obs    ? 
_reflns_shell.number_unique_obs      ? 
_reflns_shell.pdbx_chi_squared       ? 
_reflns_shell.pdbx_diffrn_id         ? 
_reflns_shell.pdbx_ordinal           1 
# 
_refine.entry_id                                 2YXM 
_refine.ls_number_reflns_obs                     15226 
_refine.ls_number_reflns_all                     ? 
_refine.pdbx_ls_sigma_I                          ? 
_refine.pdbx_ls_sigma_F                          0.0 
_refine.pdbx_data_cutoff_high_absF               97006.38 
_refine.pdbx_data_cutoff_low_absF                0.000000 
_refine.pdbx_data_cutoff_high_rms_absF           ? 
_refine.ls_d_res_low                             43.38 
_refine.ls_d_res_high                            1.51 
_refine.ls_percent_reflns_obs                    97.1 
_refine.ls_R_factor_obs                          0.196 
_refine.ls_R_factor_all                          ? 
_refine.ls_R_factor_R_work                       0.196 
_refine.ls_R_factor_R_free                       0.212 
_refine.ls_R_factor_R_free_error                 0.005 
_refine.ls_R_factor_R_free_error_details         ? 
_refine.ls_percent_reflns_R_free                 5.0 
_refine.ls_number_reflns_R_free                  801 
_refine.ls_number_parameters                     ? 
_refine.ls_number_restraints                     ? 
_refine.occupancy_min                            ? 
_refine.occupancy_max                            ? 
_refine.correlation_coeff_Fo_to_Fc               ? 
_refine.correlation_coeff_Fo_to_Fc_free          ? 
_refine.B_iso_mean                               19.8 
_refine.aniso_B[1][1]                            0.49 
_refine.aniso_B[2][2]                            0.49 
_refine.aniso_B[3][3]                            -0.98 
_refine.aniso_B[1][2]                            0.00 
_refine.aniso_B[1][3]                            0.00 
_refine.aniso_B[2][3]                            0.00 
_refine.solvent_model_details                    'FLAT MODEL' 
_refine.solvent_model_param_ksol                 0.397236 
_refine.solvent_model_param_bsol                 47.9186 
_refine.pdbx_solvent_vdw_probe_radii             ? 
_refine.pdbx_solvent_ion_probe_radii             ? 
_refine.pdbx_solvent_shrinkage_radii             ? 
_refine.pdbx_ls_cross_valid_method               THROUGHOUT 
_refine.details                                  ? 
_refine.pdbx_starting_model                      ? 
_refine.pdbx_method_to_determine_struct          SAD 
_refine.pdbx_isotropic_thermal_model             RESTRAINED 
_refine.pdbx_stereochemistry_target_values       ? 
_refine.pdbx_stereochem_target_val_spec_case     ? 
_refine.pdbx_R_Free_selection_details            RANDOM 
_refine.pdbx_overall_ESU_R                       ? 
_refine.pdbx_overall_ESU_R_Free                  ? 
_refine.overall_SU_ML                            ? 
_refine.overall_SU_B                             ? 
_refine.ls_redundancy_reflns_obs                 ? 
_refine.B_iso_min                                ? 
_refine.B_iso_max                                ? 
_refine.overall_SU_R_Cruickshank_DPI             ? 
_refine.overall_SU_R_free                        ? 
_refine.ls_wR_factor_R_free                      ? 
_refine.ls_wR_factor_R_work                      ? 
_refine.overall_FOM_free_R_set                   ? 
_refine.overall_FOM_work_R_set                   ? 
_refine.pdbx_refine_id                           'X-RAY DIFFRACTION' 
_refine.pdbx_diffrn_id                           1 
_refine.pdbx_TLS_residual_ADP_flag               ? 
_refine.pdbx_overall_phase_error                 ? 
_refine.pdbx_overall_SU_R_free_Cruickshank_DPI   ? 
_refine.pdbx_overall_SU_R_Blow_DPI               ? 
_refine.pdbx_overall_SU_R_free_Blow_DPI          ? 
# 
_refine_analyze.entry_id                        2YXM 
_refine_analyze.Luzzati_coordinate_error_obs    0.17 
_refine_analyze.Luzzati_sigma_a_obs             0.10 
_refine_analyze.Luzzati_d_res_low_obs           5.00 
_refine_analyze.Luzzati_coordinate_error_free   0.18 
_refine_analyze.Luzzati_sigma_a_free            0.12 
_refine_analyze.Luzzati_d_res_low_free          ? 
_refine_analyze.number_disordered_residues      ? 
_refine_analyze.occupancy_sum_hydrogen          ? 
_refine_analyze.occupancy_sum_non_hydrogen      ? 
_refine_analyze.pdbx_Luzzati_d_res_high_obs     ? 
_refine_analyze.pdbx_refine_id                  'X-RAY DIFFRACTION' 
# 
_refine_hist.pdbx_refine_id                   'X-RAY DIFFRACTION' 
_refine_hist.cycle_id                         LAST 
_refine_hist.pdbx_number_atoms_protein        735 
_refine_hist.pdbx_number_atoms_nucleic_acid   0 
_refine_hist.pdbx_number_atoms_ligand         0 
_refine_hist.number_atoms_solvent             126 
_refine_hist.number_atoms_total               861 
_refine_hist.d_res_high                       1.51 
_refine_hist.d_res_low                        43.38 
# 
loop_
_refine_ls_restr.type 
_refine_ls_restr.dev_ideal 
_refine_ls_restr.dev_ideal_target 
_refine_ls_restr.weight 
_refine_ls_restr.number 
_refine_ls_restr.pdbx_refine_id 
_refine_ls_restr.pdbx_restraint_function 
c_bond_d                0.005 ? ? ? 'X-RAY DIFFRACTION' ? 
c_bond_d_na             ?     ? ? ? 'X-RAY DIFFRACTION' ? 
c_bond_d_prot           ?     ? ? ? 'X-RAY DIFFRACTION' ? 
c_angle_d               ?     ? ? ? 'X-RAY DIFFRACTION' ? 
c_angle_d_na            ?     ? ? ? 'X-RAY DIFFRACTION' ? 
c_angle_d_prot          ?     ? ? ? 'X-RAY DIFFRACTION' ? 
c_angle_deg             1.2   ? ? ? 'X-RAY DIFFRACTION' ? 
c_angle_deg_na          ?     ? ? ? 'X-RAY DIFFRACTION' ? 
c_angle_deg_prot        ?     ? ? ? 'X-RAY DIFFRACTION' ? 
c_dihedral_angle_d      26.4  ? ? ? 'X-RAY DIFFRACTION' ? 
c_dihedral_angle_d_na   ?     ? ? ? 'X-RAY DIFFRACTION' ? 
c_dihedral_angle_d_prot ?     ? ? ? 'X-RAY DIFFRACTION' ? 
c_improper_angle_d      0.68  ? ? ? 'X-RAY DIFFRACTION' ? 
c_improper_angle_d_na   ?     ? ? ? 'X-RAY DIFFRACTION' ? 
c_improper_angle_d_prot ?     ? ? ? 'X-RAY DIFFRACTION' ? 
c_mcbond_it             ?     ? ? ? 'X-RAY DIFFRACTION' ? 
c_mcangle_it            ?     ? ? ? 'X-RAY DIFFRACTION' ? 
c_scbond_it             ?     ? ? ? 'X-RAY DIFFRACTION' ? 
c_scangle_it            ?     ? ? ? 'X-RAY DIFFRACTION' ? 
# 
_refine_ls_shell.pdbx_total_number_of_bins_used   6 
_refine_ls_shell.d_res_high                       1.51 
_refine_ls_shell.d_res_low                        1.60 
_refine_ls_shell.number_reflns_R_work             4369 
_refine_ls_shell.R_factor_R_work                  0.239 
_refine_ls_shell.percent_reflns_obs               84.6 
_refine_ls_shell.R_factor_R_free                  0.273 
_refine_ls_shell.R_factor_R_free_error            0.018 
_refine_ls_shell.percent_reflns_R_free            4.9 
_refine_ls_shell.number_reflns_R_free             225 
_refine_ls_shell.number_reflns_all                ? 
_refine_ls_shell.R_factor_all                     ? 
_refine_ls_shell.number_reflns_obs                ? 
_refine_ls_shell.redundancy_reflns_obs            ? 
_refine_ls_shell.pdbx_refine_id                   'X-RAY DIFFRACTION' 
# 
loop_
_pdbx_xplor_file.serial_no 
_pdbx_xplor_file.param_file 
_pdbx_xplor_file.topol_file 
_pdbx_xplor_file.pdbx_refine_id 
1 protein_rep.param protein.top 'X-RAY DIFFRACTION' 
2 water_rep.param   water.top   'X-RAY DIFFRACTION' 
# 
_struct.entry_id                  2YXM 
_struct.title                     'Crystal structure of I-set domain of human Myosin Binding ProteinC' 
_struct.pdbx_model_details        ? 
_struct.pdbx_CASP_flag            ? 
_struct.pdbx_model_type_details   ? 
# 
_struct_keywords.entry_id        2YXM 
_struct_keywords.pdbx_keywords   'CELL ADHESION' 
_struct_keywords.text            
;I-set domain, Myosin binding Protein C, Cytoskeleton, cell adhesionn, Structural Genomics, NPPSFA, National Project on Protein Structural and Functional Analyses, RIKEN Structural Genomics/Proteomics Initiative, RSGI, CELL ADHESION
;
# 
loop_
_struct_asym.id 
_struct_asym.pdbx_blank_PDB_chainid_flag 
_struct_asym.pdbx_modified 
_struct_asym.entity_id 
_struct_asym.details 
A N N 1 ? 
B N N 2 ? 
# 
_struct_ref.id                         1 
_struct_ref.db_name                    UNP 
_struct_ref.db_code                    MYPC1_HUMAN 
_struct_ref.pdbx_db_accession          Q00872 
_struct_ref.entity_id                  1 
_struct_ref.pdbx_seq_one_letter_code   
;AAFAKILDPAYQVDKGGRVRFVVELADPKLEVKWYKNGQEIRPSTKYIFEHKGCQRILFINNCQMTDDSEYYVTAGDEKC
STELFVR
;
_struct_ref.pdbx_align_begin           252 
_struct_ref.pdbx_db_isoform            ? 
# 
_struct_ref_seq.align_id                      1 
_struct_ref_seq.ref_id                        1 
_struct_ref_seq.pdbx_PDB_id_code              2YXM 
_struct_ref_seq.pdbx_strand_id                A 
_struct_ref_seq.seq_align_beg                 8 
_struct_ref_seq.pdbx_seq_align_beg_ins_code   ? 
_struct_ref_seq.seq_align_end                 94 
_struct_ref_seq.pdbx_seq_align_end_ins_code   ? 
_struct_ref_seq.pdbx_db_accession             Q00872 
_struct_ref_seq.db_align_beg                  252 
_struct_ref_seq.pdbx_db_align_beg_ins_code    ? 
_struct_ref_seq.db_align_end                  338 
_struct_ref_seq.pdbx_db_align_end_ins_code    ? 
_struct_ref_seq.pdbx_auth_seq_align_beg       8 
_struct_ref_seq.pdbx_auth_seq_align_end       94 
# 
loop_
_struct_ref_seq_dif.align_id 
_struct_ref_seq_dif.pdbx_pdb_id_code 
_struct_ref_seq_dif.mon_id 
_struct_ref_seq_dif.pdbx_pdb_strand_id 
_struct_ref_seq_dif.seq_num 
_struct_ref_seq_dif.pdbx_pdb_ins_code 
_struct_ref_seq_dif.pdbx_seq_db_name 
_struct_ref_seq_dif.pdbx_seq_db_accession_code 
_struct_ref_seq_dif.db_mon_id 
_struct_ref_seq_dif.pdbx_seq_db_seq_num 
_struct_ref_seq_dif.details 
_struct_ref_seq_dif.pdbx_auth_seq_num 
_struct_ref_seq_dif.pdbx_ordinal 
1 2YXM GLY A 1   ? UNP Q00872 ? ? 'expression tag' 1   1  
1 2YXM SER A 2   ? UNP Q00872 ? ? 'expression tag' 2   2  
1 2YXM SER A 3   ? UNP Q00872 ? ? 'expression tag' 3   3  
1 2YXM GLY A 4   ? UNP Q00872 ? ? 'expression tag' 4   4  
1 2YXM SER A 5   ? UNP Q00872 ? ? 'expression tag' 5   5  
1 2YXM SER A 6   ? UNP Q00872 ? ? 'expression tag' 6   6  
1 2YXM GLY A 7   ? UNP Q00872 ? ? 'expression tag' 7   7  
1 2YXM SER A 95  ? UNP Q00872 ? ? 'expression tag' 95  8  
1 2YXM GLY A 96  ? UNP Q00872 ? ? 'expression tag' 96  9  
1 2YXM PRO A 97  ? UNP Q00872 ? ? 'expression tag' 97  10 
1 2YXM SER A 98  ? UNP Q00872 ? ? 'expression tag' 98  11 
1 2YXM SER A 99  ? UNP Q00872 ? ? 'expression tag' 99  12 
1 2YXM GLY A 100 ? UNP Q00872 ? ? 'expression tag' 100 13 
# 
loop_
_pdbx_struct_assembly.id 
_pdbx_struct_assembly.details 
_pdbx_struct_assembly.method_details 
_pdbx_struct_assembly.oligomeric_details 
_pdbx_struct_assembly.oligomeric_count 
1 author_defined_assembly   ?    dimeric   2 
2 software_defined_assembly PISA monomeric 1 
# 
loop_
_pdbx_struct_assembly_gen.assembly_id 
_pdbx_struct_assembly_gen.oper_expression 
_pdbx_struct_assembly_gen.asym_id_list 
1 1,2 A,B 
2 1   A,B 
# 
loop_
_pdbx_struct_oper_list.id 
_pdbx_struct_oper_list.type 
_pdbx_struct_oper_list.name 
_pdbx_struct_oper_list.symmetry_operation 
_pdbx_struct_oper_list.matrix[1][1] 
_pdbx_struct_oper_list.matrix[1][2] 
_pdbx_struct_oper_list.matrix[1][3] 
_pdbx_struct_oper_list.vector[1] 
_pdbx_struct_oper_list.matrix[2][1] 
_pdbx_struct_oper_list.matrix[2][2] 
_pdbx_struct_oper_list.matrix[2][3] 
_pdbx_struct_oper_list.vector[2] 
_pdbx_struct_oper_list.matrix[3][1] 
_pdbx_struct_oper_list.matrix[3][2] 
_pdbx_struct_oper_list.matrix[3][3] 
_pdbx_struct_oper_list.vector[3] 
1 'identity operation'         1_555 x,y,z            1.0000000000  0.0000000000  0.0000000000 0.0000000000   0.0000000000  1.0000000000  0.0000000000  0.0000000000 0.0000000000 0.0000000000  1.0000000000 0.0000000000 
2 'crystal symmetry operation' 8_665 -y+1,-x+1,-z+1/2 -0.9240409896 -0.2302248576 0.3051962721 -20.2618772353 -0.2302248576 -0.3022093791 -0.9250221652 5.8353559075 0.3051962721 -0.9250221652 0.2262503687 9.4447946770 
# 
_struct_biol.id   1 
# 
loop_
_struct_conf.conf_type_id 
_struct_conf.id 
_struct_conf.pdbx_PDB_helix_id 
_struct_conf.beg_label_comp_id 
_struct_conf.beg_label_asym_id 
_struct_conf.beg_label_seq_id 
_struct_conf.pdbx_beg_PDB_ins_code 
_struct_conf.end_label_comp_id 
_struct_conf.end_label_asym_id 
_struct_conf.end_label_seq_id 
_struct_conf.pdbx_end_PDB_ins_code 
_struct_conf.beg_auth_comp_id 
_struct_conf.beg_auth_asym_id 
_struct_conf.beg_auth_seq_id 
_struct_conf.end_auth_comp_id 
_struct_conf.end_auth_asym_id 
_struct_conf.end_auth_seq_id 
_struct_conf.pdbx_PDB_helix_class 
_struct_conf.details 
_struct_conf.pdbx_PDB_helix_length 
HELX_P HELX_P1 1 SER A 3  ? ALA A 8  ? SER A 3  ALA A 8  5 ? 6 
HELX_P HELX_P2 2 GLN A 71 ? ASP A 75 ? GLN A 71 ASP A 75 5 ? 5 
# 
_struct_conf_type.id          HELX_P 
_struct_conf_type.criteria    ? 
_struct_conf_type.reference   ? 
# 
loop_
_struct_sheet.id 
_struct_sheet.type 
_struct_sheet.number_strands 
_struct_sheet.details 
A ? 4 ? 
B ? 5 ? 
# 
loop_
_struct_sheet_order.sheet_id 
_struct_sheet_order.range_id_1 
_struct_sheet_order.range_id_2 
_struct_sheet_order.offset 
_struct_sheet_order.sense 
A 1 2 ? anti-parallel 
A 2 3 ? anti-parallel 
A 3 4 ? anti-parallel 
B 1 2 ? parallel      
B 2 3 ? anti-parallel 
B 3 4 ? anti-parallel 
B 4 5 ? anti-parallel 
# 
loop_
_struct_sheet_range.sheet_id 
_struct_sheet_range.id 
_struct_sheet_range.beg_label_comp_id 
_struct_sheet_range.beg_label_asym_id 
_struct_sheet_range.beg_label_seq_id 
_struct_sheet_range.pdbx_beg_PDB_ins_code 
_struct_sheet_range.end_label_comp_id 
_struct_sheet_range.end_label_asym_id 
_struct_sheet_range.end_label_seq_id 
_struct_sheet_range.pdbx_end_PDB_ins_code 
_struct_sheet_range.beg_auth_comp_id 
_struct_sheet_range.beg_auth_asym_id 
_struct_sheet_range.beg_auth_seq_id 
_struct_sheet_range.end_auth_comp_id 
_struct_sheet_range.end_auth_asym_id 
_struct_sheet_range.end_auth_seq_id 
A 1 PHE A 10 ? LYS A 12 ? PHE A 10 LYS A 12 
A 2 VAL A 26 ? LEU A 32 ? VAL A 26 LEU A 32 
A 3 GLN A 62 ? ILE A 67 ? GLN A 62 ILE A 67 
A 4 TYR A 54 ? LYS A 59 ? TYR A 54 LYS A 59 
B 1 ALA A 17 ? ASP A 21 ? ALA A 17 ASP A 21 
B 2 GLU A 85 ? ARG A 94 ? GLU A 85 ARG A 94 
B 3 SER A 76 ? ALA A 82 ? SER A 76 ALA A 82 
B 4 VAL A 39 ? LYS A 43 ? VAL A 39 LYS A 43 
B 5 GLN A 46 ? GLU A 47 ? GLN A 46 GLU A 47 
# 
loop_
_pdbx_struct_sheet_hbond.sheet_id 
_pdbx_struct_sheet_hbond.range_id_1 
_pdbx_struct_sheet_hbond.range_id_2 
_pdbx_struct_sheet_hbond.range_1_label_atom_id 
_pdbx_struct_sheet_hbond.range_1_label_comp_id 
_pdbx_struct_sheet_hbond.range_1_label_asym_id 
_pdbx_struct_sheet_hbond.range_1_label_seq_id 
_pdbx_struct_sheet_hbond.range_1_PDB_ins_code 
_pdbx_struct_sheet_hbond.range_1_auth_atom_id 
_pdbx_struct_sheet_hbond.range_1_auth_comp_id 
_pdbx_struct_sheet_hbond.range_1_auth_asym_id 
_pdbx_struct_sheet_hbond.range_1_auth_seq_id 
_pdbx_struct_sheet_hbond.range_2_label_atom_id 
_pdbx_struct_sheet_hbond.range_2_label_comp_id 
_pdbx_struct_sheet_hbond.range_2_label_asym_id 
_pdbx_struct_sheet_hbond.range_2_label_seq_id 
_pdbx_struct_sheet_hbond.range_2_PDB_ins_code 
_pdbx_struct_sheet_hbond.range_2_auth_atom_id 
_pdbx_struct_sheet_hbond.range_2_auth_comp_id 
_pdbx_struct_sheet_hbond.range_2_auth_asym_id 
_pdbx_struct_sheet_hbond.range_2_auth_seq_id 
A 1 2 N ALA A 11 ? N ALA A 11 O GLU A 31 ? O GLU A 31 
A 2 3 N PHE A 28 ? N PHE A 28 O LEU A 65 ? O LEU A 65 
A 3 4 O ILE A 64 ? O ILE A 64 N GLU A 57 ? N GLU A 57 
B 1 2 N VAL A 20 ? N VAL A 20 O ARG A 94 ? O ARG A 94 
B 2 3 O THR A 89 ? O THR A 89 N TYR A 78 ? N TYR A 78 
B 3 4 O TYR A 79 ? O TYR A 79 N TYR A 42 ? N TYR A 42 
B 4 5 N LYS A 43 ? N LYS A 43 O GLN A 46 ? O GLN A 46 
# 
_pdbx_validate_torsion.id              1 
_pdbx_validate_torsion.PDB_model_num   1 
_pdbx_validate_torsion.auth_comp_id    SER 
_pdbx_validate_torsion.auth_asym_id    A 
_pdbx_validate_torsion.auth_seq_id     51 
_pdbx_validate_torsion.PDB_ins_code    ? 
_pdbx_validate_torsion.label_alt_id    ? 
_pdbx_validate_torsion.phi             -160.17 
_pdbx_validate_torsion.psi             -159.05 
# 
_pdbx_SG_project.id                    1 
_pdbx_SG_project.project_name          'NPPSFA, National Project on Protein Structural and Functional Analyses' 
_pdbx_SG_project.full_name_of_center   'RIKEN Structural Genomics/Proteomics Initiative' 
_pdbx_SG_project.initial_of_center     RSGI 
# 
loop_
_pdbx_struct_special_symmetry.id 
_pdbx_struct_special_symmetry.PDB_model_num 
_pdbx_struct_special_symmetry.auth_asym_id 
_pdbx_struct_special_symmetry.auth_comp_id 
_pdbx_struct_special_symmetry.auth_seq_id 
_pdbx_struct_special_symmetry.PDB_ins_code 
_pdbx_struct_special_symmetry.label_asym_id 
_pdbx_struct_special_symmetry.label_comp_id 
_pdbx_struct_special_symmetry.label_seq_id 
1 1 A HOH 209 ? B HOH . 
2 1 A HOH 210 ? B HOH . 
3 1 A HOH 213 ? B HOH . 
# 
loop_
_pdbx_unobs_or_zero_occ_residues.id 
_pdbx_unobs_or_zero_occ_residues.PDB_model_num 
_pdbx_unobs_or_zero_occ_residues.polymer_flag 
_pdbx_unobs_or_zero_occ_residues.occupancy_flag 
_pdbx_unobs_or_zero_occ_residues.auth_asym_id 
_pdbx_unobs_or_zero_occ_residues.auth_comp_id 
_pdbx_unobs_or_zero_occ_residues.auth_seq_id 
_pdbx_unobs_or_zero_occ_residues.PDB_ins_code 
_pdbx_unobs_or_zero_occ_residues.label_asym_id 
_pdbx_unobs_or_zero_occ_residues.label_comp_id 
_pdbx_unobs_or_zero_occ_residues.label_seq_id 
1 1 Y 1 A GLY 1   ? A GLY 1   
2 1 Y 1 A SER 2   ? A SER 2   
3 1 Y 1 A SER 95  ? A SER 95  
4 1 Y 1 A GLY 96  ? A GLY 96  
5 1 Y 1 A PRO 97  ? A PRO 97  
6 1 Y 1 A SER 98  ? A SER 98  
7 1 Y 1 A SER 99  ? A SER 99  
8 1 Y 1 A GLY 100 ? A GLY 100 
# 
loop_
_chem_comp_atom.comp_id 
_chem_comp_atom.atom_id 
_chem_comp_atom.type_symbol 
_chem_comp_atom.pdbx_aromatic_flag 
_chem_comp_atom.pdbx_stereo_config 
_chem_comp_atom.pdbx_ordinal 
ALA N    N N N 1   
ALA CA   C N S 2   
ALA C    C N N 3   
ALA O    O N N 4   
ALA CB   C N N 5   
ALA OXT  O N N 6   
ALA H    H N N 7   
ALA H2   H N N 8   
ALA HA   H N N 9   
ALA HB1  H N N 10  
ALA HB2  H N N 11  
ALA HB3  H N N 12  
ALA HXT  H N N 13  
ARG N    N N N 14  
ARG CA   C N S 15  
ARG C    C N N 16  
ARG O    O N N 17  
ARG CB   C N N 18  
ARG CG   C N N 19  
ARG CD   C N N 20  
ARG NE   N N N 21  
ARG CZ   C N N 22  
ARG NH1  N N N 23  
ARG NH2  N N N 24  
ARG OXT  O N N 25  
ARG H    H N N 26  
ARG H2   H N N 27  
ARG HA   H N N 28  
ARG HB2  H N N 29  
ARG HB3  H N N 30  
ARG HG2  H N N 31  
ARG HG3  H N N 32  
ARG HD2  H N N 33  
ARG HD3  H N N 34  
ARG HE   H N N 35  
ARG HH11 H N N 36  
ARG HH12 H N N 37  
ARG HH21 H N N 38  
ARG HH22 H N N 39  
ARG HXT  H N N 40  
ASN N    N N N 41  
ASN CA   C N S 42  
ASN C    C N N 43  
ASN O    O N N 44  
ASN CB   C N N 45  
ASN CG   C N N 46  
ASN OD1  O N N 47  
ASN ND2  N N N 48  
ASN OXT  O N N 49  
ASN H    H N N 50  
ASN H2   H N N 51  
ASN HA   H N N 52  
ASN HB2  H N N 53  
ASN HB3  H N N 54  
ASN HD21 H N N 55  
ASN HD22 H N N 56  
ASN HXT  H N N 57  
ASP N    N N N 58  
ASP CA   C N S 59  
ASP C    C N N 60  
ASP O    O N N 61  
ASP CB   C N N 62  
ASP CG   C N N 63  
ASP OD1  O N N 64  
ASP OD2  O N N 65  
ASP OXT  O N N 66  
ASP H    H N N 67  
ASP H2   H N N 68  
ASP HA   H N N 69  
ASP HB2  H N N 70  
ASP HB3  H N N 71  
ASP HD2  H N N 72  
ASP HXT  H N N 73  
CYS N    N N N 74  
CYS CA   C N R 75  
CYS C    C N N 76  
CYS O    O N N 77  
CYS CB   C N N 78  
CYS SG   S N N 79  
CYS OXT  O N N 80  
CYS H    H N N 81  
CYS H2   H N N 82  
CYS HA   H N N 83  
CYS HB2  H N N 84  
CYS HB3  H N N 85  
CYS HG   H N N 86  
CYS HXT  H N N 87  
GLN N    N N N 88  
GLN CA   C N S 89  
GLN C    C N N 90  
GLN O    O N N 91  
GLN CB   C N N 92  
GLN CG   C N N 93  
GLN CD   C N N 94  
GLN OE1  O N N 95  
GLN NE2  N N N 96  
GLN OXT  O N N 97  
GLN H    H N N 98  
GLN H2   H N N 99  
GLN HA   H N N 100 
GLN HB2  H N N 101 
GLN HB3  H N N 102 
GLN HG2  H N N 103 
GLN HG3  H N N 104 
GLN HE21 H N N 105 
GLN HE22 H N N 106 
GLN HXT  H N N 107 
GLU N    N N N 108 
GLU CA   C N S 109 
GLU C    C N N 110 
GLU O    O N N 111 
GLU CB   C N N 112 
GLU CG   C N N 113 
GLU CD   C N N 114 
GLU OE1  O N N 115 
GLU OE2  O N N 116 
GLU OXT  O N N 117 
GLU H    H N N 118 
GLU H2   H N N 119 
GLU HA   H N N 120 
GLU HB2  H N N 121 
GLU HB3  H N N 122 
GLU HG2  H N N 123 
GLU HG3  H N N 124 
GLU HE2  H N N 125 
GLU HXT  H N N 126 
GLY N    N N N 127 
GLY CA   C N N 128 
GLY C    C N N 129 
GLY O    O N N 130 
GLY OXT  O N N 131 
GLY H    H N N 132 
GLY H2   H N N 133 
GLY HA2  H N N 134 
GLY HA3  H N N 135 
GLY HXT  H N N 136 
HIS N    N N N 137 
HIS CA   C N S 138 
HIS C    C N N 139 
HIS O    O N N 140 
HIS CB   C N N 141 
HIS CG   C Y N 142 
HIS ND1  N Y N 143 
HIS CD2  C Y N 144 
HIS CE1  C Y N 145 
HIS NE2  N Y N 146 
HIS OXT  O N N 147 
HIS H    H N N 148 
HIS H2   H N N 149 
HIS HA   H N N 150 
HIS HB2  H N N 151 
HIS HB3  H N N 152 
HIS HD1  H N N 153 
HIS HD2  H N N 154 
HIS HE1  H N N 155 
HIS HE2  H N N 156 
HIS HXT  H N N 157 
HOH O    O N N 158 
HOH H1   H N N 159 
HOH H2   H N N 160 
ILE N    N N N 161 
ILE CA   C N S 162 
ILE C    C N N 163 
ILE O    O N N 164 
ILE CB   C N S 165 
ILE CG1  C N N 166 
ILE CG2  C N N 167 
ILE CD1  C N N 168 
ILE OXT  O N N 169 
ILE H    H N N 170 
ILE H2   H N N 171 
ILE HA   H N N 172 
ILE HB   H N N 173 
ILE HG12 H N N 174 
ILE HG13 H N N 175 
ILE HG21 H N N 176 
ILE HG22 H N N 177 
ILE HG23 H N N 178 
ILE HD11 H N N 179 
ILE HD12 H N N 180 
ILE HD13 H N N 181 
ILE HXT  H N N 182 
LEU N    N N N 183 
LEU CA   C N S 184 
LEU C    C N N 185 
LEU O    O N N 186 
LEU CB   C N N 187 
LEU CG   C N N 188 
LEU CD1  C N N 189 
LEU CD2  C N N 190 
LEU OXT  O N N 191 
LEU H    H N N 192 
LEU H2   H N N 193 
LEU HA   H N N 194 
LEU HB2  H N N 195 
LEU HB3  H N N 196 
LEU HG   H N N 197 
LEU HD11 H N N 198 
LEU HD12 H N N 199 
LEU HD13 H N N 200 
LEU HD21 H N N 201 
LEU HD22 H N N 202 
LEU HD23 H N N 203 
LEU HXT  H N N 204 
LYS N    N N N 205 
LYS CA   C N S 206 
LYS C    C N N 207 
LYS O    O N N 208 
LYS CB   C N N 209 
LYS CG   C N N 210 
LYS CD   C N N 211 
LYS CE   C N N 212 
LYS NZ   N N N 213 
LYS OXT  O N N 214 
LYS H    H N N 215 
LYS H2   H N N 216 
LYS HA   H N N 217 
LYS HB2  H N N 218 
LYS HB3  H N N 219 
LYS HG2  H N N 220 
LYS HG3  H N N 221 
LYS HD2  H N N 222 
LYS HD3  H N N 223 
LYS HE2  H N N 224 
LYS HE3  H N N 225 
LYS HZ1  H N N 226 
LYS HZ2  H N N 227 
LYS HZ3  H N N 228 
LYS HXT  H N N 229 
MET N    N N N 230 
MET CA   C N S 231 
MET C    C N N 232 
MET O    O N N 233 
MET CB   C N N 234 
MET CG   C N N 235 
MET SD   S N N 236 
MET CE   C N N 237 
MET OXT  O N N 238 
MET H    H N N 239 
MET H2   H N N 240 
MET HA   H N N 241 
MET HB2  H N N 242 
MET HB3  H N N 243 
MET HG2  H N N 244 
MET HG3  H N N 245 
MET HE1  H N N 246 
MET HE2  H N N 247 
MET HE3  H N N 248 
MET HXT  H N N 249 
PHE N    N N N 250 
PHE CA   C N S 251 
PHE C    C N N 252 
PHE O    O N N 253 
PHE CB   C N N 254 
PHE CG   C Y N 255 
PHE CD1  C Y N 256 
PHE CD2  C Y N 257 
PHE CE1  C Y N 258 
PHE CE2  C Y N 259 
PHE CZ   C Y N 260 
PHE OXT  O N N 261 
PHE H    H N N 262 
PHE H2   H N N 263 
PHE HA   H N N 264 
PHE HB2  H N N 265 
PHE HB3  H N N 266 
PHE HD1  H N N 267 
PHE HD2  H N N 268 
PHE HE1  H N N 269 
PHE HE2  H N N 270 
PHE HZ   H N N 271 
PHE HXT  H N N 272 
PRO N    N N N 273 
PRO CA   C N S 274 
PRO C    C N N 275 
PRO O    O N N 276 
PRO CB   C N N 277 
PRO CG   C N N 278 
PRO CD   C N N 279 
PRO OXT  O N N 280 
PRO H    H N N 281 
PRO HA   H N N 282 
PRO HB2  H N N 283 
PRO HB3  H N N 284 
PRO HG2  H N N 285 
PRO HG3  H N N 286 
PRO HD2  H N N 287 
PRO HD3  H N N 288 
PRO HXT  H N N 289 
SER N    N N N 290 
SER CA   C N S 291 
SER C    C N N 292 
SER O    O N N 293 
SER CB   C N N 294 
SER OG   O N N 295 
SER OXT  O N N 296 
SER H    H N N 297 
SER H2   H N N 298 
SER HA   H N N 299 
SER HB2  H N N 300 
SER HB3  H N N 301 
SER HG   H N N 302 
SER HXT  H N N 303 
THR N    N N N 304 
THR CA   C N S 305 
THR C    C N N 306 
THR O    O N N 307 
THR CB   C N R 308 
THR OG1  O N N 309 
THR CG2  C N N 310 
THR OXT  O N N 311 
THR H    H N N 312 
THR H2   H N N 313 
THR HA   H N N 314 
THR HB   H N N 315 
THR HG1  H N N 316 
THR HG21 H N N 317 
THR HG22 H N N 318 
THR HG23 H N N 319 
THR HXT  H N N 320 
TRP N    N N N 321 
TRP CA   C N S 322 
TRP C    C N N 323 
TRP O    O N N 324 
TRP CB   C N N 325 
TRP CG   C Y N 326 
TRP CD1  C Y N 327 
TRP CD2  C Y N 328 
TRP NE1  N Y N 329 
TRP CE2  C Y N 330 
TRP CE3  C Y N 331 
TRP CZ2  C Y N 332 
TRP CZ3  C Y N 333 
TRP CH2  C Y N 334 
TRP OXT  O N N 335 
TRP H    H N N 336 
TRP H2   H N N 337 
TRP HA   H N N 338 
TRP HB2  H N N 339 
TRP HB3  H N N 340 
TRP HD1  H N N 341 
TRP HE1  H N N 342 
TRP HE3  H N N 343 
TRP HZ2  H N N 344 
TRP HZ3  H N N 345 
TRP HH2  H N N 346 
TRP HXT  H N N 347 
TYR N    N N N 348 
TYR CA   C N S 349 
TYR C    C N N 350 
TYR O    O N N 351 
TYR CB   C N N 352 
TYR CG   C Y N 353 
TYR CD1  C Y N 354 
TYR CD2  C Y N 355 
TYR CE1  C Y N 356 
TYR CE2  C Y N 357 
TYR CZ   C Y N 358 
TYR OH   O N N 359 
TYR OXT  O N N 360 
TYR H    H N N 361 
TYR H2   H N N 362 
TYR HA   H N N 363 
TYR HB2  H N N 364 
TYR HB3  H N N 365 
TYR HD1  H N N 366 
TYR HD2  H N N 367 
TYR HE1  H N N 368 
TYR HE2  H N N 369 
TYR HH   H N N 370 
TYR HXT  H N N 371 
VAL N    N N N 372 
VAL CA   C N S 373 
VAL C    C N N 374 
VAL O    O N N 375 
VAL CB   C N N 376 
VAL CG1  C N N 377 
VAL CG2  C N N 378 
VAL OXT  O N N 379 
VAL H    H N N 380 
VAL H2   H N N 381 
VAL HA   H N N 382 
VAL HB   H N N 383 
VAL HG11 H N N 384 
VAL HG12 H N N 385 
VAL HG13 H N N 386 
VAL HG21 H N N 387 
VAL HG22 H N N 388 
VAL HG23 H N N 389 
VAL HXT  H N N 390 
# 
loop_
_chem_comp_bond.comp_id 
_chem_comp_bond.atom_id_1 
_chem_comp_bond.atom_id_2 
_chem_comp_bond.value_order 
_chem_comp_bond.pdbx_aromatic_flag 
_chem_comp_bond.pdbx_stereo_config 
_chem_comp_bond.pdbx_ordinal 
ALA N   CA   sing N N 1   
ALA N   H    sing N N 2   
ALA N   H2   sing N N 3   
ALA CA  C    sing N N 4   
ALA CA  CB   sing N N 5   
ALA CA  HA   sing N N 6   
ALA C   O    doub N N 7   
ALA C   OXT  sing N N 8   
ALA CB  HB1  sing N N 9   
ALA CB  HB2  sing N N 10  
ALA CB  HB3  sing N N 11  
ALA OXT HXT  sing N N 12  
ARG N   CA   sing N N 13  
ARG N   H    sing N N 14  
ARG N   H2   sing N N 15  
ARG CA  C    sing N N 16  
ARG CA  CB   sing N N 17  
ARG CA  HA   sing N N 18  
ARG C   O    doub N N 19  
ARG C   OXT  sing N N 20  
ARG CB  CG   sing N N 21  
ARG CB  HB2  sing N N 22  
ARG CB  HB3  sing N N 23  
ARG CG  CD   sing N N 24  
ARG CG  HG2  sing N N 25  
ARG CG  HG3  sing N N 26  
ARG CD  NE   sing N N 27  
ARG CD  HD2  sing N N 28  
ARG CD  HD3  sing N N 29  
ARG NE  CZ   sing N N 30  
ARG NE  HE   sing N N 31  
ARG CZ  NH1  sing N N 32  
ARG CZ  NH2  doub N N 33  
ARG NH1 HH11 sing N N 34  
ARG NH1 HH12 sing N N 35  
ARG NH2 HH21 sing N N 36  
ARG NH2 HH22 sing N N 37  
ARG OXT HXT  sing N N 38  
ASN N   CA   sing N N 39  
ASN N   H    sing N N 40  
ASN N   H2   sing N N 41  
ASN CA  C    sing N N 42  
ASN CA  CB   sing N N 43  
ASN CA  HA   sing N N 44  
ASN C   O    doub N N 45  
ASN C   OXT  sing N N 46  
ASN CB  CG   sing N N 47  
ASN CB  HB2  sing N N 48  
ASN CB  HB3  sing N N 49  
ASN CG  OD1  doub N N 50  
ASN CG  ND2  sing N N 51  
ASN ND2 HD21 sing N N 52  
ASN ND2 HD22 sing N N 53  
ASN OXT HXT  sing N N 54  
ASP N   CA   sing N N 55  
ASP N   H    sing N N 56  
ASP N   H2   sing N N 57  
ASP CA  C    sing N N 58  
ASP CA  CB   sing N N 59  
ASP CA  HA   sing N N 60  
ASP C   O    doub N N 61  
ASP C   OXT  sing N N 62  
ASP CB  CG   sing N N 63  
ASP CB  HB2  sing N N 64  
ASP CB  HB3  sing N N 65  
ASP CG  OD1  doub N N 66  
ASP CG  OD2  sing N N 67  
ASP OD2 HD2  sing N N 68  
ASP OXT HXT  sing N N 69  
CYS N   CA   sing N N 70  
CYS N   H    sing N N 71  
CYS N   H2   sing N N 72  
CYS CA  C    sing N N 73  
CYS CA  CB   sing N N 74  
CYS CA  HA   sing N N 75  
CYS C   O    doub N N 76  
CYS C   OXT  sing N N 77  
CYS CB  SG   sing N N 78  
CYS CB  HB2  sing N N 79  
CYS CB  HB3  sing N N 80  
CYS SG  HG   sing N N 81  
CYS OXT HXT  sing N N 82  
GLN N   CA   sing N N 83  
GLN N   H    sing N N 84  
GLN N   H2   sing N N 85  
GLN CA  C    sing N N 86  
GLN CA  CB   sing N N 87  
GLN CA  HA   sing N N 88  
GLN C   O    doub N N 89  
GLN C   OXT  sing N N 90  
GLN CB  CG   sing N N 91  
GLN CB  HB2  sing N N 92  
GLN CB  HB3  sing N N 93  
GLN CG  CD   sing N N 94  
GLN CG  HG2  sing N N 95  
GLN CG  HG3  sing N N 96  
GLN CD  OE1  doub N N 97  
GLN CD  NE2  sing N N 98  
GLN NE2 HE21 sing N N 99  
GLN NE2 HE22 sing N N 100 
GLN OXT HXT  sing N N 101 
GLU N   CA   sing N N 102 
GLU N   H    sing N N 103 
GLU N   H2   sing N N 104 
GLU CA  C    sing N N 105 
GLU CA  CB   sing N N 106 
GLU CA  HA   sing N N 107 
GLU C   O    doub N N 108 
GLU C   OXT  sing N N 109 
GLU CB  CG   sing N N 110 
GLU CB  HB2  sing N N 111 
GLU CB  HB3  sing N N 112 
GLU CG  CD   sing N N 113 
GLU CG  HG2  sing N N 114 
GLU CG  HG3  sing N N 115 
GLU CD  OE1  doub N N 116 
GLU CD  OE2  sing N N 117 
GLU OE2 HE2  sing N N 118 
GLU OXT HXT  sing N N 119 
GLY N   CA   sing N N 120 
GLY N   H    sing N N 121 
GLY N   H2   sing N N 122 
GLY CA  C    sing N N 123 
GLY CA  HA2  sing N N 124 
GLY CA  HA3  sing N N 125 
GLY C   O    doub N N 126 
GLY C   OXT  sing N N 127 
GLY OXT HXT  sing N N 128 
HIS N   CA   sing N N 129 
HIS N   H    sing N N 130 
HIS N   H2   sing N N 131 
HIS CA  C    sing N N 132 
HIS CA  CB   sing N N 133 
HIS CA  HA   sing N N 134 
HIS C   O    doub N N 135 
HIS C   OXT  sing N N 136 
HIS CB  CG   sing N N 137 
HIS CB  HB2  sing N N 138 
HIS CB  HB3  sing N N 139 
HIS CG  ND1  sing Y N 140 
HIS CG  CD2  doub Y N 141 
HIS ND1 CE1  doub Y N 142 
HIS ND1 HD1  sing N N 143 
HIS CD2 NE2  sing Y N 144 
HIS CD2 HD2  sing N N 145 
HIS CE1 NE2  sing Y N 146 
HIS CE1 HE1  sing N N 147 
HIS NE2 HE2  sing N N 148 
HIS OXT HXT  sing N N 149 
HOH O   H1   sing N N 150 
HOH O   H2   sing N N 151 
ILE N   CA   sing N N 152 
ILE N   H    sing N N 153 
ILE N   H2   sing N N 154 
ILE CA  C    sing N N 155 
ILE CA  CB   sing N N 156 
ILE CA  HA   sing N N 157 
ILE C   O    doub N N 158 
ILE C   OXT  sing N N 159 
ILE CB  CG1  sing N N 160 
ILE CB  CG2  sing N N 161 
ILE CB  HB   sing N N 162 
ILE CG1 CD1  sing N N 163 
ILE CG1 HG12 sing N N 164 
ILE CG1 HG13 sing N N 165 
ILE CG2 HG21 sing N N 166 
ILE CG2 HG22 sing N N 167 
ILE CG2 HG23 sing N N 168 
ILE CD1 HD11 sing N N 169 
ILE CD1 HD12 sing N N 170 
ILE CD1 HD13 sing N N 171 
ILE OXT HXT  sing N N 172 
LEU N   CA   sing N N 173 
LEU N   H    sing N N 174 
LEU N   H2   sing N N 175 
LEU CA  C    sing N N 176 
LEU CA  CB   sing N N 177 
LEU CA  HA   sing N N 178 
LEU C   O    doub N N 179 
LEU C   OXT  sing N N 180 
LEU CB  CG   sing N N 181 
LEU CB  HB2  sing N N 182 
LEU CB  HB3  sing N N 183 
LEU CG  CD1  sing N N 184 
LEU CG  CD2  sing N N 185 
LEU CG  HG   sing N N 186 
LEU CD1 HD11 sing N N 187 
LEU CD1 HD12 sing N N 188 
LEU CD1 HD13 sing N N 189 
LEU CD2 HD21 sing N N 190 
LEU CD2 HD22 sing N N 191 
LEU CD2 HD23 sing N N 192 
LEU OXT HXT  sing N N 193 
LYS N   CA   sing N N 194 
LYS N   H    sing N N 195 
LYS N   H2   sing N N 196 
LYS CA  C    sing N N 197 
LYS CA  CB   sing N N 198 
LYS CA  HA   sing N N 199 
LYS C   O    doub N N 200 
LYS C   OXT  sing N N 201 
LYS CB  CG   sing N N 202 
LYS CB  HB2  sing N N 203 
LYS CB  HB3  sing N N 204 
LYS CG  CD   sing N N 205 
LYS CG  HG2  sing N N 206 
LYS CG  HG3  sing N N 207 
LYS CD  CE   sing N N 208 
LYS CD  HD2  sing N N 209 
LYS CD  HD3  sing N N 210 
LYS CE  NZ   sing N N 211 
LYS CE  HE2  sing N N 212 
LYS CE  HE3  sing N N 213 
LYS NZ  HZ1  sing N N 214 
LYS NZ  HZ2  sing N N 215 
LYS NZ  HZ3  sing N N 216 
LYS OXT HXT  sing N N 217 
MET N   CA   sing N N 218 
MET N   H    sing N N 219 
MET N   H2   sing N N 220 
MET CA  C    sing N N 221 
MET CA  CB   sing N N 222 
MET CA  HA   sing N N 223 
MET C   O    doub N N 224 
MET C   OXT  sing N N 225 
MET CB  CG   sing N N 226 
MET CB  HB2  sing N N 227 
MET CB  HB3  sing N N 228 
MET CG  SD   sing N N 229 
MET CG  HG2  sing N N 230 
MET CG  HG3  sing N N 231 
MET SD  CE   sing N N 232 
MET CE  HE1  sing N N 233 
MET CE  HE2  sing N N 234 
MET CE  HE3  sing N N 235 
MET OXT HXT  sing N N 236 
PHE N   CA   sing N N 237 
PHE N   H    sing N N 238 
PHE N   H2   sing N N 239 
PHE CA  C    sing N N 240 
PHE CA  CB   sing N N 241 
PHE CA  HA   sing N N 242 
PHE C   O    doub N N 243 
PHE C   OXT  sing N N 244 
PHE CB  CG   sing N N 245 
PHE CB  HB2  sing N N 246 
PHE CB  HB3  sing N N 247 
PHE CG  CD1  doub Y N 248 
PHE CG  CD2  sing Y N 249 
PHE CD1 CE1  sing Y N 250 
PHE CD1 HD1  sing N N 251 
PHE CD2 CE2  doub Y N 252 
PHE CD2 HD2  sing N N 253 
PHE CE1 CZ   doub Y N 254 
PHE CE1 HE1  sing N N 255 
PHE CE2 CZ   sing Y N 256 
PHE CE2 HE2  sing N N 257 
PHE CZ  HZ   sing N N 258 
PHE OXT HXT  sing N N 259 
PRO N   CA   sing N N 260 
PRO N   CD   sing N N 261 
PRO N   H    sing N N 262 
PRO CA  C    sing N N 263 
PRO CA  CB   sing N N 264 
PRO CA  HA   sing N N 265 
PRO C   O    doub N N 266 
PRO C   OXT  sing N N 267 
PRO CB  CG   sing N N 268 
PRO CB  HB2  sing N N 269 
PRO CB  HB3  sing N N 270 
PRO CG  CD   sing N N 271 
PRO CG  HG2  sing N N 272 
PRO CG  HG3  sing N N 273 
PRO CD  HD2  sing N N 274 
PRO CD  HD3  sing N N 275 
PRO OXT HXT  sing N N 276 
SER N   CA   sing N N 277 
SER N   H    sing N N 278 
SER N   H2   sing N N 279 
SER CA  C    sing N N 280 
SER CA  CB   sing N N 281 
SER CA  HA   sing N N 282 
SER C   O    doub N N 283 
SER C   OXT  sing N N 284 
SER CB  OG   sing N N 285 
SER CB  HB2  sing N N 286 
SER CB  HB3  sing N N 287 
SER OG  HG   sing N N 288 
SER OXT HXT  sing N N 289 
THR N   CA   sing N N 290 
THR N   H    sing N N 291 
THR N   H2   sing N N 292 
THR CA  C    sing N N 293 
THR CA  CB   sing N N 294 
THR CA  HA   sing N N 295 
THR C   O    doub N N 296 
THR C   OXT  sing N N 297 
THR CB  OG1  sing N N 298 
THR CB  CG2  sing N N 299 
THR CB  HB   sing N N 300 
THR OG1 HG1  sing N N 301 
THR CG2 HG21 sing N N 302 
THR CG2 HG22 sing N N 303 
THR CG2 HG23 sing N N 304 
THR OXT HXT  sing N N 305 
TRP N   CA   sing N N 306 
TRP N   H    sing N N 307 
TRP N   H2   sing N N 308 
TRP CA  C    sing N N 309 
TRP CA  CB   sing N N 310 
TRP CA  HA   sing N N 311 
TRP C   O    doub N N 312 
TRP C   OXT  sing N N 313 
TRP CB  CG   sing N N 314 
TRP CB  HB2  sing N N 315 
TRP CB  HB3  sing N N 316 
TRP CG  CD1  doub Y N 317 
TRP CG  CD2  sing Y N 318 
TRP CD1 NE1  sing Y N 319 
TRP CD1 HD1  sing N N 320 
TRP CD2 CE2  doub Y N 321 
TRP CD2 CE3  sing Y N 322 
TRP NE1 CE2  sing Y N 323 
TRP NE1 HE1  sing N N 324 
TRP CE2 CZ2  sing Y N 325 
TRP CE3 CZ3  doub Y N 326 
TRP CE3 HE3  sing N N 327 
TRP CZ2 CH2  doub Y N 328 
TRP CZ2 HZ2  sing N N 329 
TRP CZ3 CH2  sing Y N 330 
TRP CZ3 HZ3  sing N N 331 
TRP CH2 HH2  sing N N 332 
TRP OXT HXT  sing N N 333 
TYR N   CA   sing N N 334 
TYR N   H    sing N N 335 
TYR N   H2   sing N N 336 
TYR CA  C    sing N N 337 
TYR CA  CB   sing N N 338 
TYR CA  HA   sing N N 339 
TYR C   O    doub N N 340 
TYR C   OXT  sing N N 341 
TYR CB  CG   sing N N 342 
TYR CB  HB2  sing N N 343 
TYR CB  HB3  sing N N 344 
TYR CG  CD1  doub Y N 345 
TYR CG  CD2  sing Y N 346 
TYR CD1 CE1  sing Y N 347 
TYR CD1 HD1  sing N N 348 
TYR CD2 CE2  doub Y N 349 
TYR CD2 HD2  sing N N 350 
TYR CE1 CZ   doub Y N 351 
TYR CE1 HE1  sing N N 352 
TYR CE2 CZ   sing Y N 353 
TYR CE2 HE2  sing N N 354 
TYR CZ  OH   sing N N 355 
TYR OH  HH   sing N N 356 
TYR OXT HXT  sing N N 357 
VAL N   CA   sing N N 358 
VAL N   H    sing N N 359 
VAL N   H2   sing N N 360 
VAL CA  C    sing N N 361 
VAL CA  CB   sing N N 362 
VAL CA  HA   sing N N 363 
VAL C   O    doub N N 364 
VAL C   OXT  sing N N 365 
VAL CB  CG1  sing N N 366 
VAL CB  CG2  sing N N 367 
VAL CB  HB   sing N N 368 
VAL CG1 HG11 sing N N 369 
VAL CG1 HG12 sing N N 370 
VAL CG1 HG13 sing N N 371 
VAL CG2 HG21 sing N N 372 
VAL CG2 HG22 sing N N 373 
VAL CG2 HG23 sing N N 374 
VAL OXT HXT  sing N N 375 
# 
_atom_sites.entry_id                    2YXM 
_atom_sites.fract_transf_matrix[1][1]   0.00362886 
_atom_sites.fract_transf_matrix[1][2]   -0.00062953 
_atom_sites.fract_transf_matrix[1][3]   -0.01773766 
_atom_sites.fract_transf_matrix[2][1]   0.00862175 
_atom_sites.fract_transf_matrix[2][2]   -0.01576252 
_atom_sites.fract_transf_matrix[2][3]   0.00232331 
_atom_sites.fract_transf_matrix[3][1]   -0.01221017 
_atom_sites.fract_transf_matrix[3][2]   -0.00701022 
_atom_sites.fract_transf_matrix[3][3]   -0.00224922 
_atom_sites.fract_transf_vector[1]      0.747623 
_atom_sites.fract_transf_vector[2]      0.497092 
_atom_sites.fract_transf_vector[3]      0.157367 
# 
loop_
_atom_type.symbol 
C 
N 
O 
S 
# 
loop_
_atom_site.group_PDB 
_atom_site.id 
_atom_site.type_symbol 
_atom_site.label_atom_id 
_atom_site.label_alt_id 
_atom_site.label_comp_id 
_atom_site.label_asym_id 
_atom_site.label_entity_id 
_atom_site.label_seq_id 
_atom_site.pdbx_PDB_ins_code 
_atom_site.Cartn_x 
_atom_site.Cartn_y 
_atom_site.Cartn_z 
_atom_site.occupancy 
_atom_site.B_iso_or_equiv 
_atom_site.pdbx_formal_charge 
_atom_site.auth_seq_id 
_atom_site.auth_comp_id 
_atom_site.auth_asym_id 
_atom_site.auth_atom_id 
_atom_site.pdbx_PDB_model_num 
ATOM   1   N N   . SER A 1 3  ? -6.374  17.489  18.537  1.00 30.33 ? 3   SER A N   1 
ATOM   2   C CA  . SER A 1 3  ? -7.148  16.974  17.371  1.00 28.69 ? 3   SER A CA  1 
ATOM   3   C C   . SER A 1 3  ? -6.266  16.165  16.434  1.00 27.87 ? 3   SER A C   1 
ATOM   4   O O   . SER A 1 3  ? -5.071  16.431  16.302  1.00 29.04 ? 3   SER A O   1 
ATOM   5   C CB  . SER A 1 3  ? -7.775  18.135  16.593  1.00 29.70 ? 3   SER A CB  1 
ATOM   6   O OG  . SER A 1 3  ? -8.395  17.674  15.400  1.00 27.22 ? 3   SER A OG  1 
ATOM   7   N N   . GLY A 1 4  ? -6.867  15.175  15.782  1.00 24.91 ? 4   GLY A N   1 
ATOM   8   C CA  . GLY A 1 4  ? -6.123  14.347  14.855  1.00 22.28 ? 4   GLY A CA  1 
ATOM   9   C C   . GLY A 1 4  ? -5.688  15.142  13.638  1.00 19.94 ? 4   GLY A C   1 
ATOM   10  O O   . GLY A 1 4  ? -4.874  14.674  12.847  1.00 19.83 ? 4   GLY A O   1 
ATOM   11  N N   . SER A 1 5  ? -6.230  16.347  13.488  1.00 18.63 ? 5   SER A N   1 
ATOM   12  C CA  . SER A 1 5  ? -5.893  17.204  12.355  1.00 18.29 ? 5   SER A CA  1 
ATOM   13  C C   . SER A 1 5  ? -4.395  17.477  12.274  1.00 18.13 ? 5   SER A C   1 
ATOM   14  O O   . SER A 1 5  ? -3.814  17.468  11.191  1.00 16.50 ? 5   SER A O   1 
ATOM   15  C CB  . SER A 1 5  ? -6.644  18.536  12.456  1.00 20.18 ? 5   SER A CB  1 
ATOM   16  O OG  . SER A 1 5  ? -6.235  19.427  11.433  1.00 25.17 ? 5   SER A OG  1 
ATOM   17  N N   . SER A 1 6  ? -3.771  17.714  13.422  1.00 18.80 ? 6   SER A N   1 
ATOM   18  C CA  . SER A 1 6  ? -2.340  17.994  13.447  1.00 20.00 ? 6   SER A CA  1 
ATOM   19  C C   . SER A 1 6  ? -1.506  16.748  13.159  1.00 19.15 ? 6   SER A C   1 
ATOM   20  O O   . SER A 1 6  ? -0.276  16.812  13.114  1.00 20.29 ? 6   SER A O   1 
ATOM   21  C CB  . SER A 1 6  ? -1.941  18.589  14.803  1.00 22.48 ? 6   SER A CB  1 
ATOM   22  O OG  . SER A 1 6  ? -2.203  17.684  15.861  1.00 27.57 ? 6   SER A OG  1 
ATOM   23  N N   . GLY A 1 7  ? -2.177  15.618  12.958  1.00 17.03 ? 7   GLY A N   1 
ATOM   24  C CA  . GLY A 1 7  ? -1.472  14.383  12.669  1.00 15.68 ? 7   GLY A CA  1 
ATOM   25  C C   . GLY A 1 7  ? -1.681  13.895  11.246  1.00 15.09 ? 7   GLY A C   1 
ATOM   26  O O   . GLY A 1 7  ? -1.208  12.819  10.879  1.00 16.22 ? 7   GLY A O   1 
ATOM   27  N N   . ALA A 1 8  ? -2.387  14.681  10.438  1.00 13.27 ? 8   ALA A N   1 
ATOM   28  C CA  . ALA A 1 8  ? -2.654  14.298  9.052   1.00 12.78 ? 8   ALA A CA  1 
ATOM   29  C C   . ALA A 1 8  ? -1.343  14.031  8.326   1.00 13.92 ? 8   ALA A C   1 
ATOM   30  O O   . ALA A 1 8  ? -0.450  14.880  8.309   1.00 15.29 ? 8   ALA A O   1 
ATOM   31  C CB  . ALA A 1 8  ? -3.432  15.398  8.346   1.00 12.71 ? 8   ALA A CB  1 
ATOM   32  N N   . ALA A 1 9  ? -1.237  12.856  7.714   1.00 14.16 ? 9   ALA A N   1 
ATOM   33  C CA  . ALA A 1 9  ? -0.015  12.474  7.016   1.00 14.34 ? 9   ALA A CA  1 
ATOM   34  C C   . ALA A 1 9  ? -0.196  12.074  5.555   1.00 15.33 ? 9   ALA A C   1 
ATOM   35  O O   . ALA A 1 9  ? 0.774   12.032  4.801   1.00 17.16 ? 9   ALA A O   1 
ATOM   36  C CB  . ALA A 1 9  ? 0.658   11.332  7.769   1.00 16.14 ? 9   ALA A CB  1 
ATOM   37  N N   . PHE A 1 10 ? -1.428  11.785  5.154   1.00 13.04 ? 10  PHE A N   1 
ATOM   38  C CA  . PHE A 1 10 ? -1.695  11.362  3.783   1.00 12.70 ? 10  PHE A CA  1 
ATOM   39  C C   . PHE A 1 10 ? -2.233  12.457  2.877   1.00 12.02 ? 10  PHE A C   1 
ATOM   40  O O   . PHE A 1 10 ? -3.327  12.974  3.106   1.00 12.56 ? 10  PHE A O   1 
ATOM   41  C CB  . PHE A 1 10 ? -2.705  10.205  3.767   1.00 12.02 ? 10  PHE A CB  1 
ATOM   42  C CG  . PHE A 1 10 ? -2.168  8.903   4.299   1.00 13.50 ? 10  PHE A CG  1 
ATOM   43  C CD1 . PHE A 1 10 ? -1.262  8.150   3.555   1.00 13.80 ? 10  PHE A CD1 1 
ATOM   44  C CD2 . PHE A 1 10 ? -2.597  8.414   5.525   1.00 15.54 ? 10  PHE A CD2 1 
ATOM   45  C CE1 . PHE A 1 10 ? -0.797  6.925   4.028   1.00 13.92 ? 10  PHE A CE1 1 
ATOM   46  C CE2 . PHE A 1 10 ? -2.138  7.190   6.009   1.00 15.86 ? 10  PHE A CE2 1 
ATOM   47  C CZ  . PHE A 1 10 ? -1.238  6.444   5.261   1.00 13.46 ? 10  PHE A CZ  1 
ATOM   48  N N   . ALA A 1 11 ? -1.466  12.806  1.848   1.00 12.81 ? 11  ALA A N   1 
ATOM   49  C CA  . ALA A 1 11 ? -1.911  13.795  0.875   1.00 12.30 ? 11  ALA A CA  1 
ATOM   50  C C   . ALA A 1 11 ? -2.853  13.047  -0.069  1.00 11.69 ? 11  ALA A C   1 
ATOM   51  O O   . ALA A 1 11 ? -3.821  13.603  -0.579  1.00 11.26 ? 11  ALA A O   1 
ATOM   52  C CB  . ALA A 1 11 ? -0.720  14.363  0.100   1.00 12.62 ? 11  ALA A CB  1 
ATOM   53  N N   . LYS A 1 12 ? -2.559  11.768  -0.289  1.00 12.34 ? 12  LYS A N   1 
ATOM   54  C CA  . LYS A 1 12 ? -3.384  10.924  -1.141  1.00 12.83 ? 12  LYS A CA  1 
ATOM   55  C C   . LYS A 1 12 ? -3.394  9.530   -0.520  1.00 12.16 ? 12  LYS A C   1 
ATOM   56  O O   . LYS A 1 12 ? -2.340  8.987   -0.195  1.00 12.68 ? 12  LYS A O   1 
ATOM   57  C CB  . LYS A 1 12 ? -2.802  10.880  -2.558  1.00 16.20 ? 12  LYS A CB  1 
ATOM   58  C CG  . LYS A 1 12 ? -3.734  10.295  -3.608  1.00 20.73 ? 12  LYS A CG  1 
ATOM   59  C CD  . LYS A 1 12 ? -3.209  10.557  -5.022  1.00 24.28 ? 12  LYS A CD  1 
ATOM   60  C CE  . LYS A 1 12 ? -3.190  12.046  -5.352  1.00 26.66 ? 12  LYS A CE  1 
ATOM   61  N NZ  . LYS A 1 12 ? -2.735  12.319  -6.749  1.00 29.34 ? 12  LYS A NZ  1 
ATOM   62  N N   . ILE A 1 13 ? -4.581  8.964   -0.325  1.00 11.02 ? 13  ILE A N   1 
ATOM   63  C CA  . ILE A 1 13 ? -4.683  7.632   0.261   1.00 10.88 ? 13  ILE A CA  1 
ATOM   64  C C   . ILE A 1 13 ? -4.961  6.580   -0.805  1.00 10.25 ? 13  ILE A C   1 
ATOM   65  O O   . ILE A 1 13 ? -5.128  6.899   -1.981  1.00 11.56 ? 13  ILE A O   1 
ATOM   66  C CB  . ILE A 1 13 ? -5.803  7.547   1.331   1.00 11.99 ? 13  ILE A CB  1 
ATOM   67  C CG1 . ILE A 1 13 ? -7.160  7.872   0.708   1.00 15.63 ? 13  ILE A CG1 1 
ATOM   68  C CG2 . ILE A 1 13 ? -5.488  8.485   2.496   1.00 13.35 ? 13  ILE A CG2 1 
ATOM   69  C CD1 . ILE A 1 13 ? -8.328  7.399   1.551   1.00 17.39 ? 13  ILE A CD1 1 
ATOM   70  N N   . LEU A 1 14 ? -4.996  5.320   -0.386  1.00 9.83  ? 14  LEU A N   1 
ATOM   71  C CA  . LEU A 1 14 ? -5.262  4.215   -1.302  1.00 10.39 ? 14  LEU A CA  1 
ATOM   72  C C   . LEU A 1 14 ? -6.698  4.243   -1.807  1.00 10.95 ? 14  LEU A C   1 
ATOM   73  O O   . LEU A 1 14 ? -7.595  4.722   -1.114  1.00 11.06 ? 14  LEU A O   1 
ATOM   74  C CB  . LEU A 1 14 ? -5.030  2.883   -0.593  1.00 10.60 ? 14  LEU A CB  1 
ATOM   75  C CG  . LEU A 1 14 ? -3.601  2.531   -0.186  1.00 9.61  ? 14  LEU A CG  1 
ATOM   76  C CD1 . LEU A 1 14 ? -3.626  1.303   0.715   1.00 12.19 ? 14  LEU A CD1 1 
ATOM   77  C CD2 . LEU A 1 14 ? -2.763  2.279   -1.435  1.00 12.29 ? 14  LEU A CD2 1 
ATOM   78  N N   . ASP A 1 15 ? -6.913  3.734   -3.019  1.00 11.65 ? 15  ASP A N   1 
ATOM   79  C CA  . ASP A 1 15 ? -8.264  3.659   -3.563  1.00 11.28 ? 15  ASP A CA  1 
ATOM   80  C C   . ASP A 1 15 ? -8.982  2.604   -2.719  1.00 11.29 ? 15  ASP A C   1 
ATOM   81  O O   . ASP A 1 15 ? -8.341  1.785   -2.053  1.00 11.02 ? 15  ASP A O   1 
ATOM   82  C CB  . ASP A 1 15 ? -8.268  3.184   -5.023  1.00 12.01 ? 15  ASP A CB  1 
ATOM   83  C CG  . ASP A 1 15 ? -7.576  4.143   -5.973  1.00 14.47 ? 15  ASP A CG  1 
ATOM   84  O OD1 . ASP A 1 15 ? -7.412  5.335   -5.636  1.00 15.73 ? 15  ASP A OD1 1 
ATOM   85  O OD2 . ASP A 1 15 ? -7.214  3.697   -7.086  1.00 14.55 ? 15  ASP A OD2 1 
ATOM   86  N N   . PRO A 1 16 ? -10.324 2.598   -2.747  1.00 11.86 ? 16  PRO A N   1 
ATOM   87  C CA  . PRO A 1 16 ? -11.129 1.641   -1.983  1.00 12.57 ? 16  PRO A CA  1 
ATOM   88  C C   . PRO A 1 16 ? -10.835 0.175   -2.308  1.00 11.96 ? 16  PRO A C   1 
ATOM   89  O O   . PRO A 1 16 ? -10.858 -0.685  -1.426  1.00 13.00 ? 16  PRO A O   1 
ATOM   90  C CB  . PRO A 1 16 ? -12.559 2.027   -2.353  1.00 12.63 ? 16  PRO A CB  1 
ATOM   91  C CG  . PRO A 1 16 ? -12.463 3.484   -2.593  1.00 14.71 ? 16  PRO A CG  1 
ATOM   92  C CD  . PRO A 1 16 ? -11.185 3.606   -3.390  1.00 13.13 ? 16  PRO A CD  1 
ATOM   93  N N   . ALA A 1 17 ? -10.561 -0.102  -3.579  1.00 11.84 ? 17  ALA A N   1 
ATOM   94  C CA  . ALA A 1 17 ? -10.282 -1.461  -4.021  1.00 10.33 ? 17  ALA A CA  1 
ATOM   95  C C   . ALA A 1 17 ? -9.571  -1.439  -5.366  1.00 10.07 ? 17  ALA A C   1 
ATOM   96  O O   . ALA A 1 17 ? -9.685  -0.479  -6.126  1.00 10.61 ? 17  ALA A O   1 
ATOM   97  C CB  . ALA A 1 17 ? -11.585 -2.248  -4.141  1.00 12.25 ? 17  ALA A CB  1 
ATOM   98  N N   . TYR A 1 18 ? -8.841  -2.513  -5.643  1.00 10.20 ? 18  TYR A N   1 
ATOM   99  C CA  . TYR A 1 18 ? -8.098  -2.676  -6.889  1.00 9.70  ? 18  TYR A CA  1 
ATOM   100 C C   . TYR A 1 18 ? -8.351  -4.099  -7.372  1.00 10.09 ? 18  TYR A C   1 
ATOM   101 O O   . TYR A 1 18 ? -8.719  -4.967  -6.586  1.00 10.98 ? 18  TYR A O   1 
ATOM   102 C CB  . TYR A 1 18 ? -6.591  -2.534  -6.653  1.00 10.59 ? 18  TYR A CB  1 
ATOM   103 C CG  . TYR A 1 18 ? -6.138  -1.193  -6.133  1.00 9.37  ? 18  TYR A CG  1 
ATOM   104 C CD1 . TYR A 1 18 ? -5.537  -0.264  -6.978  1.00 10.15 ? 18  TYR A CD1 1 
ATOM   105 C CD2 . TYR A 1 18 ? -6.278  -0.864  -4.784  1.00 10.10 ? 18  TYR A CD2 1 
ATOM   106 C CE1 . TYR A 1 18 ? -5.079  0.962   -6.497  1.00 11.08 ? 18  TYR A CE1 1 
ATOM   107 C CE2 . TYR A 1 18 ? -5.826  0.357   -4.291  1.00 10.90 ? 18  TYR A CE2 1 
ATOM   108 C CZ  . TYR A 1 18 ? -5.227  1.263   -5.153  1.00 10.59 ? 18  TYR A CZ  1 
ATOM   109 O OH  . TYR A 1 18 ? -4.759  2.464   -4.677  1.00 13.17 ? 18  TYR A OH  1 
ATOM   110 N N   . GLN A 1 19 ? -8.150  -4.337  -8.661  1.00 11.26 ? 19  GLN A N   1 
ATOM   111 C CA  . GLN A 1 19 ? -8.317  -5.677  -9.201  1.00 11.16 ? 19  GLN A CA  1 
ATOM   112 C C   . GLN A 1 19 ? -7.088  -6.012  -10.029 1.00 12.13 ? 19  GLN A C   1 
ATOM   113 O O   . GLN A 1 19 ? -6.336  -5.122  -10.431 1.00 13.33 ? 19  GLN A O   1 
ATOM   114 C CB  . GLN A 1 19 ? -9.592  -5.778  -10.052 1.00 12.46 ? 19  GLN A CB  1 
ATOM   115 C CG  . GLN A 1 19 ? -9.552  -5.074  -11.400 1.00 13.88 ? 19  GLN A CG  1 
ATOM   116 C CD  . GLN A 1 19 ? -8.894  -5.909  -12.489 1.00 14.56 ? 19  GLN A CD  1 
ATOM   117 O OE1 . GLN A 1 19 ? -9.211  -7.085  -12.662 1.00 17.33 ? 19  GLN A OE1 1 
ATOM   118 N NE2 . GLN A 1 19 ? -7.988  -5.297  -13.240 1.00 16.04 ? 19  GLN A NE2 1 
ATOM   119 N N   . VAL A 1 20 ? -6.877  -7.300  -10.261 1.00 11.89 ? 20  VAL A N   1 
ATOM   120 C CA  . VAL A 1 20 ? -5.734  -7.746  -11.042 1.00 12.90 ? 20  VAL A CA  1 
ATOM   121 C C   . VAL A 1 20 ? -6.020  -9.151  -11.557 1.00 13.67 ? 20  VAL A C   1 
ATOM   122 O O   . VAL A 1 20 ? -6.731  -9.925  -10.912 1.00 13.61 ? 20  VAL A O   1 
ATOM   123 C CB  . VAL A 1 20 ? -4.443  -7.757  -10.174 1.00 12.32 ? 20  VAL A CB  1 
ATOM   124 C CG1 . VAL A 1 20 ? -4.583  -8.767  -9.047  1.00 13.17 ? 20  VAL A CG1 1 
ATOM   125 C CG2 . VAL A 1 20 ? -3.223  -8.066  -11.032 1.00 14.58 ? 20  VAL A CG2 1 
ATOM   126 N N   . ASP A 1 21 ? -5.483  -9.465  -12.730 1.00 16.16 ? 21  ASP A N   1 
ATOM   127 C CA  . ASP A 1 21 ? -5.663  -10.788 -13.312 1.00 18.13 ? 21  ASP A CA  1 
ATOM   128 C C   . ASP A 1 21 ? -4.631  -11.724 -12.701 1.00 18.57 ? 21  ASP A C   1 
ATOM   129 O O   . ASP A 1 21 ? -3.548  -11.284 -12.310 1.00 18.15 ? 21  ASP A O   1 
ATOM   130 C CB  . ASP A 1 21 ? -5.460  -10.748 -14.829 1.00 21.04 ? 21  ASP A CB  1 
ATOM   131 C CG  . ASP A 1 21 ? -6.609  -10.084 -15.555 1.00 24.73 ? 21  ASP A CG  1 
ATOM   132 O OD1 . ASP A 1 21 ? -7.764  -10.493 -15.324 1.00 27.71 ? 21  ASP A OD1 1 
ATOM   133 O OD2 . ASP A 1 21 ? -6.357  -9.161  -16.359 1.00 30.18 ? 21  ASP A OD2 1 
ATOM   134 N N   . LYS A 1 22 ? -4.967  -13.007 -12.613 1.00 18.71 ? 22  LYS A N   1 
ATOM   135 C CA  . LYS A 1 22 ? -4.040  -13.989 -12.063 1.00 18.73 ? 22  LYS A CA  1 
ATOM   136 C C   . LYS A 1 22 ? -2.729  -13.923 -12.832 1.00 18.90 ? 22  LYS A C   1 
ATOM   137 O O   . LYS A 1 22 ? -2.725  -13.876 -14.066 1.00 18.82 ? 22  LYS A O   1 
ATOM   138 C CB  . LYS A 1 22 ? -4.619  -15.401 -12.165 1.00 22.10 ? 22  LYS A CB  1 
ATOM   139 C CG  . LYS A 1 22 ? -5.795  -15.664 -11.243 1.00 24.71 ? 22  LYS A CG  1 
ATOM   140 C CD  . LYS A 1 22 ? -6.253  -17.111 -11.346 1.00 27.22 ? 22  LYS A CD  1 
ATOM   141 C CE  . LYS A 1 22 ? -7.385  -17.404 -10.376 1.00 29.70 ? 22  LYS A CE  1 
ATOM   142 N NZ  . LYS A 1 22 ? -7.853  -18.813 -10.492 1.00 31.70 ? 22  LYS A NZ  1 
ATOM   143 N N   . GLY A 1 23 ? -1.622  -13.918 -12.096 1.00 17.58 ? 23  GLY A N   1 
ATOM   144 C CA  . GLY A 1 23 ? -0.310  -13.851 -12.714 1.00 18.87 ? 23  GLY A CA  1 
ATOM   145 C C   . GLY A 1 23 ? 0.104   -12.428 -13.037 1.00 17.70 ? 23  GLY A C   1 
ATOM   146 O O   . GLY A 1 23 ? 1.241   -12.177 -13.443 1.00 18.46 ? 23  GLY A O   1 
ATOM   147 N N   . GLY A 1 24 ? -0.820  -11.492 -12.846 1.00 16.08 ? 24  GLY A N   1 
ATOM   148 C CA  . GLY A 1 24 ? -0.534  -10.102 -13.138 1.00 15.83 ? 24  GLY A CA  1 
ATOM   149 C C   . GLY A 1 24 ? 0.094   -9.338  -11.988 1.00 15.44 ? 24  GLY A C   1 
ATOM   150 O O   . GLY A 1 24 ? 0.315   -9.880  -10.907 1.00 15.12 ? 24  GLY A O   1 
ATOM   151 N N   . ARG A 1 25 ? 0.371   -8.064  -12.228 1.00 14.98 ? 25  ARG A N   1 
ATOM   152 C CA  . ARG A 1 25 ? 0.986   -7.212  -11.221 1.00 14.18 ? 25  ARG A CA  1 
ATOM   153 C C   . ARG A 1 25 ? 0.080   -6.039  -10.879 1.00 14.35 ? 25  ARG A C   1 
ATOM   154 O O   . ARG A 1 25 ? -0.518  -5.432  -11.766 1.00 15.05 ? 25  ARG A O   1 
ATOM   155 C CB  . ARG A 1 25 ? 2.320   -6.678  -11.745 1.00 14.29 ? 25  ARG A CB  1 
ATOM   156 C CG  . ARG A 1 25 ? 3.121   -5.909  -10.720 1.00 17.90 ? 25  ARG A CG  1 
ATOM   157 C CD  . ARG A 1 25 ? 4.303   -5.201  -11.358 1.00 17.42 ? 25  ARG A CD  1 
ATOM   158 N NE  . ARG A 1 25 ? 3.910   -3.961  -12.024 1.00 18.99 ? 25  ARG A NE  1 
ATOM   159 C CZ  . ARG A 1 25 ? 4.772   -3.080  -12.522 1.00 20.46 ? 25  ARG A CZ  1 
ATOM   160 N NH1 . ARG A 1 25 ? 6.078   -3.306  -12.441 1.00 22.01 ? 25  ARG A NH1 1 
ATOM   161 N NH2 . ARG A 1 25 ? 4.333   -1.959  -13.076 1.00 21.98 ? 25  ARG A NH2 1 
ATOM   162 N N   . VAL A 1 26 ? -0.020  -5.721  -9.592  1.00 12.54 ? 26  VAL A N   1 
ATOM   163 C CA  . VAL A 1 26 ? -0.833  -4.596  -9.154  1.00 13.49 ? 26  VAL A CA  1 
ATOM   164 C C   . VAL A 1 26 ? 0.076   -3.543  -8.518  1.00 12.51 ? 26  VAL A C   1 
ATOM   165 O O   . VAL A 1 26 ? 1.104   -3.870  -7.919  1.00 12.28 ? 26  VAL A O   1 
ATOM   166 C CB  . VAL A 1 26 ? -1.926  -5.039  -8.143  1.00 14.32 ? 26  VAL A CB  1 
ATOM   167 C CG1 . VAL A 1 26 ? -1.289  -5.575  -6.870  1.00 16.03 ? 26  VAL A CG1 1 
ATOM   168 C CG2 . VAL A 1 26 ? -2.862  -3.874  -7.838  1.00 16.69 ? 26  VAL A CG2 1 
ATOM   169 N N   . ARG A 1 27 ? -0.297  -2.278  -8.675  1.00 12.30 ? 27  ARG A N   1 
ATOM   170 C CA  . ARG A 1 27 ? 0.475   -1.173  -8.124  1.00 13.09 ? 27  ARG A CA  1 
ATOM   171 C C   . ARG A 1 27 ? -0.378  -0.345  -7.167  1.00 13.78 ? 27  ARG A C   1 
ATOM   172 O O   . ARG A 1 27 ? -1.429  0.167   -7.554  1.00 15.63 ? 27  ARG A O   1 
ATOM   173 C CB  . ARG A 1 27 ? 0.977   -0.270  -9.259  1.00 15.02 ? 27  ARG A CB  1 
ATOM   174 C CG  . ARG A 1 27 ? 1.878   0.863   -8.806  1.00 17.82 ? 27  ARG A CG  1 
ATOM   175 C CD  . ARG A 1 27 ? 2.037   1.892   -9.915  1.00 23.60 ? 27  ARG A CD  1 
ATOM   176 N NE  . ARG A 1 27 ? 2.942   2.976   -9.547  1.00 28.36 ? 27  ARG A NE  1 
ATOM   177 C CZ  . ARG A 1 27 ? 2.961   4.161   -10.147 1.00 29.58 ? 27  ARG A CZ  1 
ATOM   178 N NH1 . ARG A 1 27 ? 3.820   5.093   -9.756  1.00 30.35 ? 27  ARG A NH1 1 
ATOM   179 N NH2 . ARG A 1 27 ? 2.111   4.418   -11.130 1.00 32.45 ? 27  ARG A NH2 1 
ATOM   180 N N   . PHE A 1 28 ? 0.067   -0.237  -5.915  1.00 12.40 ? 28  PHE A N   1 
ATOM   181 C CA  . PHE A 1 28 ? -0.633  0.560   -4.907  1.00 11.46 ? 28  PHE A CA  1 
ATOM   182 C C   . PHE A 1 28 ? 0.196   1.820   -4.717  1.00 12.08 ? 28  PHE A C   1 
ATOM   183 O O   . PHE A 1 28 ? 1.422   1.746   -4.617  1.00 12.15 ? 28  PHE A O   1 
ATOM   184 C CB  . PHE A 1 28 ? -0.698  -0.145  -3.542  1.00 10.58 ? 28  PHE A CB  1 
ATOM   185 C CG  . PHE A 1 28 ? -1.524  -1.402  -3.515  1.00 11.62 ? 28  PHE A CG  1 
ATOM   186 C CD1 . PHE A 1 28 ? -2.603  -1.584  -4.372  1.00 13.65 ? 28  PHE A CD1 1 
ATOM   187 C CD2 . PHE A 1 28 ? -1.245  -2.387  -2.575  1.00 15.01 ? 28  PHE A CD2 1 
ATOM   188 C CE1 . PHE A 1 28 ? -3.387  -2.731  -4.290  1.00 15.38 ? 28  PHE A CE1 1 
ATOM   189 C CE2 . PHE A 1 28 ? -2.024  -3.536  -2.485  1.00 15.28 ? 28  PHE A CE2 1 
ATOM   190 C CZ  . PHE A 1 28 ? -3.096  -3.707  -3.346  1.00 14.01 ? 28  PHE A CZ  1 
ATOM   191 N N   . VAL A 1 29 ? -0.458  2.974   -4.645  1.00 12.73 ? 29  VAL A N   1 
ATOM   192 C CA  . VAL A 1 29 ? 0.265   4.221   -4.453  1.00 13.47 ? 29  VAL A CA  1 
ATOM   193 C C   . VAL A 1 29 ? -0.415  5.141   -3.450  1.00 13.80 ? 29  VAL A C   1 
ATOM   194 O O   . VAL A 1 29 ? -1.638  5.280   -3.449  1.00 13.80 ? 29  VAL A O   1 
ATOM   195 C CB  . VAL A 1 29 ? 0.398   5.009   -5.780  1.00 14.84 ? 29  VAL A CB  1 
ATOM   196 C CG1 . VAL A 1 29 ? 1.284   6.236   -5.577  1.00 15.79 ? 29  VAL A CG1 1 
ATOM   197 C CG2 . VAL A 1 29 ? 0.956   4.110   -6.871  1.00 16.36 ? 29  VAL A CG2 1 
ATOM   198 N N   . VAL A 1 30 ? 0.383   5.739   -2.573  1.00 13.28 ? 30  VAL A N   1 
ATOM   199 C CA  . VAL A 1 30 ? -0.131  6.721   -1.624  1.00 13.19 ? 30  VAL A CA  1 
ATOM   200 C C   . VAL A 1 30 ? 0.838   7.887   -1.697  1.00 13.44 ? 30  VAL A C   1 
ATOM   201 O O   . VAL A 1 30 ? 1.975   7.732   -2.144  1.00 13.87 ? 30  VAL A O   1 
ATOM   202 C CB  . VAL A 1 30 ? -0.204  6.205   -0.157  1.00 14.28 ? 30  VAL A CB  1 
ATOM   203 C CG1 . VAL A 1 30 ? -1.262  5.117   -0.045  1.00 13.43 ? 30  VAL A CG1 1 
ATOM   204 C CG2 . VAL A 1 30 ? 1.156   5.717   0.312   1.00 13.30 ? 30  VAL A CG2 1 
ATOM   205 N N   . GLU A 1 31 ? 0.386   9.065   -1.293  1.00 13.52 ? 31  GLU A N   1 
ATOM   206 C CA  . GLU A 1 31 ? 1.248   10.233  -1.311  1.00 14.61 ? 31  GLU A CA  1 
ATOM   207 C C   . GLU A 1 31 ? 1.286   10.811  0.088   1.00 14.43 ? 31  GLU A C   1 
ATOM   208 O O   . GLU A 1 31 ? 0.246   11.017  0.715   1.00 14.46 ? 31  GLU A O   1 
ATOM   209 C CB  . GLU A 1 31 ? 0.724   11.284  -2.290  1.00 15.67 ? 31  GLU A CB  1 
ATOM   210 C CG  . GLU A 1 31 ? 1.717   12.401  -2.576  1.00 21.60 ? 31  GLU A CG  1 
ATOM   211 C CD  . GLU A 1 31 ? 1.104   13.521  -3.393  1.00 24.42 ? 31  GLU A CD  1 
ATOM   212 O OE1 . GLU A 1 31 ? 0.359   13.217  -4.347  1.00 25.36 ? 31  GLU A OE1 1 
ATOM   213 O OE2 . GLU A 1 31 ? 1.376   14.702  -3.085  1.00 29.19 ? 31  GLU A OE2 1 
ATOM   214 N N   . LEU A 1 32 ? 2.493   11.054  0.585   1.00 14.52 ? 32  LEU A N   1 
ATOM   215 C CA  . LEU A 1 32 ? 2.668   11.615  1.910   1.00 16.26 ? 32  LEU A CA  1 
ATOM   216 C C   . LEU A 1 32 ? 2.885   13.112  1.785   1.00 16.94 ? 32  LEU A C   1 
ATOM   217 O O   . LEU A 1 32 ? 3.248   13.612  0.720   1.00 19.36 ? 32  LEU A O   1 
ATOM   218 C CB  . LEU A 1 32 ? 3.884   10.991  2.600   1.00 16.38 ? 32  LEU A CB  1 
ATOM   219 C CG  . LEU A 1 32 ? 3.916   9.468   2.702   1.00 18.53 ? 32  LEU A CG  1 
ATOM   220 C CD1 . LEU A 1 32 ? 5.137   9.045   3.507   1.00 20.36 ? 32  LEU A CD1 1 
ATOM   221 C CD2 . LEU A 1 32 ? 2.640   8.964   3.357   1.00 20.08 ? 32  LEU A CD2 1 
ATOM   222 N N   . ALA A 1 33 ? 2.653   13.829  2.877   1.00 19.98 ? 33  ALA A N   1 
ATOM   223 C CA  . ALA A 1 33 ? 2.868   15.267  2.883   1.00 21.05 ? 33  ALA A CA  1 
ATOM   224 C C   . ALA A 1 33 ? 4.364   15.475  3.069   1.00 22.58 ? 33  ALA A C   1 
ATOM   225 O O   . ALA A 1 33 ? 4.964   16.364  2.463   1.00 22.47 ? 33  ALA A O   1 
ATOM   226 C CB  . ALA A 1 33 ? 2.099   15.907  4.029   1.00 21.63 ? 33  ALA A CB  1 
ATOM   227 N N   . ASP A 1 34 ? 4.957   14.625  3.904   1.00 23.22 ? 34  ASP A N   1 
ATOM   228 C CA  . ASP A 1 34 ? 6.383   14.679  4.213   1.00 25.11 ? 34  ASP A CA  1 
ATOM   229 C C   . ASP A 1 34 ? 7.146   13.636  3.394   1.00 26.61 ? 34  ASP A C   1 
ATOM   230 O O   . ASP A 1 34 ? 6.996   12.435  3.614   1.00 26.07 ? 34  ASP A O   1 
ATOM   231 C CB  . ASP A 1 34 ? 6.591   14.402  5.703   1.00 26.26 ? 34  ASP A CB  1 
ATOM   232 C CG  . ASP A 1 34 ? 8.005   14.693  6.162   1.00 27.92 ? 34  ASP A CG  1 
ATOM   233 O OD1 . ASP A 1 34 ? 8.955   14.357  5.427   1.00 29.50 ? 34  ASP A OD1 1 
ATOM   234 O OD2 . ASP A 1 34 ? 8.165   15.251  7.267   1.00 32.64 ? 34  ASP A OD2 1 
ATOM   235 N N   . PRO A 1 35 ? 7.986   14.086  2.446   1.00 27.40 ? 35  PRO A N   1 
ATOM   236 C CA  . PRO A 1 35 ? 8.763   13.176  1.600   1.00 28.77 ? 35  PRO A CA  1 
ATOM   237 C C   . PRO A 1 35 ? 9.799   12.339  2.348   1.00 29.80 ? 35  PRO A C   1 
ATOM   238 O O   . PRO A 1 35 ? 10.365  11.400  1.787   1.00 29.95 ? 35  PRO A O   1 
ATOM   239 C CB  . PRO A 1 35 ? 9.403   14.120  0.584   1.00 29.36 ? 35  PRO A CB  1 
ATOM   240 C CG  . PRO A 1 35 ? 9.612   15.365  1.385   1.00 28.40 ? 35  PRO A CG  1 
ATOM   241 C CD  . PRO A 1 35 ? 8.298   15.491  2.127   1.00 27.50 ? 35  PRO A CD  1 
ATOM   242 N N   . LYS A 1 36 ? 10.042  12.672  3.611   1.00 31.06 ? 36  LYS A N   1 
ATOM   243 C CA  . LYS A 1 36 ? 11.018  11.939  4.410   1.00 31.88 ? 36  LYS A CA  1 
ATOM   244 C C   . LYS A 1 36 ? 10.368  10.935  5.357   1.00 31.44 ? 36  LYS A C   1 
ATOM   245 O O   . LYS A 1 36 ? 11.054  10.115  5.970   1.00 30.85 ? 36  LYS A O   1 
ATOM   246 C CB  . LYS A 1 36 ? 11.882  12.916  5.215   1.00 34.65 ? 36  LYS A CB  1 
ATOM   247 C CG  . LYS A 1 36 ? 12.656  13.917  4.365   1.00 37.54 ? 36  LYS A CG  1 
ATOM   248 C CD  . LYS A 1 36 ? 13.588  13.226  3.378   1.00 39.00 ? 36  LYS A CD  1 
ATOM   249 C CE  . LYS A 1 36 ? 14.661  12.414  4.091   1.00 40.60 ? 36  LYS A CE  1 
ATOM   250 N NZ  . LYS A 1 36 ? 15.570  11.725  3.134   1.00 41.44 ? 36  LYS A NZ  1 
ATOM   251 N N   . LEU A 1 37 ? 9.046   10.998  5.473   1.00 29.82 ? 37  LEU A N   1 
ATOM   252 C CA  . LEU A 1 37 ? 8.314   10.097  6.356   1.00 29.09 ? 37  LEU A CA  1 
ATOM   253 C C   . LEU A 1 37 ? 8.333   8.661   5.844   1.00 28.63 ? 37  LEU A C   1 
ATOM   254 O O   . LEU A 1 37 ? 8.160   8.413   4.650   1.00 28.30 ? 37  LEU A O   1 
ATOM   255 C CB  . LEU A 1 37 ? 6.867   10.573  6.511   1.00 29.28 ? 37  LEU A CB  1 
ATOM   256 C CG  . LEU A 1 37 ? 5.977   9.779   7.471   1.00 28.48 ? 37  LEU A CG  1 
ATOM   257 C CD1 . LEU A 1 37 ? 6.615   9.728   8.851   1.00 30.40 ? 37  LEU A CD1 1 
ATOM   258 C CD2 . LEU A 1 37 ? 4.606   10.426  7.540   1.00 29.83 ? 37  LEU A CD2 1 
ATOM   259 N N   . GLU A 1 38 ? 8.546   7.721   6.759   1.00 29.01 ? 38  GLU A N   1 
ATOM   260 C CA  . GLU A 1 38 ? 8.593   6.303   6.420   1.00 28.29 ? 38  GLU A CA  1 
ATOM   261 C C   . GLU A 1 38 ? 7.211   5.671   6.533   1.00 26.00 ? 38  GLU A C   1 
ATOM   262 O O   . GLU A 1 38 ? 6.381   6.103   7.331   1.00 26.33 ? 38  GLU A O   1 
ATOM   263 C CB  . GLU A 1 38 ? 9.562   5.573   7.355   1.00 31.69 ? 38  GLU A CB  1 
ATOM   264 C CG  . GLU A 1 38 ? 10.995  6.085   7.308   1.00 36.26 ? 38  GLU A CG  1 
ATOM   265 C CD  . GLU A 1 38 ? 11.693  5.768   6.000   1.00 38.30 ? 38  GLU A CD  1 
ATOM   266 O OE1 . GLU A 1 38 ? 11.211  6.216   4.938   1.00 40.80 ? 38  GLU A OE1 1 
ATOM   267 O OE2 . GLU A 1 38 ? 12.729  5.070   6.035   1.00 40.72 ? 38  GLU A OE2 1 
ATOM   268 N N   . VAL A 1 39 ? 6.968   4.642   5.729   1.00 21.71 ? 39  VAL A N   1 
ATOM   269 C CA  . VAL A 1 39 ? 5.687   3.952   5.756   1.00 19.28 ? 39  VAL A CA  1 
ATOM   270 C C   . VAL A 1 39 ? 5.896   2.451   5.889   1.00 16.86 ? 39  VAL A C   1 
ATOM   271 O O   . VAL A 1 39 ? 6.970   1.934   5.587   1.00 18.24 ? 39  VAL A O   1 
ATOM   272 C CB  . VAL A 1 39 ? 4.874   4.199   4.462   1.00 19.84 ? 39  VAL A CB  1 
ATOM   273 C CG1 . VAL A 1 39 ? 4.673   5.688   4.249   1.00 22.65 ? 39  VAL A CG1 1 
ATOM   274 C CG2 . VAL A 1 39 ? 5.584   3.575   3.270   1.00 21.65 ? 39  VAL A CG2 1 
ATOM   275 N N   . LYS A 1 40 ? 4.861   1.764   6.359   1.00 15.50 ? 40  LYS A N   1 
ATOM   276 C CA  . LYS A 1 40 ? 4.893   0.317   6.499   1.00 13.96 ? 40  LYS A CA  1 
ATOM   277 C C   . LYS A 1 40 ? 3.629   -0.239  5.857   1.00 12.78 ? 40  LYS A C   1 
ATOM   278 O O   . LYS A 1 40 ? 2.539   0.321   6.018   1.00 12.69 ? 40  LYS A O   1 
ATOM   279 C CB  . LYS A 1 40 ? 4.954   -0.099  7.969   1.00 15.37 ? 40  LYS A CB  1 
ATOM   280 C CG  . LYS A 1 40 ? 6.304   0.142   8.627   1.00 17.12 ? 40  LYS A CG  1 
ATOM   281 C CD  . LYS A 1 40 ? 6.305   -0.351  10.063  1.00 21.28 ? 40  LYS A CD  1 
ATOM   282 C CE  . LYS A 1 40 ? 7.672   -0.170  10.702  1.00 23.80 ? 40  LYS A CE  1 
ATOM   283 N NZ  . LYS A 1 40 ? 8.720   -0.955  9.991   1.00 27.26 ? 40  LYS A NZ  1 
ATOM   284 N N   . TRP A 1 41 ? 3.784   -1.331  5.119   1.00 11.52 ? 41  TRP A N   1 
ATOM   285 C CA  . TRP A 1 41 ? 2.659   -1.967  4.447   1.00 11.28 ? 41  TRP A CA  1 
ATOM   286 C C   . TRP A 1 41 ? 2.300   -3.265  5.152   1.00 11.36 ? 41  TRP A C   1 
ATOM   287 O O   . TRP A 1 41 ? 3.174   -3.970  5.651   1.00 11.71 ? 41  TRP A O   1 
ATOM   288 C CB  . TRP A 1 41 ? 2.995   -2.246  2.982   1.00 11.29 ? 41  TRP A CB  1 
ATOM   289 C CG  . TRP A 1 41 ? 3.256   -1.004  2.169   1.00 10.67 ? 41  TRP A CG  1 
ATOM   290 C CD1 . TRP A 1 41 ? 4.403   -0.267  2.142   1.00 12.20 ? 41  TRP A CD1 1 
ATOM   291 C CD2 . TRP A 1 41 ? 2.348   -0.368  1.261   1.00 11.74 ? 41  TRP A CD2 1 
ATOM   292 N NE1 . TRP A 1 41 ? 4.272   0.787   1.266   1.00 14.25 ? 41  TRP A NE1 1 
ATOM   293 C CE2 . TRP A 1 41 ? 3.020   0.749   0.712   1.00 11.62 ? 41  TRP A CE2 1 
ATOM   294 C CE3 . TRP A 1 41 ? 1.034   -0.633  0.857   1.00 12.48 ? 41  TRP A CE3 1 
ATOM   295 C CZ2 . TRP A 1 41 ? 2.419   1.602   -0.223  1.00 11.62 ? 41  TRP A CZ2 1 
ATOM   296 C CZ3 . TRP A 1 41 ? 0.436   0.216   -0.076  1.00 12.47 ? 41  TRP A CZ3 1 
ATOM   297 C CH2 . TRP A 1 41 ? 1.131   1.319   -0.602  1.00 12.55 ? 41  TRP A CH2 1 
ATOM   298 N N   . TYR A 1 42 ? 1.010   -3.580  5.170   1.00 11.23 ? 42  TYR A N   1 
ATOM   299 C CA  . TYR A 1 42 ? 0.516   -4.776  5.838   1.00 11.98 ? 42  TYR A CA  1 
ATOM   300 C C   . TYR A 1 42 ? -0.474  -5.555  4.990   1.00 13.57 ? 42  TYR A C   1 
ATOM   301 O O   . TYR A 1 42 ? -1.242  -4.980  4.225   1.00 12.90 ? 42  TYR A O   1 
ATOM   302 C CB  . TYR A 1 42 ? -0.181  -4.385  7.143   1.00 12.82 ? 42  TYR A CB  1 
ATOM   303 C CG  . TYR A 1 42 ? 0.720   -3.735  8.160   1.00 12.92 ? 42  TYR A CG  1 
ATOM   304 C CD1 . TYR A 1 42 ? 1.289   -4.478  9.193   1.00 14.46 ? 42  TYR A CD1 1 
ATOM   305 C CD2 . TYR A 1 42 ? 1.016   -2.377  8.081   1.00 14.68 ? 42  TYR A CD2 1 
ATOM   306 C CE1 . TYR A 1 42 ? 2.135   -3.878  10.126  1.00 15.25 ? 42  TYR A CE1 1 
ATOM   307 C CE2 . TYR A 1 42 ? 1.859   -1.768  9.001   1.00 15.55 ? 42  TYR A CE2 1 
ATOM   308 C CZ  . TYR A 1 42 ? 2.415   -2.523  10.019  1.00 17.13 ? 42  TYR A CZ  1 
ATOM   309 O OH  . TYR A 1 42 ? 3.261   -1.918  10.918  1.00 18.87 ? 42  TYR A OH  1 
ATOM   310 N N   . LYS A 1 43 ? -0.443  -6.874  5.135   1.00 14.25 ? 43  LYS A N   1 
ATOM   311 C CA  . LYS A 1 43 ? -1.376  -7.735  4.434   1.00 16.44 ? 43  LYS A CA  1 
ATOM   312 C C   . LYS A 1 43 ? -2.198  -8.390  5.527   1.00 18.76 ? 43  LYS A C   1 
ATOM   313 O O   . LYS A 1 43 ? -1.672  -9.157  6.333   1.00 18.63 ? 43  LYS A O   1 
ATOM   314 C CB  . LYS A 1 43 ? -0.656  -8.811  3.623   1.00 13.44 ? 43  LYS A CB  1 
ATOM   315 C CG  . LYS A 1 43 ? -1.619  -9.783  2.953   1.00 15.83 ? 43  LYS A CG  1 
ATOM   316 C CD  . LYS A 1 43 ? -0.890  -10.925 2.281   1.00 15.16 ? 43  LYS A CD  1 
ATOM   317 C CE  . LYS A 1 43 ? -1.867  -11.899 1.654   1.00 18.31 ? 43  LYS A CE  1 
ATOM   318 N NZ  . LYS A 1 43 ? -1.154  -13.052 1.045   1.00 18.18 ? 43  LYS A NZ  1 
ATOM   319 N N   . ASN A 1 44 ? -3.484  -8.061  5.565   1.00 21.24 ? 44  ASN A N   1 
ATOM   320 C CA  . ASN A 1 44 ? -4.391  -8.612  6.558   1.00 24.99 ? 44  ASN A CA  1 
ATOM   321 C C   . ASN A 1 44 ? -3.811  -8.509  7.971   1.00 25.59 ? 44  ASN A C   1 
ATOM   322 O O   . ASN A 1 44 ? -3.987  -9.413  8.789   1.00 26.97 ? 44  ASN A O   1 
ATOM   323 C CB  . ASN A 1 44 ? -4.696  -10.075 6.224   1.00 27.28 ? 44  ASN A CB  1 
ATOM   324 C CG  . ASN A 1 44 ? -5.899  -10.609 6.977   1.00 31.18 ? 44  ASN A CG  1 
ATOM   325 O OD1 . ASN A 1 44 ? -6.211  -11.797 6.906   1.00 33.93 ? 44  ASN A OD1 1 
ATOM   326 N ND2 . ASN A 1 44 ? -6.584  -9.732  7.701   1.00 32.69 ? 44  ASN A ND2 1 
ATOM   327 N N   . GLY A 1 45 ? -3.107  -7.415  8.252   1.00 25.26 ? 45  GLY A N   1 
ATOM   328 C CA  . GLY A 1 45 ? -2.542  -7.225  9.580   1.00 25.17 ? 45  GLY A CA  1 
ATOM   329 C C   . GLY A 1 45 ? -1.097  -7.635  9.828   1.00 24.63 ? 45  GLY A C   1 
ATOM   330 O O   . GLY A 1 45 ? -0.568  -7.384  10.911  1.00 26.32 ? 45  GLY A O   1 
ATOM   331 N N   . GLN A 1 46 ? -0.453  -8.261  8.846   1.00 23.44 ? 46  GLN A N   1 
ATOM   332 C CA  . GLN A 1 46 ? 0.938   -8.692  8.995   1.00 21.60 ? 46  GLN A CA  1 
ATOM   333 C C   . GLN A 1 46 ? 1.833   -7.840  8.093   1.00 19.65 ? 46  GLN A C   1 
ATOM   334 O O   . GLN A 1 46 ? 1.541   -7.677  6.912   1.00 18.78 ? 46  GLN A O   1 
ATOM   335 C CB  . GLN A 1 46 ? 1.073   -10.167 8.608   1.00 25.42 ? 46  GLN A CB  1 
ATOM   336 C CG  . GLN A 1 46 ? 0.137   -11.101 9.367   1.00 30.45 ? 46  GLN A CG  1 
ATOM   337 C CD  . GLN A 1 46 ? 0.443   -11.160 10.851  1.00 33.54 ? 46  GLN A CD  1 
ATOM   338 O OE1 . GLN A 1 46 ? 1.536   -11.558 11.255  1.00 36.49 ? 46  GLN A OE1 1 
ATOM   339 N NE2 . GLN A 1 46 ? -0.524  -10.765 11.671  1.00 35.52 ? 46  GLN A NE2 1 
ATOM   340 N N   . GLU A 1 47 ? 2.927   -7.308  8.637   1.00 17.85 ? 47  GLU A N   1 
ATOM   341 C CA  . GLU A 1 47 ? 3.805   -6.456  7.838   1.00 17.27 ? 47  GLU A CA  1 
ATOM   342 C C   . GLU A 1 47 ? 4.449   -7.146  6.642   1.00 17.03 ? 47  GLU A C   1 
ATOM   343 O O   . GLU A 1 47 ? 4.980   -8.253  6.745   1.00 18.13 ? 47  GLU A O   1 
ATOM   344 C CB  . GLU A 1 47 ? 4.906   -5.819  8.699   1.00 18.13 ? 47  GLU A CB  1 
ATOM   345 C CG  . GLU A 1 47 ? 5.958   -5.088  7.862   1.00 21.91 ? 47  GLU A CG  1 
ATOM   346 C CD  . GLU A 1 47 ? 6.877   -4.192  8.674   1.00 22.80 ? 47  GLU A CD  1 
ATOM   347 O OE1 . GLU A 1 47 ? 7.097   -4.475  9.870   1.00 24.40 ? 47  GLU A OE1 1 
ATOM   348 O OE2 . GLU A 1 47 ? 7.395   -3.210  8.101   1.00 22.23 ? 47  GLU A OE2 1 
ATOM   349 N N   . ILE A 1 48 ? 4.392   -6.453  5.511   1.00 14.19 ? 48  ILE A N   1 
ATOM   350 C CA  . ILE A 1 48 ? 4.951   -6.903  4.242   1.00 15.61 ? 48  ILE A CA  1 
ATOM   351 C C   . ILE A 1 48 ? 6.375   -6.356  4.128   1.00 13.14 ? 48  ILE A C   1 
ATOM   352 O O   . ILE A 1 48 ? 6.628   -5.204  4.476   1.00 12.96 ? 48  ILE A O   1 
ATOM   353 C CB  . ILE A 1 48 ? 4.119   -6.340  3.065   1.00 17.19 ? 48  ILE A CB  1 
ATOM   354 C CG1 . ILE A 1 48 ? 2.699   -6.905  3.109   1.00 21.58 ? 48  ILE A CG1 1 
ATOM   355 C CG2 . ILE A 1 48 ? 4.803   -6.640  1.750   1.00 19.37 ? 48  ILE A CG2 1 
ATOM   356 C CD1 . ILE A 1 48 ? 1.770   -6.302  2.074   1.00 22.82 ? 48  ILE A CD1 1 
ATOM   357 N N   . ARG A 1 49 ? 7.298   -7.176  3.632   1.00 11.48 ? 49  ARG A N   1 
ATOM   358 C CA  . ARG A 1 49 ? 8.688   -6.760  3.485   1.00 11.49 ? 49  ARG A CA  1 
ATOM   359 C C   . ARG A 1 49 ? 9.187   -6.937  2.053   1.00 10.43 ? 49  ARG A C   1 
ATOM   360 O O   . ARG A 1 49 ? 8.641   -7.735  1.294   1.00 10.42 ? 49  ARG A O   1 
ATOM   361 C CB  . ARG A 1 49 ? 9.578   -7.568  4.432   1.00 13.37 ? 49  ARG A CB  1 
ATOM   362 C CG  . ARG A 1 49 ? 9.253   -7.385  5.909   1.00 15.60 ? 49  ARG A CG  1 
ATOM   363 C CD  . ARG A 1 49 ? 9.378   -5.932  6.310   1.00 19.91 ? 49  ARG A CD  1 
ATOM   364 N NE  . ARG A 1 49 ? 10.710  -5.415  6.019   1.00 21.39 ? 49  ARG A NE  1 
ATOM   365 C CZ  . ARG A 1 49 ? 11.021  -4.124  5.977   1.00 22.88 ? 49  ARG A CZ  1 
ATOM   366 N NH1 . ARG A 1 49 ? 10.092  -3.206  6.209   1.00 24.96 ? 49  ARG A NH1 1 
ATOM   367 N NH2 . ARG A 1 49 ? 12.260  -3.750  5.697   1.00 23.80 ? 49  ARG A NH2 1 
ATOM   368 N N   . PRO A 1 50 ? 10.236  -6.194  1.668   1.00 10.82 ? 50  PRO A N   1 
ATOM   369 C CA  . PRO A 1 50 ? 10.765  -6.320  0.306   1.00 10.17 ? 50  PRO A CA  1 
ATOM   370 C C   . PRO A 1 50 ? 11.132  -7.770  -0.013  1.00 10.53 ? 50  PRO A C   1 
ATOM   371 O O   . PRO A 1 50 ? 11.791  -8.445  0.784   1.00 10.60 ? 50  PRO A O   1 
ATOM   372 C CB  . PRO A 1 50 ? 11.987  -5.405  0.326   1.00 12.52 ? 50  PRO A CB  1 
ATOM   373 C CG  . PRO A 1 50 ? 11.586  -4.342  1.309   1.00 11.65 ? 50  PRO A CG  1 
ATOM   374 C CD  . PRO A 1 50 ? 10.951  -5.146  2.415   1.00 12.11 ? 50  PRO A CD  1 
ATOM   375 N N   . SER A 1 51 ? 10.709  -8.230  -1.186  1.00 9.56  ? 51  SER A N   1 
ATOM   376 C CA  . SER A 1 51 ? 10.961  -9.596  -1.634  1.00 9.75  ? 51  SER A CA  1 
ATOM   377 C C   . SER A 1 51 ? 10.792  -9.617  -3.150  1.00 10.33 ? 51  SER A C   1 
ATOM   378 O O   . SER A 1 51 ? 10.897  -8.573  -3.793  1.00 10.74 ? 51  SER A O   1 
ATOM   379 C CB  . SER A 1 51 ? 9.954   -10.546 -0.980  1.00 10.43 ? 51  SER A CB  1 
ATOM   380 O OG  . SER A 1 51 ? 8.624   -10.173 -1.314  1.00 10.59 ? 51  SER A OG  1 
ATOM   381 N N   . THR A 1 52 ? 10.553  -10.790 -3.733  1.00 11.10 ? 52  THR A N   1 
ATOM   382 C CA  . THR A 1 52 ? 10.350  -10.832 -5.175  1.00 11.82 ? 52  THR A CA  1 
ATOM   383 C C   . THR A 1 52 ? 8.871   -10.590 -5.450  1.00 12.38 ? 52  THR A C   1 
ATOM   384 O O   . THR A 1 52 ? 8.503   -10.075 -6.509  1.00 13.37 ? 52  THR A O   1 
ATOM   385 C CB  . THR A 1 52 ? 10.827  -12.171 -5.805  1.00 12.51 ? 52  THR A CB  1 
ATOM   386 O OG1 . THR A 1 52 ? 10.154  -13.276 -5.193  1.00 13.13 ? 52  THR A OG1 1 
ATOM   387 C CG2 . THR A 1 52 ? 12.334  -12.325 -5.621  1.00 13.00 ? 52  THR A CG2 1 
ATOM   388 N N   . LYS A 1 53 ? 8.024   -10.939 -4.486  1.00 11.69 ? 53  LYS A N   1 
ATOM   389 C CA  . LYS A 1 53 ? 6.588   -10.715 -4.613  1.00 12.55 ? 53  LYS A CA  1 
ATOM   390 C C   . LYS A 1 53 ? 6.281   -9.242  -4.365  1.00 12.07 ? 53  LYS A C   1 
ATOM   391 O O   . LYS A 1 53 ? 5.413   -8.661  -5.015  1.00 11.36 ? 53  LYS A O   1 
ATOM   392 C CB  . LYS A 1 53 ? 5.809   -11.542 -3.579  1.00 13.37 ? 53  LYS A CB  1 
ATOM   393 C CG  . LYS A 1 53 ? 5.641   -13.019 -3.909  1.00 16.81 ? 53  LYS A CG  1 
ATOM   394 C CD  . LYS A 1 53 ? 4.579   -13.257 -4.976  1.00 14.91 ? 53  LYS A CD  1 
ATOM   395 C CE  . LYS A 1 53 ? 3.181   -12.869 -4.505  1.00 14.16 ? 53  LYS A CE  1 
ATOM   396 N NZ  . LYS A 1 53 ? 2.171   -13.196 -5.553  1.00 14.93 ? 53  LYS A NZ  1 
ATOM   397 N N   . TYR A 1 54 ? 7.005   -8.643  -3.426  1.00 9.88  ? 54  TYR A N   1 
ATOM   398 C CA  . TYR A 1 54 ? 6.766   -7.257  -3.045  1.00 9.76  ? 54  TYR A CA  1 
ATOM   399 C C   . TYR A 1 54 ? 7.921   -6.312  -3.337  1.00 10.25 ? 54  TYR A C   1 
ATOM   400 O O   . TYR A 1 54 ? 9.001   -6.456  -2.775  1.00 10.52 ? 54  TYR A O   1 
ATOM   401 C CB  . TYR A 1 54 ? 6.448   -7.192  -1.551  1.00 10.41 ? 54  TYR A CB  1 
ATOM   402 C CG  . TYR A 1 54 ? 5.386   -8.170  -1.100  1.00 9.47  ? 54  TYR A CG  1 
ATOM   403 C CD1 . TYR A 1 54 ? 4.113   -8.153  -1.666  1.00 9.31  ? 54  TYR A CD1 1 
ATOM   404 C CD2 . TYR A 1 54 ? 5.642   -9.092  -0.083  1.00 10.38 ? 54  TYR A CD2 1 
ATOM   405 C CE1 . TYR A 1 54 ? 3.120   -9.026  -1.236  1.00 10.61 ? 54  TYR A CE1 1 
ATOM   406 C CE2 . TYR A 1 54 ? 4.649   -9.973  0.361   1.00 11.84 ? 54  TYR A CE2 1 
ATOM   407 C CZ  . TYR A 1 54 ? 3.392   -9.933  -0.220  1.00 10.95 ? 54  TYR A CZ  1 
ATOM   408 O OH  . TYR A 1 54 ? 2.406   -10.798 0.207   1.00 12.83 ? 54  TYR A OH  1 
ATOM   409 N N   . ILE A 1 55 ? 7.681   -5.341  -4.210  1.00 10.15 ? 55  ILE A N   1 
ATOM   410 C CA  . ILE A 1 55 ? 8.694   -4.352  -4.557  1.00 10.75 ? 55  ILE A CA  1 
ATOM   411 C C   . ILE A 1 55 ? 8.196   -2.986  -4.101  1.00 10.93 ? 55  ILE A C   1 
ATOM   412 O O   . ILE A 1 55 ? 7.078   -2.575  -4.424  1.00 11.36 ? 55  ILE A O   1 
ATOM   413 C CB  . ILE A 1 55 ? 8.970   -4.336  -6.072  1.00 9.77  ? 55  ILE A CB  1 
ATOM   414 C CG1 . ILE A 1 55 ? 9.570   -5.683  -6.492  1.00 10.93 ? 55  ILE A CG1 1 
ATOM   415 C CG2 . ILE A 1 55 ? 9.924   -3.195  -6.425  1.00 11.31 ? 55  ILE A CG2 1 
ATOM   416 C CD1 . ILE A 1 55 ? 9.875   -5.796  -7.973  1.00 11.51 ? 55  ILE A CD1 1 
ATOM   417 N N   . PHE A 1 56 ? 9.030   -2.292  -3.340  1.00 11.62 ? 56  PHE A N   1 
ATOM   418 C CA  . PHE A 1 56 ? 8.678   -0.982  -2.812  1.00 10.92 ? 56  PHE A CA  1 
ATOM   419 C C   . PHE A 1 56 ? 9.461   0.126   -3.493  1.00 13.19 ? 56  PHE A C   1 
ATOM   420 O O   . PHE A 1 56 ? 10.641  -0.036  -3.797  1.00 13.12 ? 56  PHE A O   1 
ATOM   421 C CB  . PHE A 1 56 ? 8.965   -0.938  -1.310  1.00 13.36 ? 56  PHE A CB  1 
ATOM   422 C CG  . PHE A 1 56 ? 8.178   -1.936  -0.514  1.00 15.17 ? 56  PHE A CG  1 
ATOM   423 C CD1 . PHE A 1 56 ? 6.989   -1.570  0.107   1.00 17.85 ? 56  PHE A CD1 1 
ATOM   424 C CD2 . PHE A 1 56 ? 8.625   -3.245  -0.386  1.00 15.63 ? 56  PHE A CD2 1 
ATOM   425 C CE1 . PHE A 1 56 ? 6.258   -2.499  0.845   1.00 18.63 ? 56  PHE A CE1 1 
ATOM   426 C CE2 . PHE A 1 56 ? 7.902   -4.179  0.349   1.00 16.73 ? 56  PHE A CE2 1 
ATOM   427 C CZ  . PHE A 1 56 ? 6.717   -3.804  0.966   1.00 18.46 ? 56  PHE A CZ  1 
ATOM   428 N N   . GLU A 1 57 ? 8.796   1.250   -3.742  1.00 12.20 ? 57  GLU A N   1 
ATOM   429 C CA  . GLU A 1 57 ? 9.458   2.393   -4.356  1.00 13.81 ? 57  GLU A CA  1 
ATOM   430 C C   . GLU A 1 57 ? 9.092   3.668   -3.617  1.00 14.61 ? 57  GLU A C   1 
ATOM   431 O O   . GLU A 1 57 ? 7.976   3.818   -3.116  1.00 13.95 ? 57  GLU A O   1 
ATOM   432 C CB  . GLU A 1 57 ? 9.083   2.533   -5.836  1.00 13.99 ? 57  GLU A CB  1 
ATOM   433 C CG  . GLU A 1 57 ? 9.604   1.408   -6.717  1.00 17.26 ? 57  GLU A CG  1 
ATOM   434 C CD  . GLU A 1 57 ? 9.463   1.709   -8.198  1.00 18.78 ? 57  GLU A CD  1 
ATOM   435 O OE1 . GLU A 1 57 ? 8.731   2.660   -8.549  1.00 22.12 ? 57  GLU A OE1 1 
ATOM   436 O OE2 . GLU A 1 57 ? 10.077  0.992   -9.016  1.00 20.38 ? 57  GLU A OE2 1 
ATOM   437 N N   . HIS A 1 58 ? 10.055  4.580   -3.552  1.00 17.20 ? 58  HIS A N   1 
ATOM   438 C CA  . HIS A 1 58 ? 9.886   5.865   -2.892  1.00 21.81 ? 58  HIS A CA  1 
ATOM   439 C C   . HIS A 1 58 ? 10.309  6.943   -3.884  1.00 24.08 ? 58  HIS A C   1 
ATOM   440 O O   . HIS A 1 58 ? 11.486  7.059   -4.221  1.00 26.23 ? 58  HIS A O   1 
ATOM   441 C CB  . HIS A 1 58 ? 10.762  5.919   -1.633  1.00 24.16 ? 58  HIS A CB  1 
ATOM   442 C CG  . HIS A 1 58 ? 10.837  7.271   -0.989  1.00 29.62 ? 58  HIS A CG  1 
ATOM   443 N ND1 . HIS A 1 58 ? 11.583  7.508   0.145   1.00 30.82 ? 58  HIS A ND1 1 
ATOM   444 C CD2 . HIS A 1 58 ? 10.276  8.458   -1.325  1.00 30.48 ? 58  HIS A CD2 1 
ATOM   445 C CE1 . HIS A 1 58 ? 11.480  8.783   0.480   1.00 32.16 ? 58  HIS A CE1 1 
ATOM   446 N NE2 . HIS A 1 58 ? 10.693  9.380   -0.396  1.00 32.12 ? 58  HIS A NE2 1 
ATOM   447 N N   . LYS A 1 59 ? 9.337   7.714   -4.361  1.00 25.71 ? 59  LYS A N   1 
ATOM   448 C CA  . LYS A 1 59 ? 9.598   8.790   -5.309  1.00 27.41 ? 59  LYS A CA  1 
ATOM   449 C C   . LYS A 1 59 ? 9.095   10.096  -4.714  1.00 27.42 ? 59  LYS A C   1 
ATOM   450 O O   . LYS A 1 59 ? 7.925   10.445  -4.867  1.00 27.87 ? 59  LYS A O   1 
ATOM   451 C CB  . LYS A 1 59 ? 8.883   8.526   -6.636  1.00 29.15 ? 59  LYS A CB  1 
ATOM   452 C CG  . LYS A 1 59 ? 9.361   7.289   -7.373  1.00 31.95 ? 59  LYS A CG  1 
ATOM   453 C CD  . LYS A 1 59 ? 8.670   7.162   -8.721  1.00 34.71 ? 59  LYS A CD  1 
ATOM   454 C CE  . LYS A 1 59 ? 9.207   5.978   -9.507  1.00 35.42 ? 59  LYS A CE  1 
ATOM   455 N NZ  . LYS A 1 59 ? 8.603   5.895   -10.866 1.00 36.70 ? 59  LYS A NZ  1 
ATOM   456 N N   . GLY A 1 60 ? 9.982   10.812  -4.030  1.00 27.29 ? 60  GLY A N   1 
ATOM   457 C CA  . GLY A 1 60 ? 9.591   12.063  -3.412  1.00 27.63 ? 60  GLY A CA  1 
ATOM   458 C C   . GLY A 1 60 ? 8.543   11.814  -2.346  1.00 26.16 ? 60  GLY A C   1 
ATOM   459 O O   . GLY A 1 60 ? 8.837   11.229  -1.302  1.00 27.09 ? 60  GLY A O   1 
ATOM   460 N N   . CYS A 1 61 ? 7.315   12.251  -2.610  1.00 25.14 ? 61  CYS A N   1 
ATOM   461 C CA  . CYS A 1 61 ? 6.223   12.069  -1.663  1.00 23.88 ? 61  CYS A CA  1 
ATOM   462 C C   . CYS A 1 61 ? 5.451   10.779  -1.907  1.00 21.53 ? 61  CYS A C   1 
ATOM   463 O O   . CYS A 1 61 ? 4.676   10.347  -1.056  1.00 19.16 ? 61  CYS A O   1 
ATOM   464 C CB  . CYS A 1 61 ? 5.261   13.256  -1.727  1.00 25.21 ? 61  CYS A CB  1 
ATOM   465 S SG  . CYS A 1 61 ? 5.949   14.793  -1.080  1.00 31.43 ? 61  CYS A SG  1 
ATOM   466 N N   . GLN A 1 62 ? 5.664   10.162  -3.064  1.00 19.91 ? 62  GLN A N   1 
ATOM   467 C CA  . GLN A 1 62 ? 4.967   8.927   -3.387  1.00 18.70 ? 62  GLN A CA  1 
ATOM   468 C C   . GLN A 1 62 ? 5.600   7.693   -2.764  1.00 16.92 ? 62  GLN A C   1 
ATOM   469 O O   . GLN A 1 62 ? 6.820   7.551   -2.734  1.00 16.60 ? 62  GLN A O   1 
ATOM   470 C CB  . GLN A 1 62 ? 4.893   8.727   -4.904  1.00 22.37 ? 62  GLN A CB  1 
ATOM   471 C CG  . GLN A 1 62 ? 3.824   9.549   -5.597  1.00 26.25 ? 62  GLN A CG  1 
ATOM   472 C CD  . GLN A 1 62 ? 3.632   9.144   -7.047  1.00 27.76 ? 62  GLN A CD  1 
ATOM   473 O OE1 . GLN A 1 62 ? 2.672   9.557   -7.695  1.00 31.23 ? 62  GLN A OE1 1 
ATOM   474 N NE2 . GLN A 1 62 ? 4.551   8.336   -7.564  1.00 31.53 ? 62  GLN A NE2 1 
ATOM   475 N N   . ARG A 1 63 ? 4.747   6.815   -2.248  1.00 13.83 ? 63  ARG A N   1 
ATOM   476 C CA  . ARG A 1 63 ? 5.176   5.548   -1.662  1.00 11.79 ? 63  ARG A CA  1 
ATOM   477 C C   . ARG A 1 63 ? 4.410   4.502   -2.462  1.00 12.20 ? 63  ARG A C   1 
ATOM   478 O O   . ARG A 1 63 ? 3.176   4.501   -2.490  1.00 12.56 ? 63  ARG A O   1 
ATOM   479 C CB  . ARG A 1 63 ? 4.812   5.481   -0.178  1.00 12.77 ? 63  ARG A CB  1 
ATOM   480 C CG  . ARG A 1 63 ? 5.619   6.441   0.690   1.00 14.28 ? 63  ARG A CG  1 
ATOM   481 C CD  . ARG A 1 63 ? 7.109   6.096   0.660   1.00 16.87 ? 63  ARG A CD  1 
ATOM   482 N NE  . ARG A 1 63 ? 7.903   7.012   1.472   1.00 21.43 ? 63  ARG A NE  1 
ATOM   483 C CZ  . ARG A 1 63 ? 8.143   8.280   1.153   1.00 24.12 ? 63  ARG A CZ  1 
ATOM   484 N NH1 . ARG A 1 63 ? 8.874   9.040   1.957   1.00 25.81 ? 63  ARG A NH1 1 
ATOM   485 N NH2 . ARG A 1 63 ? 7.660   8.787   0.028   1.00 27.42 ? 63  ARG A NH2 1 
ATOM   486 N N   . ILE A 1 64 ? 5.150   3.618   -3.118  1.00 10.74 ? 64  ILE A N   1 
ATOM   487 C CA  . ILE A 1 64 ? 4.555   2.614   -3.977  1.00 10.80 ? 64  ILE A CA  1 
ATOM   488 C C   . ILE A 1 64 ? 4.850   1.186   -3.563  1.00 11.81 ? 64  ILE A C   1 
ATOM   489 O O   . ILE A 1 64 ? 5.934   0.886   -3.070  1.00 10.97 ? 64  ILE A O   1 
ATOM   490 C CB  . ILE A 1 64 ? 5.071   2.786   -5.430  1.00 12.74 ? 64  ILE A CB  1 
ATOM   491 C CG1 . ILE A 1 64 ? 4.790   4.212   -5.912  1.00 14.32 ? 64  ILE A CG1 1 
ATOM   492 C CG2 . ILE A 1 64 ? 4.435   1.752   -6.352  1.00 13.44 ? 64  ILE A CG2 1 
ATOM   493 C CD1 . ILE A 1 64 ? 5.431   4.541   -7.244  1.00 20.69 ? 64  ILE A CD1 1 
ATOM   494 N N   . LEU A 1 65 ? 3.868   0.316   -3.770  1.00 10.70 ? 65  LEU A N   1 
ATOM   495 C CA  . LEU A 1 65 ? 4.027   -1.108  -3.500  1.00 12.14 ? 65  LEU A CA  1 
ATOM   496 C C   . LEU A 1 65 ? 3.509   -1.865  -4.712  1.00 10.97 ? 65  LEU A C   1 
ATOM   497 O O   . LEU A 1 65 ? 2.379   -1.653  -5.160  1.00 12.14 ? 65  LEU A O   1 
ATOM   498 C CB  . LEU A 1 65 ? 3.242   -1.557  -2.263  1.00 13.13 ? 65  LEU A CB  1 
ATOM   499 C CG  . LEU A 1 65 ? 3.159   -3.089  -2.128  1.00 12.54 ? 65  LEU A CG  1 
ATOM   500 C CD1 . LEU A 1 65 ? 4.543   -3.666  -1.866  1.00 13.74 ? 65  LEU A CD1 1 
ATOM   501 C CD2 . LEU A 1 65 ? 2.216   -3.471  -1.000  1.00 14.95 ? 65  LEU A CD2 1 
ATOM   502 N N   . PHE A 1 66 ? 4.354   -2.734  -5.252  1.00 10.24 ? 66  PHE A N   1 
ATOM   503 C CA  . PHE A 1 66 ? 3.999   -3.571  -6.384  1.00 9.33  ? 66  PHE A CA  1 
ATOM   504 C C   . PHE A 1 66 ? 3.872   -4.988  -5.849  1.00 10.68 ? 66  PHE A C   1 
ATOM   505 O O   . PHE A 1 66 ? 4.719   -5.431  -5.075  1.00 11.33 ? 66  PHE A O   1 
ATOM   506 C CB  . PHE A 1 66 ? 5.120   -3.595  -7.429  1.00 9.55  ? 66  PHE A CB  1 
ATOM   507 C CG  . PHE A 1 66 ? 5.274   -2.325  -8.203  1.00 11.92 ? 66  PHE A CG  1 
ATOM   508 C CD1 . PHE A 1 66 ? 4.444   -2.047  -9.283  1.00 14.34 ? 66  PHE A CD1 1 
ATOM   509 C CD2 . PHE A 1 66 ? 6.270   -1.417  -7.870  1.00 13.63 ? 66  PHE A CD2 1 
ATOM   510 C CE1 . PHE A 1 66 ? 4.612   -0.878  -10.025 1.00 16.34 ? 66  PHE A CE1 1 
ATOM   511 C CE2 . PHE A 1 66 ? 6.444   -0.245  -8.606  1.00 15.69 ? 66  PHE A CE2 1 
ATOM   512 C CZ  . PHE A 1 66 ? 5.613   0.020   -9.684  1.00 15.38 ? 66  PHE A CZ  1 
ATOM   513 N N   . ILE A 1 67 ? 2.812   -5.686  -6.234  1.00 9.96  ? 67  ILE A N   1 
ATOM   514 C CA  . ILE A 1 67 ? 2.662   -7.082  -5.842  1.00 9.61  ? 67  ILE A CA  1 
ATOM   515 C C   . ILE A 1 67 ? 2.714   -7.826  -7.170  1.00 11.30 ? 67  ILE A C   1 
ATOM   516 O O   . ILE A 1 67 ? 1.873   -7.609  -8.047  1.00 11.85 ? 67  ILE A O   1 
ATOM   517 C CB  . ILE A 1 67 ? 1.327   -7.378  -5.134  1.00 10.02 ? 67  ILE A CB  1 
ATOM   518 C CG1 . ILE A 1 67 ? 1.228   -6.554  -3.843  1.00 10.33 ? 67  ILE A CG1 1 
ATOM   519 C CG2 . ILE A 1 67 ? 1.244   -8.871  -4.811  1.00 11.65 ? 67  ILE A CG2 1 
ATOM   520 C CD1 . ILE A 1 67 ? -0.064  -6.765  -3.060  1.00 11.12 ? 67  ILE A CD1 1 
ATOM   521 N N   . ASN A 1 68 ? 3.724   -8.678  -7.318  1.00 11.77 ? 68  ASN A N   1 
ATOM   522 C CA  . ASN A 1 68 ? 3.942   -9.442  -8.546  1.00 11.77 ? 68  ASN A CA  1 
ATOM   523 C C   . ASN A 1 68 ? 3.314   -10.830 -8.539  1.00 12.02 ? 68  ASN A C   1 
ATOM   524 O O   . ASN A 1 68 ? 3.088   -11.415 -7.484  1.00 12.73 ? 68  ASN A O   1 
ATOM   525 C CB  . ASN A 1 68 ? 5.445   -9.597  -8.803  1.00 12.02 ? 68  ASN A CB  1 
ATOM   526 C CG  . ASN A 1 68 ? 6.165   -8.271  -8.879  1.00 14.44 ? 68  ASN A CG  1 
ATOM   527 O OD1 . ASN A 1 68 ? 7.037   -7.974  -8.058  1.00 18.19 ? 68  ASN A OD1 1 
ATOM   528 N ND2 . ASN A 1 68 ? 5.810   -7.466  -9.868  1.00 15.07 ? 68  ASN A ND2 1 
ATOM   529 N N   . ASN A 1 69 ? 3.049   -11.347 -9.738  1.00 11.88 ? 69  ASN A N   1 
ATOM   530 C CA  . ASN A 1 69 ? 2.469   -12.675 -9.918  1.00 13.02 ? 69  ASN A CA  1 
ATOM   531 C C   . ASN A 1 69 ? 1.304   -12.911 -8.969  1.00 13.55 ? 69  ASN A C   1 
ATOM   532 O O   . ASN A 1 69 ? 1.305   -13.855 -8.178  1.00 14.21 ? 69  ASN A O   1 
ATOM   533 C CB  . ASN A 1 69 ? 3.549   -13.739 -9.708  1.00 13.90 ? 69  ASN A CB  1 
ATOM   534 C CG  . ASN A 1 69 ? 3.046   -15.141 -9.974  1.00 14.99 ? 69  ASN A CG  1 
ATOM   535 O OD1 . ASN A 1 69 ? 2.151   -15.346 -10.797 1.00 16.49 ? 69  ASN A OD1 1 
ATOM   536 N ND2 . ASN A 1 69 ? 3.634   -16.118 -9.295  1.00 17.84 ? 69  ASN A ND2 1 
ATOM   537 N N   . CYS A 1 70 ? 0.296   -12.055 -9.069  1.00 14.34 ? 70  CYS A N   1 
ATOM   538 C CA  . CYS A 1 70 ? -0.860  -12.149 -8.195  1.00 14.34 ? 70  CYS A CA  1 
ATOM   539 C C   . CYS A 1 70 ? -1.685  -13.413 -8.369  1.00 16.02 ? 70  CYS A C   1 
ATOM   540 O O   . CYS A 1 70 ? -2.025  -13.813 -9.482  1.00 16.94 ? 70  CYS A O   1 
ATOM   541 C CB  . CYS A 1 70 ? -1.750  -10.915 -8.372  1.00 13.71 ? 70  CYS A CB  1 
ATOM   542 S SG  . CYS A 1 70 ? -1.000  -9.403  -7.715  1.00 13.81 ? 70  CYS A SG  1 
ATOM   543 N N   . GLN A 1 71 ? -1.992  -14.041 -7.242  1.00 15.37 ? 71  GLN A N   1 
ATOM   544 C CA  . GLN A 1 71 ? -2.789  -15.256 -7.219  1.00 15.95 ? 71  GLN A CA  1 
ATOM   545 C C   . GLN A 1 71 ? -3.873  -15.056 -6.167  1.00 16.94 ? 71  GLN A C   1 
ATOM   546 O O   . GLN A 1 71 ? -3.901  -14.025 -5.496  1.00 15.29 ? 71  GLN A O   1 
ATOM   547 C CB  . GLN A 1 71 ? -1.911  -16.459 -6.858  1.00 17.35 ? 71  GLN A CB  1 
ATOM   548 C CG  . GLN A 1 71 ? -0.767  -16.736 -7.836  1.00 19.25 ? 71  GLN A CG  1 
ATOM   549 C CD  . GLN A 1 71 ? -1.245  -16.993 -9.256  1.00 21.57 ? 71  GLN A CD  1 
ATOM   550 O OE1 . GLN A 1 71 ? -2.272  -17.637 -9.472  1.00 22.10 ? 71  GLN A OE1 1 
ATOM   551 N NE2 . GLN A 1 71 ? -0.489  -16.503 -10.234 1.00 20.40 ? 71  GLN A NE2 1 
ATOM   552 N N   . MET A 1 72 ? -4.763  -16.029 -6.015  1.00 16.31 ? 72  MET A N   1 
ATOM   553 C CA  . MET A 1 72 ? -5.837  -15.902 -5.040  1.00 16.64 ? 72  MET A CA  1 
ATOM   554 C C   . MET A 1 72 ? -5.303  -15.701 -3.625  1.00 16.82 ? 72  MET A C   1 
ATOM   555 O O   . MET A 1 72 ? -5.992  -15.154 -2.766  1.00 16.18 ? 72  MET A O   1 
ATOM   556 C CB  . MET A 1 72 ? -6.760  -17.121 -5.100  1.00 18.81 ? 72  MET A CB  1 
ATOM   557 C CG  . MET A 1 72 ? -7.446  -17.312 -6.455  1.00 19.58 ? 72  MET A CG  1 
ATOM   558 S SD  . MET A 1 72 ? -8.172  -15.805 -7.174  1.00 20.08 ? 72  MET A SD  1 
ATOM   559 C CE  . MET A 1 72 ? -9.206  -15.254 -5.840  1.00 15.00 ? 72  MET A CE  1 
ATOM   560 N N   . THR A 1 73 ? -4.070  -16.136 -3.387  1.00 16.80 ? 73  THR A N   1 
ATOM   561 C CA  . THR A 1 73 ? -3.448  -15.972 -2.079  1.00 16.63 ? 73  THR A CA  1 
ATOM   562 C C   . THR A 1 73 ? -3.236  -14.482 -1.788  1.00 15.68 ? 73  THR A C   1 
ATOM   563 O O   . THR A 1 73 ? -3.125  -14.075 -0.629  1.00 16.06 ? 73  THR A O   1 
ATOM   564 C CB  . THR A 1 73 ? -2.089  -16.702 -2.021  1.00 17.49 ? 73  THR A CB  1 
ATOM   565 O OG1 . THR A 1 73 ? -1.284  -16.306 -3.136  1.00 19.21 ? 73  THR A OG1 1 
ATOM   566 C CG2 . THR A 1 73 ? -2.295  -18.207 -2.072  1.00 17.72 ? 73  THR A CG2 1 
ATOM   567 N N   . ASP A 1 74 ? -3.194  -13.676 -2.844  1.00 14.63 ? 74  ASP A N   1 
ATOM   568 C CA  . ASP A 1 74 ? -2.995  -12.234 -2.710  1.00 13.82 ? 74  ASP A CA  1 
ATOM   569 C C   . ASP A 1 74 ? -4.314  -11.482 -2.583  1.00 13.31 ? 74  ASP A C   1 
ATOM   570 O O   . ASP A 1 74 ? -4.328  -10.289 -2.283  1.00 13.90 ? 74  ASP A O   1 
ATOM   571 C CB  . ASP A 1 74 ? -2.217  -11.692 -3.910  1.00 12.37 ? 74  ASP A CB  1 
ATOM   572 C CG  . ASP A 1 74 ? -0.850  -12.321 -4.044  1.00 15.10 ? 74  ASP A CG  1 
ATOM   573 O OD1 . ASP A 1 74 ? -0.026  -12.161 -3.118  1.00 16.41 ? 74  ASP A OD1 1 
ATOM   574 O OD2 . ASP A 1 74 ? -0.602  -12.977 -5.077  1.00 14.69 ? 74  ASP A OD2 1 
ATOM   575 N N   . ASP A 1 75 ? -5.420  -12.176 -2.830  1.00 14.51 ? 75  ASP A N   1 
ATOM   576 C CA  . ASP A 1 75 ? -6.745  -11.569 -2.718  1.00 15.00 ? 75  ASP A CA  1 
ATOM   577 C C   . ASP A 1 75 ? -6.952  -11.342 -1.223  1.00 15.54 ? 75  ASP A C   1 
ATOM   578 O O   . ASP A 1 75 ? -7.193  -12.282 -0.466  1.00 14.75 ? 75  ASP A O   1 
ATOM   579 C CB  . ASP A 1 75 ? -7.797  -12.527 -3.284  1.00 14.19 ? 75  ASP A CB  1 
ATOM   580 C CG  . ASP A 1 75 ? -9.169  -11.897 -3.384  1.00 13.64 ? 75  ASP A CG  1 
ATOM   581 O OD1 . ASP A 1 75 ? -9.788  -11.655 -2.327  1.00 18.17 ? 75  ASP A OD1 1 
ATOM   582 O OD2 . ASP A 1 75 ? -9.626  -11.643 -4.521  1.00 15.89 ? 75  ASP A OD2 1 
ATOM   583 N N   . SER A 1 76 ? -6.874  -10.084 -0.801  1.00 14.00 ? 76  SER A N   1 
ATOM   584 C CA  . SER A 1 76 ? -6.970  -9.779  0.615   1.00 13.65 ? 76  SER A CA  1 
ATOM   585 C C   . SER A 1 76 ? -7.071  -8.284  0.867   1.00 13.78 ? 76  SER A C   1 
ATOM   586 O O   . SER A 1 76 ? -7.048  -7.476  -0.063  1.00 13.79 ? 76  SER A O   1 
ATOM   587 C CB  . SER A 1 76 ? -5.710  -10.332 1.299   1.00 17.24 ? 76  SER A CB  1 
ATOM   588 O OG  . SER A 1 76 ? -5.523  -9.825  2.606   1.00 18.45 ? 76  SER A OG  1 
ATOM   589 N N   . GLU A 1 77 ? -7.200  -7.928  2.140   1.00 15.65 ? 77  GLU A N   1 
ATOM   590 C CA  . GLU A 1 77 ? -7.248  -6.533  2.542   1.00 15.41 ? 77  GLU A CA  1 
ATOM   591 C C   . GLU A 1 77 ? -5.794  -6.155  2.824   1.00 14.37 ? 77  GLU A C   1 
ATOM   592 O O   . GLU A 1 77 ? -5.000  -6.988  3.268   1.00 15.12 ? 77  GLU A O   1 
ATOM   593 C CB  . GLU A 1 77 ? -8.091  -6.370  3.811   1.00 19.16 ? 77  GLU A CB  1 
ATOM   594 C CG  . GLU A 1 77 ? -8.232  -4.935  4.298   1.00 27.03 ? 77  GLU A CG  1 
ATOM   595 C CD  . GLU A 1 77 ? -9.221  -4.808  5.440   1.00 31.66 ? 77  GLU A CD  1 
ATOM   596 O OE1 . GLU A 1 77 ? -10.404 -5.162  5.241   1.00 36.00 ? 77  GLU A OE1 1 
ATOM   597 O OE2 . GLU A 1 77 ? -8.823  -4.357  6.535   1.00 35.59 ? 77  GLU A OE2 1 
ATOM   598 N N   . TYR A 1 78 ? -5.447  -4.905  2.541   1.00 13.33 ? 78  TYR A N   1 
ATOM   599 C CA  . TYR A 1 78 ? -4.098  -4.399  2.764   1.00 12.94 ? 78  TYR A CA  1 
ATOM   600 C C   . TYR A 1 78 ? -4.202  -3.013  3.355   1.00 13.68 ? 78  TYR A C   1 
ATOM   601 O O   . TYR A 1 78 ? -5.185  -2.312  3.137   1.00 15.39 ? 78  TYR A O   1 
ATOM   602 C CB  . TYR A 1 78 ? -3.336  -4.249  1.442   1.00 11.94 ? 78  TYR A CB  1 
ATOM   603 C CG  . TYR A 1 78 ? -3.014  -5.535  0.739   1.00 10.45 ? 78  TYR A CG  1 
ATOM   604 C CD1 . TYR A 1 78 ? -1.778  -6.152  0.912   1.00 10.21 ? 78  TYR A CD1 1 
ATOM   605 C CD2 . TYR A 1 78 ? -3.954  -6.154  -0.082  1.00 11.12 ? 78  TYR A CD2 1 
ATOM   606 C CE1 . TYR A 1 78 ? -1.486  -7.358  0.290   1.00 10.55 ? 78  TYR A CE1 1 
ATOM   607 C CE2 . TYR A 1 78 ? -3.676  -7.358  -0.710  1.00 11.40 ? 78  TYR A CE2 1 
ATOM   608 C CZ  . TYR A 1 78 ? -2.443  -7.957  -0.518  1.00 11.38 ? 78  TYR A CZ  1 
ATOM   609 O OH  . TYR A 1 78 ? -2.172  -9.161  -1.120  1.00 11.84 ? 78  TYR A OH  1 
ATOM   610 N N   . TYR A 1 79 ? -3.199  -2.617  4.119   1.00 13.83 ? 79  TYR A N   1 
ATOM   611 C CA  . TYR A 1 79 ? -3.190  -1.256  4.616   1.00 15.74 ? 79  TYR A CA  1 
ATOM   612 C C   . TYR A 1 79 ? -1.768  -0.759  4.730   1.00 13.67 ? 79  TYR A C   1 
ATOM   613 O O   . TYR A 1 79 ? -0.809  -1.533  4.690   1.00 12.69 ? 79  TYR A O   1 
ATOM   614 C CB  . TYR A 1 79 ? -3.957  -1.093  5.939   1.00 19.18 ? 79  TYR A CB  1 
ATOM   615 C CG  . TYR A 1 79 ? -3.440  -1.838  7.144   1.00 21.84 ? 79  TYR A CG  1 
ATOM   616 C CD1 . TYR A 1 79 ? -3.937  -3.098  7.476   1.00 25.50 ? 79  TYR A CD1 1 
ATOM   617 C CD2 . TYR A 1 79 ? -2.516  -1.246  8.003   1.00 25.15 ? 79  TYR A CD2 1 
ATOM   618 C CE1 . TYR A 1 79 ? -3.530  -3.746  8.642   1.00 28.13 ? 79  TYR A CE1 1 
ATOM   619 C CE2 . TYR A 1 79 ? -2.103  -1.883  9.169   1.00 26.61 ? 79  TYR A CE2 1 
ATOM   620 C CZ  . TYR A 1 79 ? -2.614  -3.130  9.484   1.00 28.58 ? 79  TYR A CZ  1 
ATOM   621 O OH  . TYR A 1 79 ? -2.220  -3.751  10.646  1.00 29.70 ? 79  TYR A OH  1 
ATOM   622 N N   . VAL A 1 80 ? -1.637  0.555   4.815   1.00 12.54 ? 80  VAL A N   1 
ATOM   623 C CA  . VAL A 1 80 ? -0.341  1.185   4.916   1.00 12.90 ? 80  VAL A CA  1 
ATOM   624 C C   . VAL A 1 80 ? -0.430  2.226   6.014   1.00 13.57 ? 80  VAL A C   1 
ATOM   625 O O   . VAL A 1 80 ? -1.451  2.897   6.169   1.00 13.43 ? 80  VAL A O   1 
ATOM   626 C CB  . VAL A 1 80 ? 0.058   1.838   3.565   1.00 13.73 ? 80  VAL A CB  1 
ATOM   627 C CG1 . VAL A 1 80 ? -0.997  2.848   3.136   1.00 14.54 ? 80  VAL A CG1 1 
ATOM   628 C CG2 . VAL A 1 80 ? 1.418   2.493   3.680   1.00 16.04 ? 80  VAL A CG2 1 
ATOM   629 N N   . THR A 1 81 ? 0.634   2.328   6.801   1.00 12.65 ? 81  THR A N   1 
ATOM   630 C CA  . THR A 1 81 ? 0.670   3.284   7.893   1.00 14.55 ? 81  THR A CA  1 
ATOM   631 C C   . THR A 1 81 ? 1.696   4.373   7.627   1.00 13.59 ? 81  THR A C   1 
ATOM   632 O O   . THR A 1 81 ? 2.729   4.135   6.999   1.00 13.67 ? 81  THR A O   1 
ATOM   633 C CB  . THR A 1 81 ? 1.012   2.595   9.227   1.00 15.85 ? 81  THR A CB  1 
ATOM   634 O OG1 . THR A 1 81 ? 2.323   2.022   9.151   1.00 18.01 ? 81  THR A OG1 1 
ATOM   635 C CG2 . THR A 1 81 ? 0.003   1.499   9.533   1.00 16.04 ? 81  THR A CG2 1 
ATOM   636 N N   . ALA A 1 82 ? 1.388   5.576   8.096   1.00 14.38 ? 82  ALA A N   1 
ATOM   637 C CA  . ALA A 1 82 ? 2.270   6.727   7.948   1.00 15.78 ? 82  ALA A CA  1 
ATOM   638 C C   . ALA A 1 82 ? 1.981   7.616   9.148   1.00 16.10 ? 82  ALA A C   1 
ATOM   639 O O   . ALA A 1 82 ? 0.850   8.061   9.337   1.00 16.51 ? 82  ALA A O   1 
ATOM   640 C CB  . ALA A 1 82 ? 1.967   7.467   6.649   1.00 15.97 ? 82  ALA A CB  1 
ATOM   641 N N   . GLY A 1 83 ? 2.998   7.866   9.964   1.00 18.39 ? 83  GLY A N   1 
ATOM   642 C CA  . GLY A 1 83 ? 2.786   8.677   11.147  1.00 19.10 ? 83  GLY A CA  1 
ATOM   643 C C   . GLY A 1 83 ? 1.830   7.937   12.061  1.00 19.26 ? 83  GLY A C   1 
ATOM   644 O O   . GLY A 1 83 ? 2.021   6.752   12.332  1.00 20.57 ? 83  GLY A O   1 
ATOM   645 N N   . ASP A 1 84 ? 0.788   8.617   12.529  1.00 20.08 ? 84  ASP A N   1 
ATOM   646 C CA  . ASP A 1 84 ? -0.184  7.984   13.406  1.00 21.58 ? 84  ASP A CA  1 
ATOM   647 C C   . ASP A 1 84 ? -1.441  7.577   12.645  1.00 19.81 ? 84  ASP A C   1 
ATOM   648 O O   . ASP A 1 84 ? -2.457  7.247   13.250  1.00 19.87 ? 84  ASP A O   1 
ATOM   649 C CB  . ASP A 1 84 ? -0.562  8.929   14.553  1.00 26.74 ? 84  ASP A CB  1 
ATOM   650 C CG  . ASP A 1 84 ? 0.621   9.277   15.438  1.00 30.83 ? 84  ASP A CG  1 
ATOM   651 O OD1 . ASP A 1 84 ? 1.551   9.959   14.957  1.00 34.39 ? 84  ASP A OD1 1 
ATOM   652 O OD2 . ASP A 1 84 ? 0.622   8.860   16.615  1.00 35.35 ? 84  ASP A OD2 1 
ATOM   653 N N   . GLU A 1 85 ? -1.366  7.586   11.316  1.00 16.46 ? 85  GLU A N   1 
ATOM   654 C CA  . GLU A 1 85 ? -2.520  7.222   10.502  1.00 15.15 ? 85  GLU A CA  1 
ATOM   655 C C   . GLU A 1 85 ? -2.311  5.975   9.655   1.00 14.97 ? 85  GLU A C   1 
ATOM   656 O O   . GLU A 1 85 ? -1.198  5.468   9.515   1.00 16.07 ? 85  GLU A O   1 
ATOM   657 C CB  . GLU A 1 85 ? -2.909  8.379   9.577   1.00 13.98 ? 85  GLU A CB  1 
ATOM   658 C CG  . GLU A 1 85 ? -3.199  9.687   10.294  1.00 14.49 ? 85  GLU A CG  1 
ATOM   659 C CD  . GLU A 1 85 ? -3.681  10.758  9.345   1.00 15.11 ? 85  GLU A CD  1 
ATOM   660 O OE1 . GLU A 1 85 ? -3.172  10.810  8.207   1.00 15.13 ? 85  GLU A OE1 1 
ATOM   661 O OE2 . GLU A 1 85 ? -4.562  11.554  9.738   1.00 15.64 ? 85  GLU A OE2 1 
ATOM   662 N N   . LYS A 1 86 ? -3.407  5.494   9.086   1.00 15.94 ? 86  LYS A N   1 
ATOM   663 C CA  . LYS A 1 86 ? -3.375  4.321   8.231   1.00 16.38 ? 86  LYS A CA  1 
ATOM   664 C C   . LYS A 1 86 ? -4.577  4.352   7.301   1.00 15.31 ? 86  LYS A C   1 
ATOM   665 O O   . LYS A 1 86 ? -5.615  4.916   7.631   1.00 16.66 ? 86  LYS A O   1 
ATOM   666 C CB  . LYS A 1 86 ? -3.448  3.041   9.065   1.00 20.62 ? 86  LYS A CB  1 
ATOM   667 C CG  . LYS A 1 86 ? -4.775  2.870   9.790   1.00 24.05 ? 86  LYS A CG  1 
ATOM   668 C CD  . LYS A 1 86 ? -5.111  1.405   10.049  1.00 30.26 ? 86  LYS A CD  1 
ATOM   669 C CE  . LYS A 1 86 ? -4.094  0.732   10.947  1.00 30.18 ? 86  LYS A CE  1 
ATOM   670 N NZ  . LYS A 1 86 ? -4.494  -0.668  11.255  1.00 35.26 ? 86  LYS A NZ  1 
ATOM   671 N N   . CYS A 1 87 ? -4.423  3.763   6.126   1.00 14.07 ? 87  CYS A N   1 
ATOM   672 C CA  . CYS A 1 87 ? -5.536  3.673   5.196   1.00 13.89 ? 87  CYS A CA  1 
ATOM   673 C C   . CYS A 1 87 ? -5.476  2.267   4.635   1.00 14.68 ? 87  CYS A C   1 
ATOM   674 O O   . CYS A 1 87 ? -4.417  1.635   4.646   1.00 15.46 ? 87  CYS A O   1 
ATOM   675 C CB  . CYS A 1 87 ? -5.450  4.732   4.091   1.00 15.92 ? 87  CYS A CB  1 
ATOM   676 S SG  . CYS A 1 87 ? -4.008  4.670   3.038   1.00 15.64 ? 87  CYS A SG  1 
ATOM   677 N N   . SER A 1 88 ? -6.608  1.768   4.162   1.00 12.73 ? 88  SER A N   1 
ATOM   678 C CA  . SER A 1 88 ? -6.670  0.408   3.651   1.00 13.49 ? 88  SER A CA  1 
ATOM   679 C C   . SER A 1 88 ? -7.342  0.283   2.302   1.00 12.92 ? 88  SER A C   1 
ATOM   680 O O   . SER A 1 88 ? -7.960  1.218   1.800   1.00 14.34 ? 88  SER A O   1 
ATOM   681 C CB  . SER A 1 88 ? -7.417  -0.474  4.646   1.00 17.02 ? 88  SER A CB  1 
ATOM   682 O OG  . SER A 1 88 ? -8.746  -0.011  4.807   1.00 22.02 ? 88  SER A OG  1 
ATOM   683 N N   . THR A 1 89 ? -7.218  -0.904  1.729   1.00 11.71 ? 89  THR A N   1 
ATOM   684 C CA  . THR A 1 89 ? -7.822  -1.199  0.447   1.00 11.64 ? 89  THR A CA  1 
ATOM   685 C C   . THR A 1 89 ? -8.048  -2.695  0.339   1.00 12.28 ? 89  THR A C   1 
ATOM   686 O O   . THR A 1 89 ? -7.557  -3.471  1.156   1.00 13.47 ? 89  THR A O   1 
ATOM   687 C CB  . THR A 1 89 ? -6.922  -0.758  -0.721  1.00 11.54 ? 89  THR A CB  1 
ATOM   688 O OG1 . THR A 1 89 ? -7.665  -0.836  -1.943  1.00 12.42 ? 89  THR A OG1 1 
ATOM   689 C CG2 . THR A 1 89 ? -5.689  -1.661  -0.826  1.00 12.99 ? 89  THR A CG2 1 
ATOM   690 N N   . GLU A 1 90 ? -8.814  -3.089  -0.667  1.00 11.12 ? 90  GLU A N   1 
ATOM   691 C CA  . GLU A 1 90 ? -9.089  -4.493  -0.918  1.00 12.01 ? 90  GLU A CA  1 
ATOM   692 C C   . GLU A 1 90 ? -8.553  -4.825  -2.300  1.00 11.32 ? 90  GLU A C   1 
ATOM   693 O O   . GLU A 1 90 ? -8.722  -4.045  -3.237  1.00 13.05 ? 90  GLU A O   1 
ATOM   694 C CB  . GLU A 1 90 ? -10.598 -4.758  -0.872  1.00 13.54 ? 90  GLU A CB  1 
ATOM   695 C CG  . GLU A 1 90 ? -11.183 -4.772  0.533   1.00 17.88 ? 90  GLU A CG  1 
ATOM   696 C CD  . GLU A 1 90 ? -12.695 -4.851  0.537   1.00 19.67 ? 90  GLU A CD  1 
ATOM   697 O OE1 . GLU A 1 90 ? -13.265 -5.450  -0.400  1.00 20.71 ? 90  GLU A OE1 1 
ATOM   698 O OE2 . GLU A 1 90 ? -13.315 -4.321  1.485   1.00 21.98 ? 90  GLU A OE2 1 
ATOM   699 N N   . LEU A 1 91 ? -7.884  -5.967  -2.419  1.00 12.03 ? 91  LEU A N   1 
ATOM   700 C CA  . LEU A 1 91 ? -7.358  -6.404  -3.706  1.00 11.29 ? 91  LEU A CA  1 
ATOM   701 C C   . LEU A 1 91 ? -8.172  -7.599  -4.173  1.00 11.18 ? 91  LEU A C   1 
ATOM   702 O O   . LEU A 1 91 ? -8.261  -8.607  -3.471  1.00 12.23 ? 91  LEU A O   1 
ATOM   703 C CB  . LEU A 1 91 ? -5.887  -6.822  -3.597  1.00 12.13 ? 91  LEU A CB  1 
ATOM   704 C CG  . LEU A 1 91 ? -5.307  -7.385  -4.900  1.00 11.92 ? 91  LEU A CG  1 
ATOM   705 C CD1 . LEU A 1 91 ? -5.316  -6.308  -5.980  1.00 13.32 ? 91  LEU A CD1 1 
ATOM   706 C CD2 . LEU A 1 91 ? -3.889  -7.885  -4.657  1.00 12.79 ? 91  LEU A CD2 1 
ATOM   707 N N   . PHE A 1 92 ? -8.769  -7.479  -5.356  1.00 11.98 ? 92  PHE A N   1 
ATOM   708 C CA  . PHE A 1 92 ? -9.558  -8.565  -5.925  1.00 12.56 ? 92  PHE A CA  1 
ATOM   709 C C   . PHE A 1 92 ? -8.769  -9.204  -7.060  1.00 13.34 ? 92  PHE A C   1 
ATOM   710 O O   . PHE A 1 92 ? -8.434  -8.542  -8.037  1.00 15.23 ? 92  PHE A O   1 
ATOM   711 C CB  . PHE A 1 92 ? -10.891 -8.050  -6.477  1.00 12.87 ? 92  PHE A CB  1 
ATOM   712 C CG  . PHE A 1 92 ? -11.771 -7.391  -5.451  1.00 12.81 ? 92  PHE A CG  1 
ATOM   713 C CD1 . PHE A 1 92 ? -11.718 -7.769  -4.112  1.00 13.24 ? 92  PHE A CD1 1 
ATOM   714 C CD2 . PHE A 1 92 ? -12.684 -6.415  -5.834  1.00 13.41 ? 92  PHE A CD2 1 
ATOM   715 C CE1 . PHE A 1 92 ? -12.566 -7.184  -3.167  1.00 13.88 ? 92  PHE A CE1 1 
ATOM   716 C CE2 . PHE A 1 92 ? -13.538 -5.823  -4.900  1.00 14.47 ? 92  PHE A CE2 1 
ATOM   717 C CZ  . PHE A 1 92 ? -13.480 -6.208  -3.562  1.00 12.65 ? 92  PHE A CZ  1 
ATOM   718 N N   . VAL A 1 93 ? -8.478  -10.492 -6.924  1.00 13.70 ? 93  VAL A N   1 
ATOM   719 C CA  . VAL A 1 93 ? -7.737  -11.213 -7.948  1.00 15.30 ? 93  VAL A CA  1 
ATOM   720 C C   . VAL A 1 93 ? -8.729  -11.998 -8.796  1.00 18.17 ? 93  VAL A C   1 
ATOM   721 O O   . VAL A 1 93 ? -9.534  -12.766 -8.268  1.00 19.83 ? 93  VAL A O   1 
ATOM   722 C CB  . VAL A 1 93 ? -6.719  -12.190 -7.319  1.00 15.73 ? 93  VAL A CB  1 
ATOM   723 C CG1 . VAL A 1 93 ? -5.926  -12.893 -8.413  1.00 16.28 ? 93  VAL A CG1 1 
ATOM   724 C CG2 . VAL A 1 93 ? -5.779  -11.433 -6.392  1.00 16.76 ? 93  VAL A CG2 1 
ATOM   725 N N   . ARG A 1 94 ? -8.679  -11.787 -10.106 1.00 21.05 ? 94  ARG A N   1 
ATOM   726 C CA  . ARG A 1 94 ? -9.577  -12.482 -11.021 1.00 25.66 ? 94  ARG A CA  1 
ATOM   727 C C   . ARG A 1 94 ? -8.961  -13.796 -11.485 1.00 27.41 ? 94  ARG A C   1 
ATOM   728 O O   . ARG A 1 94 ? -8.326  -13.801 -12.562 1.00 31.08 ? 94  ARG A O   1 
ATOM   729 C CB  . ARG A 1 94 ? -9.892  -11.611 -12.235 1.00 26.70 ? 94  ARG A CB  1 
ATOM   730 C CG  . ARG A 1 94 ? -10.887 -12.257 -13.184 1.00 29.71 ? 94  ARG A CG  1 
ATOM   731 C CD  . ARG A 1 94 ? -11.201 -11.368 -14.365 1.00 32.57 ? 94  ARG A CD  1 
ATOM   732 N NE  . ARG A 1 94 ? -12.243 -11.936 -15.219 1.00 33.76 ? 94  ARG A NE  1 
ATOM   733 C CZ  . ARG A 1 94 ? -13.475 -12.227 -14.810 1.00 35.20 ? 94  ARG A CZ  1 
ATOM   734 N NH1 . ARG A 1 94 ? -13.834 -12.010 -13.551 1.00 34.04 ? 94  ARG A NH1 1 
ATOM   735 N NH2 . ARG A 1 94 ? -14.352 -12.739 -15.664 1.00 35.52 ? 94  ARG A NH2 1 
HETATM 736 O O   . HOH B 2 .  ? 12.232  -5.997  -3.490  1.00 11.53 ? 101 HOH A O   1 
HETATM 737 O O   . HOH B 2 .  ? 11.672  -3.359  -2.792  1.00 9.94  ? 102 HOH A O   1 
HETATM 738 O O   . HOH B 2 .  ? 12.475  -0.456  -5.718  1.00 14.68 ? 103 HOH A O   1 
HETATM 739 O O   . HOH B 2 .  ? -8.572  1.425   -7.865  1.00 11.40 ? 104 HOH A O   1 
HETATM 740 O O   . HOH B 2 .  ? 0.023   -10.768 -0.963  1.00 15.20 ? 105 HOH A O   1 
HETATM 741 O O   . HOH B 2 .  ? 11.969  -0.838  -8.395  1.00 15.63 ? 106 HOH A O   1 
HETATM 742 O O   . HOH B 2 .  ? 6.456   -2.613  5.249   1.00 17.21 ? 107 HOH A O   1 
HETATM 743 O O   . HOH B 2 .  ? -7.326  7.194   -3.643  1.00 15.06 ? 108 HOH A O   1 
HETATM 744 O O   . HOH B 2 .  ? 13.673  -7.608  2.625   1.00 16.55 ? 109 HOH A O   1 
HETATM 745 O O   . HOH B 2 .  ? -4.230  14.679  -3.156  1.00 14.33 ? 110 HOH A O   1 
HETATM 746 O O   . HOH B 2 .  ? 6.358   2.080   -0.351  1.00 14.87 ? 111 HOH A O   1 
HETATM 747 O O   . HOH B 2 .  ? -7.723  4.017   1.654   1.00 18.12 ? 112 HOH A O   1 
HETATM 748 O O   . HOH B 2 .  ? -10.156 -9.015  -1.221  1.00 19.23 ? 113 HOH A O   1 
HETATM 749 O O   . HOH B 2 .  ? 3.242   -10.294 -12.420 1.00 20.24 ? 114 HOH A O   1 
HETATM 750 O O   . HOH B 2 .  ? -9.531  10.570  -4.978  1.00 23.46 ? 115 HOH A O   1 
HETATM 751 O O   . HOH B 2 .  ? -3.031  3.680   -6.137  1.00 17.05 ? 116 HOH A O   1 
HETATM 752 O O   . HOH B 2 .  ? -8.875  3.461   5.051   1.00 19.25 ? 117 HOH A O   1 
HETATM 753 O O   . HOH B 2 .  ? -4.407  12.118  12.430  1.00 22.70 ? 118 HOH A O   1 
HETATM 754 O O   . HOH B 2 .  ? -12.999 -4.634  4.261   1.00 19.73 ? 119 HOH A O   1 
HETATM 755 O O   . HOH B 2 .  ? 2.413   15.640  -0.940  1.00 24.28 ? 120 HOH A O   1 
HETATM 756 O O   . HOH B 2 .  ? 4.596   3.698   9.631   1.00 22.29 ? 121 HOH A O   1 
HETATM 757 O O   . HOH B 2 .  ? -9.763  6.493   -6.575  1.00 21.89 ? 122 HOH A O   1 
HETATM 758 O O   . HOH B 2 .  ? 12.539  3.767   -4.615  1.00 24.44 ? 123 HOH A O   1 
HETATM 759 O O   . HOH B 2 .  ? -8.359  -9.830  4.195   1.00 29.17 ? 124 HOH A O   1 
HETATM 760 O O   . HOH B 2 .  ? 3.267   12.882  5.609   1.00 21.31 ? 125 HOH A O   1 
HETATM 761 O O   . HOH B 2 .  ? -4.009  -7.394  -14.351 1.00 27.81 ? 126 HOH A O   1 
HETATM 762 O O   . HOH B 2 .  ? -9.258  -8.425  -14.951 1.00 21.99 ? 127 HOH A O   1 
HETATM 763 O O   . HOH B 2 .  ? 0.909   11.389  11.924  1.00 25.53 ? 128 HOH A O   1 
HETATM 764 O O   . HOH B 2 .  ? -10.165 -1.711  2.915   1.00 22.86 ? 129 HOH A O   1 
HETATM 765 O O   . HOH B 2 .  ? 1.163   -3.032  -12.150 1.00 29.14 ? 130 HOH A O   1 
HETATM 766 O O   . HOH B 2 .  ? -6.370  -6.547  -15.522 1.00 24.87 ? 131 HOH A O   1 
HETATM 767 O O   . HOH B 2 .  ? 0.573   -14.512 -2.141  1.00 21.27 ? 132 HOH A O   1 
HETATM 768 O O   . HOH B 2 .  ? -2.243  -1.771  -10.813 1.00 24.78 ? 133 HOH A O   1 
HETATM 769 O O   . HOH B 2 .  ? 12.673  0.559   -2.100  1.00 33.13 ? 134 HOH A O   1 
HETATM 770 O O   . HOH B 2 .  ? 3.019   0.648   11.470  1.00 24.97 ? 135 HOH A O   1 
HETATM 771 O O   . HOH B 2 .  ? -0.650  -17.599 -13.132 1.00 29.82 ? 136 HOH A O   1 
HETATM 772 O O   . HOH B 2 .  ? 2.245   -16.097 -6.266  1.00 26.46 ? 137 HOH A O   1 
HETATM 773 O O   . HOH B 2 .  ? -12.073 -0.138  0.955   1.00 28.42 ? 138 HOH A O   1 
HETATM 774 O O   . HOH B 2 .  ? -10.126 4.583   -0.387  1.00 31.52 ? 139 HOH A O   1 
HETATM 775 O O   . HOH B 2 .  ? 0.302   -17.910 -4.698  1.00 24.84 ? 140 HOH A O   1 
HETATM 776 O O   . HOH B 2 .  ? -10.697 1.899   2.053   1.00 21.40 ? 141 HOH A O   1 
HETATM 777 O O   . HOH B 2 .  ? 1.780   -13.495 0.184   1.00 25.07 ? 142 HOH A O   1 
HETATM 778 O O   . HOH B 2 .  ? -14.046 -1.624  2.215   1.00 27.04 ? 143 HOH A O   1 
HETATM 779 O O   . HOH B 2 .  ? -11.102 -2.540  5.332   1.00 36.18 ? 144 HOH A O   1 
HETATM 780 O O   . HOH B 2 .  ? -11.167 -0.019  6.590   1.00 26.88 ? 145 HOH A O   1 
HETATM 781 O O   . HOH B 2 .  ? -4.576  -18.120 -8.130  1.00 25.44 ? 146 HOH A O   1 
HETATM 782 O O   . HOH B 2 .  ? 6.553   -9.317  8.713   1.00 38.57 ? 147 HOH A O   1 
HETATM 783 O O   . HOH B 2 .  ? -0.162  4.340   12.155  1.00 37.16 ? 148 HOH A O   1 
HETATM 784 O O   . HOH B 2 .  ? 3.627   -7.479  11.571  1.00 34.95 ? 149 HOH A O   1 
HETATM 785 O O   . HOH B 2 .  ? 5.641   6.788   9.814   1.00 41.38 ? 150 HOH A O   1 
HETATM 786 O O   . HOH B 2 .  ? -5.768  4.555   -9.157  1.00 32.34 ? 151 HOH A O   1 
HETATM 787 O O   . HOH B 2 .  ? -1.539  15.053  -3.600  1.00 25.09 ? 152 HOH A O   1 
HETATM 788 O O   . HOH B 2 .  ? 4.350   17.670  0.063   1.00 34.74 ? 153 HOH A O   1 
HETATM 789 O O   . HOH B 2 .  ? 12.781  10.123  -3.448  1.00 44.88 ? 154 HOH A O   1 
HETATM 790 O O   . HOH B 2 .  ? -2.529  -5.115  -13.491 1.00 25.86 ? 155 HOH A O   1 
HETATM 791 O O   . HOH B 2 .  ? 2.647   14.908  7.723   1.00 29.15 ? 156 HOH A O   1 
HETATM 792 O O   . HOH B 2 .  ? 6.505   3.327   -10.015 1.00 33.93 ? 157 HOH A O   1 
HETATM 793 O O   . HOH B 2 .  ? -4.790  -14.415 -15.920 1.00 37.31 ? 158 HOH A O   1 
HETATM 794 O O   . HOH B 2 .  ? -4.814  -12.524 3.562   1.00 41.44 ? 159 HOH A O   1 
HETATM 795 O O   . HOH B 2 .  ? 3.921   -10.352 11.045  1.00 56.00 ? 160 HOH A O   1 
HETATM 796 O O   . HOH B 2 .  ? -4.327  -3.929  -11.952 1.00 35.92 ? 161 HOH A O   1 
HETATM 797 O O   . HOH B 2 .  ? -1.716  -12.172 -16.178 1.00 40.01 ? 162 HOH A O   1 
HETATM 798 O O   . HOH B 2 .  ? -10.309 -13.156 -0.103  1.00 40.18 ? 163 HOH A O   1 
HETATM 799 O O   . HOH B 2 .  ? 0.892   7.635   -9.873  1.00 60.61 ? 164 HOH A O   1 
HETATM 800 O O   . HOH B 2 .  ? -7.415  -15.166 -0.439  1.00 32.40 ? 165 HOH A O   1 
HETATM 801 O O   . HOH B 2 .  ? -3.346  7.251   -4.093  1.00 30.07 ? 166 HOH A O   1 
HETATM 802 O O   . HOH B 2 .  ? -0.213  17.191  -2.579  1.00 32.40 ? 167 HOH A O   1 
HETATM 803 O O   . HOH B 2 .  ? -9.973  -16.168 -13.152 1.00 48.88 ? 168 HOH A O   1 
HETATM 804 O O   . HOH B 2 .  ? -9.765  7.689   -2.420  1.00 17.69 ? 169 HOH A O   1 
HETATM 805 O O   . HOH B 2 .  ? 12.729  -1.763  -0.675  1.00 17.26 ? 170 HOH A O   1 
HETATM 806 O O   . HOH B 2 .  ? 15.228  -5.400  1.897   1.00 20.75 ? 171 HOH A O   1 
HETATM 807 O O   . HOH B 2 .  ? 11.195  2.369   -0.813  1.00 39.36 ? 172 HOH A O   1 
HETATM 808 O O   . HOH B 2 .  ? -9.444  -12.103 2.442   1.00 40.96 ? 173 HOH A O   1 
HETATM 809 O O   . HOH B 2 .  ? -1.628  7.938   -7.616  1.00 42.77 ? 174 HOH A O   1 
HETATM 810 O O   . HOH B 2 .  ? -12.223 -10.567 -8.776  1.00 34.60 ? 175 HOH A O   1 
HETATM 811 O O   . HOH B 2 .  ? 14.236  1.453   -6.256  1.00 38.86 ? 176 HOH A O   1 
HETATM 812 O O   . HOH B 2 .  ? 2.184   -16.770 -13.250 1.00 32.61 ? 177 HOH A O   1 
HETATM 813 O O   . HOH B 2 .  ? 7.779   -0.393  3.895   1.00 41.40 ? 178 HOH A O   1 
HETATM 814 O O   . HOH B 2 .  ? -0.899  -11.693 6.052   1.00 36.70 ? 179 HOH A O   1 
HETATM 815 O O   . HOH B 2 .  ? -3.184  -19.290 -11.368 1.00 36.65 ? 180 HOH A O   1 
HETATM 816 O O   . HOH B 2 .  ? -2.788  0.621   -9.849  1.00 34.78 ? 181 HOH A O   1 
HETATM 817 O O   . HOH B 2 .  ? -1.457  16.090  -6.324  1.00 30.71 ? 182 HOH A O   1 
HETATM 818 O O   . HOH B 2 .  ? 3.073   12.782  10.921  1.00 52.97 ? 183 HOH A O   1 
HETATM 819 O O   . HOH B 2 .  ? -12.259 -8.310  0.674   1.00 45.20 ? 184 HOH A O   1 
HETATM 820 O O   . HOH B 2 .  ? 12.934  -1.546  4.001   1.00 45.63 ? 185 HOH A O   1 
HETATM 821 O O   . HOH B 2 .  ? -1.217  -19.910 -5.667  1.00 40.77 ? 186 HOH A O   1 
HETATM 822 O O   . HOH B 2 .  ? -2.713  -13.510 5.138   1.00 51.29 ? 187 HOH A O   1 
HETATM 823 O O   . HOH B 2 .  ? 10.057  3.428   -10.931 1.00 40.31 ? 188 HOH A O   1 
HETATM 824 O O   . HOH B 2 .  ? 1.329   -6.637  12.836  1.00 59.58 ? 189 HOH A O   1 
HETATM 825 O O   . HOH B 2 .  ? -10.223 -7.488  -17.348 1.00 31.97 ? 190 HOH A O   1 
HETATM 826 O O   . HOH B 2 .  ? -6.231  -18.106 -1.061  1.00 33.63 ? 191 HOH A O   1 
HETATM 827 O O   . HOH B 2 .  ? -0.199  -20.281 -12.551 1.00 47.45 ? 192 HOH A O   1 
HETATM 828 O O   . HOH B 2 .  ? -5.920  -20.479 -9.123  1.00 43.94 ? 193 HOH A O   1 
HETATM 829 O O   . HOH B 2 .  ? 9.030   2.636   0.744   1.00 25.18 ? 194 HOH A O   1 
HETATM 830 O O   . HOH B 2 .  ? 8.995   4.599   3.171   1.00 29.90 ? 195 HOH A O   1 
HETATM 831 O O   . HOH B 2 .  ? 11.698  -0.504  1.395   1.00 32.09 ? 196 HOH A O   1 
HETATM 832 O O   . HOH B 2 .  ? -3.694  -19.183 -5.100  1.00 32.10 ? 197 HOH A O   1 
HETATM 833 O O   . HOH B 2 .  ? -2.112  2.658   -8.439  1.00 36.11 ? 198 HOH A O   1 
HETATM 834 O O   . HOH B 2 .  ? -5.214  -19.936 -2.993  1.00 34.03 ? 199 HOH A O   1 
HETATM 835 O O   . HOH B 2 .  ? -5.291  -14.199 1.022   1.00 55.61 ? 200 HOH A O   1 
HETATM 836 O O   . HOH B 2 .  ? 1.594   -14.861 -15.919 1.00 42.99 ? 201 HOH A O   1 
HETATM 837 O O   . HOH B 2 .  ? 4.056   5.181   11.755  1.00 38.31 ? 202 HOH A O   1 
HETATM 838 O O   . HOH B 2 .  ? 1.232   -12.379 -17.033 1.00 46.99 ? 203 HOH A O   1 
HETATM 839 O O   . HOH B 2 .  ? -9.802  -19.453 -8.286  1.00 50.42 ? 204 HOH A O   1 
HETATM 840 O O   . HOH B 2 .  ? 2.667   8.319   -11.677 1.00 48.44 ? 205 HOH A O   1 
HETATM 841 O O   . HOH B 2 .  ? 4.937   -3.530  12.328  1.00 37.84 ? 206 HOH A O   1 
HETATM 842 O O   . HOH B 2 .  ? 8.282   -7.589  9.816   1.00 48.89 ? 207 HOH A O   1 
HETATM 843 O O   . HOH B 2 .  ? -6.530  10.534  -1.692  1.00 14.77 ? 208 HOH A O   1 
HETATM 844 O O   . HOH B 2 .  ? -10.685 4.733   2.307   0.50 30.44 ? 209 HOH A O   1 
HETATM 845 O O   . HOH B 2 .  ? -11.418 6.714   -0.321  0.50 29.09 ? 210 HOH A O   1 
HETATM 846 O O   . HOH B 2 .  ? 10.274  16.992  5.195   1.00 48.66 ? 211 HOH A O   1 
HETATM 847 O O   . HOH B 2 .  ? -5.718  9.948   -6.779  1.00 39.63 ? 212 HOH A O   1 
HETATM 848 O O   . HOH B 2 .  ? -9.191  0.143   8.392   0.50 39.01 ? 213 HOH A O   1 
HETATM 849 O O   . HOH B 2 .  ? -7.088  9.785   -4.375  1.00 18.46 ? 214 HOH A O   1 
HETATM 850 O O   . HOH B 2 .  ? -12.633 -7.297  -9.496  1.00 29.23 ? 215 HOH A O   1 
HETATM 851 O O   . HOH B 2 .  ? -0.819  -0.922  12.610  1.00 41.32 ? 216 HOH A O   1 
HETATM 852 O O   . HOH B 2 .  ? -9.949  9.098   -7.050  1.00 42.11 ? 217 HOH A O   1 
HETATM 853 O O   . HOH B 2 .  ? 0.046   -6.984  -14.798 1.00 26.73 ? 218 HOH A O   1 
HETATM 854 O O   . HOH B 2 .  ? -0.977  -7.973  -16.748 1.00 42.50 ? 219 HOH A O   1 
HETATM 855 O O   . HOH B 2 .  ? 0.877   -0.267  -13.943 1.00 38.18 ? 220 HOH A O   1 
HETATM 856 O O   . HOH B 2 .  ? 9.642   2.328   9.609   1.00 40.12 ? 221 HOH A O   1 
HETATM 857 O O   . HOH B 2 .  ? 4.517   -18.728 -10.963 1.00 35.54 ? 222 HOH A O   1 
HETATM 858 O O   . HOH B 2 .  ? -7.339  -2.099  8.148   1.00 36.88 ? 223 HOH A O   1 
HETATM 859 O O   . HOH B 2 .  ? 10.513  -0.618  3.756   1.00 34.33 ? 224 HOH A O   1 
HETATM 860 O O   . HOH B 2 .  ? -13.789 -11.850 -10.390 1.00 40.86 ? 225 HOH A O   1 
HETATM 861 O O   . HOH B 2 .  ? -15.272 -13.405 -8.181  1.00 40.99 ? 226 HOH A O   1 
# 
